data_6ACV
#
_entry.id   6ACV
#
_entity_poly.entity_id   1
_entity_poly.type   'polypeptide(L)'
_entity_poly.pdbx_seq_one_letter_code
;MHHHHHHSSGRENLYFQGHMASGSEEEVVSVELPAPSSWKKLFYPNKVGSVKKTEVVFVAPTGEEISNRKQLEQYLKSHP
GNPAIAEFDWTTSGT
;
_entity_poly.pdbx_strand_id   A
#
# COMPACT_ATOMS: atom_id res chain seq x y z
N MET A 1 -30.17 -11.02 45.63
CA MET A 1 -29.53 -12.25 45.12
C MET A 1 -29.09 -12.03 43.66
N HIS A 2 -27.76 -11.91 43.44
CA HIS A 2 -27.16 -11.73 42.09
C HIS A 2 -26.01 -12.75 41.91
N HIS A 3 -25.04 -12.71 42.84
CA HIS A 3 -23.81 -13.53 42.82
C HIS A 3 -22.96 -13.23 41.56
N HIS A 4 -22.14 -12.18 41.66
CA HIS A 4 -21.24 -11.76 40.57
C HIS A 4 -19.80 -12.14 40.94
N HIS A 5 -19.19 -12.99 40.10
CA HIS A 5 -17.85 -13.55 40.34
C HIS A 5 -16.83 -12.95 39.37
N HIS A 6 -15.60 -12.72 39.86
CA HIS A 6 -14.46 -12.22 39.07
C HIS A 6 -13.21 -13.11 39.29
N HIS A 7 -12.15 -12.83 38.53
CA HIS A 7 -10.81 -13.41 38.73
C HIS A 7 -9.77 -12.49 38.05
N SER A 8 -8.77 -12.07 38.83
CA SER A 8 -7.67 -11.20 38.37
C SER A 8 -6.47 -11.38 39.29
N SER A 9 -5.35 -11.86 38.72
CA SER A 9 -4.09 -12.06 39.46
C SER A 9 -3.23 -10.78 39.47
N GLY A 10 -3.74 -9.72 38.80
CA GLY A 10 -3.09 -8.41 38.74
C GLY A 10 -2.48 -8.13 37.39
N ARG A 11 -1.21 -8.54 37.22
CA ARG A 11 -0.42 -8.26 36.01
C ARG A 11 -0.63 -9.36 34.95
N GLU A 12 -0.35 -9.00 33.69
CA GLU A 12 -0.42 -9.92 32.55
C GLU A 12 0.89 -9.78 31.74
N ASN A 13 1.96 -10.39 32.27
CA ASN A 13 3.29 -10.37 31.65
C ASN A 13 3.50 -11.63 30.78
N LEU A 14 3.47 -11.44 29.46
CA LEU A 14 3.63 -12.52 28.46
C LEU A 14 4.12 -11.90 27.14
N TYR A 15 4.87 -12.68 26.34
CA TYR A 15 5.53 -12.19 25.12
C TYR A 15 5.27 -13.14 23.94
N PHE A 16 4.45 -12.67 22.99
CA PHE A 16 4.23 -13.33 21.68
C PHE A 16 5.15 -12.68 20.63
N GLN A 17 6.38 -12.34 21.06
CA GLN A 17 7.31 -11.51 20.28
C GLN A 17 8.35 -12.38 19.55
N GLY A 18 8.01 -13.67 19.34
CA GLY A 18 8.89 -14.63 18.66
C GLY A 18 8.87 -14.52 17.14
N HIS A 19 8.41 -13.38 16.62
CA HIS A 19 8.41 -13.07 15.18
C HIS A 19 9.46 -11.98 14.90
N MET A 20 10.45 -12.31 14.06
CA MET A 20 11.48 -11.34 13.60
C MET A 20 10.91 -10.38 12.55
N ALA A 21 9.75 -10.75 11.96
CA ALA A 21 9.05 -10.02 10.88
C ALA A 21 9.87 -9.99 9.58
N SER A 22 9.29 -9.35 8.55
CA SER A 22 9.92 -9.16 7.22
C SER A 22 10.20 -10.54 6.54
N GLY A 23 11.22 -10.60 5.66
CA GLY A 23 11.58 -11.83 4.94
C GLY A 23 11.04 -11.86 3.53
N SER A 24 10.48 -10.73 3.09
CA SER A 24 10.00 -10.53 1.70
C SER A 24 11.11 -9.89 0.86
N GLU A 25 10.95 -9.91 -0.49
CA GLU A 25 11.89 -9.24 -1.41
C GLU A 25 11.75 -7.72 -1.27
N GLU A 26 12.79 -7.10 -0.69
CA GLU A 26 12.86 -5.64 -0.50
C GLU A 26 13.32 -4.97 -1.82
N GLU A 27 13.09 -3.65 -1.93
CA GLU A 27 13.44 -2.83 -3.11
C GLU A 27 12.58 -3.24 -4.33
N VAL A 28 11.29 -3.46 -4.05
CA VAL A 28 10.24 -3.71 -5.07
C VAL A 28 9.48 -2.40 -5.34
N VAL A 29 9.42 -2.01 -6.63
CA VAL A 29 8.88 -0.70 -7.07
C VAL A 29 7.33 -0.64 -6.92
N SER A 30 6.83 0.48 -6.38
CA SER A 30 5.39 0.71 -6.19
C SER A 30 5.06 2.20 -6.45
N VAL A 31 4.06 2.44 -7.29
CA VAL A 31 3.52 3.78 -7.60
C VAL A 31 2.14 3.92 -6.94
N GLU A 32 1.96 4.97 -6.12
CA GLU A 32 0.67 5.27 -5.48
C GLU A 32 -0.26 5.97 -6.48
N LEU A 33 -1.31 5.26 -6.90
CA LEU A 33 -2.34 5.77 -7.85
C LEU A 33 -3.43 6.53 -7.06
N PRO A 34 -4.28 7.40 -7.74
CA PRO A 34 -5.35 8.18 -7.04
C PRO A 34 -6.43 7.28 -6.37
N ALA A 35 -7.11 7.84 -5.35
CA ALA A 35 -8.03 7.10 -4.46
C ALA A 35 -8.97 8.05 -3.71
N PRO A 36 -10.02 7.51 -2.98
CA PRO A 36 -10.68 8.24 -1.88
C PRO A 36 -9.63 8.65 -0.81
N SER A 37 -9.74 9.88 -0.29
CA SER A 37 -8.78 10.45 0.68
C SER A 37 -8.85 9.74 2.04
N SER A 38 -9.93 8.98 2.27
CA SER A 38 -10.10 8.11 3.44
C SER A 38 -9.13 6.91 3.36
N TRP A 39 -8.96 6.37 2.15
CA TRP A 39 -8.03 5.26 1.87
C TRP A 39 -6.79 5.79 1.13
N LYS A 40 -5.99 4.85 0.62
CA LYS A 40 -4.91 5.13 -0.32
C LYS A 40 -4.87 3.96 -1.32
N LYS A 41 -4.56 4.28 -2.56
CA LYS A 41 -4.41 3.31 -3.65
C LYS A 41 -2.94 3.20 -4.00
N LEU A 42 -2.45 1.97 -3.96
CA LEU A 42 -1.11 1.61 -4.36
C LEU A 42 -1.19 0.55 -5.47
N PHE A 43 -0.30 0.67 -6.44
CA PHE A 43 -0.09 -0.33 -7.49
C PHE A 43 1.39 -0.74 -7.46
N TYR A 44 1.65 -2.04 -7.57
CA TYR A 44 3.00 -2.56 -7.79
C TYR A 44 3.20 -2.81 -9.30
N PRO A 45 3.91 -1.89 -10.04
CA PRO A 45 4.26 -2.11 -11.46
C PRO A 45 5.50 -3.02 -11.59
N ASN A 46 5.91 -3.26 -12.84
CA ASN A 46 7.15 -3.95 -13.14
C ASN A 46 7.64 -3.49 -14.53
N LYS A 47 7.13 -4.12 -15.61
CA LYS A 47 7.51 -3.77 -17.00
C LYS A 47 6.24 -3.69 -17.88
N VAL A 48 5.72 -4.88 -18.30
CA VAL A 48 4.54 -4.96 -19.18
C VAL A 48 3.51 -5.92 -18.55
N GLY A 49 3.81 -7.24 -18.59
CA GLY A 49 2.89 -8.27 -18.08
C GLY A 49 3.50 -9.66 -18.04
N SER A 50 4.31 -9.99 -19.08
CA SER A 50 5.05 -11.27 -19.18
C SER A 50 6.35 -11.22 -18.33
N VAL A 51 6.15 -10.98 -17.03
CA VAL A 51 7.23 -10.82 -16.03
C VAL A 51 6.77 -11.47 -14.70
N LYS A 52 7.57 -11.28 -13.63
CA LYS A 52 7.21 -11.71 -12.26
C LYS A 52 5.90 -11.01 -11.84
N LYS A 53 5.95 -9.65 -11.80
CA LYS A 53 4.78 -8.77 -11.55
C LYS A 53 4.15 -8.97 -10.14
N THR A 54 3.54 -7.90 -9.62
CA THR A 54 2.71 -7.95 -8.41
C THR A 54 1.39 -7.18 -8.71
N GLU A 55 0.33 -7.45 -7.94
CA GLU A 55 -1.02 -6.88 -8.19
C GLU A 55 -1.24 -5.56 -7.40
N VAL A 56 -2.51 -5.11 -7.37
CA VAL A 56 -2.96 -3.89 -6.68
C VAL A 56 -3.19 -4.16 -5.18
N VAL A 57 -2.73 -3.22 -4.34
CA VAL A 57 -2.98 -3.21 -2.89
C VAL A 57 -3.59 -1.84 -2.50
N PHE A 58 -4.76 -1.86 -1.83
CA PHE A 58 -5.37 -0.65 -1.24
C PHE A 58 -4.97 -0.53 0.24
N VAL A 59 -4.37 0.61 0.59
CA VAL A 59 -4.04 0.93 1.99
C VAL A 59 -5.28 1.46 2.72
N ALA A 60 -5.55 0.86 3.88
CA ALA A 60 -6.70 1.18 4.73
C ALA A 60 -6.37 2.34 5.68
N PRO A 61 -7.39 3.15 6.13
CA PRO A 61 -7.19 4.29 7.07
C PRO A 61 -6.67 3.84 8.47
N THR A 62 -6.88 2.55 8.80
CA THR A 62 -6.42 1.95 10.07
C THR A 62 -5.14 1.11 9.89
N GLY A 63 -4.67 0.97 8.63
CA GLY A 63 -3.47 0.18 8.30
C GLY A 63 -3.78 -1.29 7.97
N GLU A 64 -5.04 -1.71 8.19
CA GLU A 64 -5.51 -3.08 7.88
C GLU A 64 -5.75 -3.22 6.37
N GLU A 65 -4.63 -3.27 5.62
CA GLU A 65 -4.59 -3.12 4.17
C GLU A 65 -5.17 -4.35 3.44
N ILE A 66 -5.55 -4.11 2.17
CA ILE A 66 -6.25 -5.08 1.33
C ILE A 66 -5.35 -5.45 0.13
N SER A 67 -5.07 -6.76 -0.05
CA SER A 67 -4.16 -7.26 -1.12
C SER A 67 -4.93 -7.67 -2.39
N ASN A 68 -6.23 -7.97 -2.23
CA ASN A 68 -7.06 -8.52 -3.31
C ASN A 68 -8.52 -8.06 -3.15
N ARG A 69 -9.23 -8.04 -4.29
CA ARG A 69 -10.54 -7.37 -4.44
C ARG A 69 -11.66 -7.95 -3.52
N LYS A 70 -11.57 -9.26 -3.23
CA LYS A 70 -12.52 -9.95 -2.33
C LYS A 70 -12.44 -9.33 -0.91
N GLN A 71 -11.19 -9.15 -0.43
CA GLN A 71 -10.92 -8.59 0.92
C GLN A 71 -11.46 -7.17 1.06
N LEU A 72 -11.56 -6.45 -0.07
CA LEU A 72 -12.09 -5.06 -0.09
C LEU A 72 -13.59 -5.09 0.26
N GLU A 73 -14.36 -5.90 -0.49
CA GLU A 73 -15.84 -6.01 -0.35
C GLU A 73 -16.24 -6.48 1.07
N GLN A 74 -15.57 -7.54 1.55
CA GLN A 74 -15.82 -8.11 2.88
C GLN A 74 -15.35 -7.16 4.01
N TYR A 75 -14.37 -6.27 3.69
CA TYR A 75 -13.92 -5.23 4.62
C TYR A 75 -15.03 -4.20 4.84
N LEU A 76 -15.61 -3.69 3.73
CA LEU A 76 -16.61 -2.58 3.76
C LEU A 76 -17.88 -2.98 4.53
N LYS A 77 -18.35 -4.22 4.29
CA LYS A 77 -19.56 -4.75 4.96
C LYS A 77 -19.28 -5.02 6.46
N SER A 78 -17.99 -5.28 6.82
CA SER A 78 -17.57 -5.51 8.23
C SER A 78 -17.08 -4.19 8.90
N HIS A 79 -16.87 -3.13 8.09
CA HIS A 79 -16.33 -1.84 8.56
C HIS A 79 -17.14 -0.68 7.93
N PRO A 80 -18.32 -0.30 8.54
CA PRO A 80 -19.12 0.85 8.07
C PRO A 80 -18.40 2.19 8.32
N GLY A 81 -18.64 3.16 7.42
CA GLY A 81 -17.92 4.44 7.41
C GLY A 81 -16.94 4.51 6.24
N ASN A 82 -16.39 3.34 5.86
CA ASN A 82 -15.47 3.22 4.71
C ASN A 82 -16.25 3.28 3.38
N PRO A 83 -15.75 4.04 2.35
CA PRO A 83 -16.46 4.23 1.06
C PRO A 83 -16.56 2.94 0.22
N ALA A 84 -17.49 2.96 -0.75
CA ALA A 84 -17.86 1.78 -1.57
C ALA A 84 -16.79 1.45 -2.62
N ILE A 85 -16.67 0.15 -2.97
CA ILE A 85 -15.66 -0.38 -3.91
C ILE A 85 -15.90 0.13 -5.35
N ALA A 86 -17.08 0.75 -5.58
CA ALA A 86 -17.43 1.44 -6.83
C ALA A 86 -16.38 2.51 -7.21
N GLU A 87 -15.91 3.27 -6.20
CA GLU A 87 -14.90 4.33 -6.41
C GLU A 87 -13.46 3.81 -6.19
N PHE A 88 -13.31 2.50 -5.96
CA PHE A 88 -11.99 1.86 -5.79
C PHE A 88 -11.54 1.27 -7.14
N ASP A 89 -10.51 1.89 -7.73
CA ASP A 89 -9.98 1.54 -9.05
C ASP A 89 -8.98 0.38 -8.97
N TRP A 90 -9.51 -0.85 -8.99
CA TRP A 90 -8.71 -2.08 -9.15
C TRP A 90 -8.31 -2.26 -10.64
N THR A 91 -9.15 -1.70 -11.53
CA THR A 91 -9.00 -1.83 -13.01
C THR A 91 -8.05 -0.74 -13.60
N THR A 92 -7.32 -0.01 -12.72
CA THR A 92 -6.31 0.99 -13.14
C THR A 92 -5.16 0.36 -13.92
N SER A 93 -4.93 -0.94 -13.67
CA SER A 93 -3.87 -1.75 -14.30
C SER A 93 -4.31 -2.28 -15.69
N GLY A 94 -5.64 -2.53 -15.83
CA GLY A 94 -6.21 -3.06 -17.06
C GLY A 94 -6.97 -2.00 -17.84
N THR A 95 -8.25 -2.30 -18.17
CA THR A 95 -9.13 -1.39 -18.94
C THR A 95 -10.43 -1.12 -18.13
N MET A 1 10.71 43.61 31.06
CA MET A 1 10.43 42.17 30.97
C MET A 1 11.77 41.42 30.76
N HIS A 2 12.46 41.12 31.87
CA HIS A 2 13.76 40.42 31.84
C HIS A 2 13.90 39.53 33.08
N HIS A 3 14.58 38.40 32.90
CA HIS A 3 14.97 37.49 33.99
C HIS A 3 16.21 36.72 33.54
N HIS A 4 16.11 36.13 32.31
CA HIS A 4 17.21 35.45 31.61
C HIS A 4 17.61 34.11 32.30
N HIS A 5 18.16 33.20 31.48
CA HIS A 5 18.67 31.88 31.92
C HIS A 5 19.80 31.42 30.98
N HIS A 6 20.85 30.81 31.55
CA HIS A 6 21.91 30.15 30.79
C HIS A 6 21.46 28.73 30.43
N HIS A 7 20.81 28.61 29.26
CA HIS A 7 20.30 27.34 28.74
C HIS A 7 21.44 26.54 28.08
N SER A 8 21.79 25.41 28.69
CA SER A 8 22.76 24.45 28.12
C SER A 8 22.03 23.48 27.17
N SER A 9 22.77 22.54 26.57
CA SER A 9 22.23 21.56 25.63
C SER A 9 22.69 20.14 26.01
N GLY A 10 21.74 19.19 26.04
CA GLY A 10 22.02 17.80 26.41
C GLY A 10 22.79 17.04 25.32
N ARG A 11 23.71 16.16 25.74
CA ARG A 11 24.57 15.39 24.84
C ARG A 11 23.91 14.04 24.52
N GLU A 12 23.51 13.87 23.25
CA GLU A 12 22.84 12.65 22.77
C GLU A 12 23.91 11.55 22.54
N ASN A 13 24.27 10.84 23.63
CA ASN A 13 25.36 9.87 23.63
C ASN A 13 24.86 8.48 23.19
N LEU A 14 24.71 8.33 21.86
CA LEU A 14 24.41 7.06 21.19
C LEU A 14 24.53 7.25 19.66
N TYR A 15 24.80 6.14 18.95
CA TYR A 15 24.85 6.11 17.49
C TYR A 15 23.41 6.12 16.93
N PHE A 16 22.89 7.32 16.60
CA PHE A 16 21.52 7.48 16.10
C PHE A 16 21.47 7.36 14.55
N GLN A 17 22.48 6.66 13.98
CA GLN A 17 22.54 6.34 12.54
C GLN A 17 21.42 5.35 12.15
N GLY A 18 21.10 4.40 13.06
CA GLY A 18 20.14 3.33 12.79
C GLY A 18 20.71 2.23 11.90
N HIS A 19 20.17 1.01 12.05
CA HIS A 19 20.52 -0.15 11.21
C HIS A 19 19.37 -0.41 10.21
N MET A 20 19.71 -0.52 8.92
CA MET A 20 18.72 -0.81 7.85
C MET A 20 19.39 -1.67 6.77
N ALA A 21 18.84 -2.88 6.54
CA ALA A 21 19.23 -3.75 5.42
C ALA A 21 18.57 -3.24 4.13
N SER A 22 19.38 -3.01 3.10
CA SER A 22 18.90 -2.46 1.81
C SER A 22 19.80 -2.93 0.64
N GLY A 23 19.35 -2.66 -0.59
CA GLY A 23 20.07 -3.05 -1.82
C GLY A 23 19.70 -4.46 -2.25
N SER A 24 20.30 -5.47 -1.59
CA SER A 24 20.10 -6.90 -1.90
C SER A 24 18.68 -7.38 -1.48
N GLU A 25 18.11 -6.74 -0.43
CA GLU A 25 16.79 -7.10 0.11
C GLU A 25 15.67 -6.54 -0.78
N GLU A 26 15.30 -7.31 -1.83
CA GLU A 26 14.19 -7.01 -2.76
C GLU A 26 14.39 -5.66 -3.48
N GLU A 27 13.92 -4.56 -2.84
CA GLU A 27 13.99 -3.16 -3.36
C GLU A 27 13.33 -3.09 -4.76
N VAL A 28 12.00 -3.24 -4.77
CA VAL A 28 11.18 -3.34 -5.99
C VAL A 28 10.36 -2.05 -6.21
N VAL A 29 9.90 -1.83 -7.46
CA VAL A 29 9.11 -0.64 -7.83
C VAL A 29 7.62 -0.84 -7.50
N SER A 30 6.95 0.27 -7.16
CA SER A 30 5.51 0.33 -6.87
C SER A 30 5.01 1.77 -7.06
N VAL A 31 4.01 1.93 -7.95
CA VAL A 31 3.45 3.25 -8.32
C VAL A 31 2.10 3.44 -7.60
N GLU A 32 1.97 4.52 -6.83
CA GLU A 32 0.72 4.86 -6.13
C GLU A 32 -0.24 5.60 -7.08
N LEU A 33 -1.37 4.95 -7.38
CA LEU A 33 -2.43 5.47 -8.28
C LEU A 33 -3.50 6.23 -7.44
N PRO A 34 -4.47 7.01 -8.08
CA PRO A 34 -5.50 7.80 -7.33
C PRO A 34 -6.39 6.98 -6.37
N ALA A 35 -6.72 7.59 -5.21
CA ALA A 35 -7.52 6.98 -4.12
C ALA A 35 -8.43 8.03 -3.43
N PRO A 36 -9.43 7.58 -2.59
CA PRO A 36 -10.09 8.46 -1.58
C PRO A 36 -9.08 8.93 -0.51
N SER A 37 -9.46 9.98 0.22
CA SER A 37 -8.61 10.62 1.26
C SER A 37 -8.45 9.74 2.51
N SER A 38 -9.43 8.86 2.76
CA SER A 38 -9.38 7.89 3.88
C SER A 38 -8.41 6.73 3.57
N TRP A 39 -8.25 6.40 2.27
CA TRP A 39 -7.42 5.27 1.80
C TRP A 39 -6.17 5.77 1.07
N LYS A 40 -5.30 4.83 0.67
CA LYS A 40 -4.23 5.08 -0.31
C LYS A 40 -4.10 3.85 -1.21
N LYS A 41 -4.12 4.13 -2.50
CA LYS A 41 -4.12 3.15 -3.57
C LYS A 41 -2.71 3.02 -4.12
N LEU A 42 -2.24 1.79 -4.15
CA LEU A 42 -0.93 1.42 -4.65
C LEU A 42 -1.11 0.28 -5.65
N PHE A 43 -0.47 0.41 -6.80
CA PHE A 43 -0.35 -0.65 -7.81
C PHE A 43 1.10 -1.13 -7.86
N TYR A 44 1.28 -2.45 -8.03
CA TYR A 44 2.61 -3.06 -8.23
C TYR A 44 2.82 -3.39 -9.73
N PRO A 45 3.56 -2.53 -10.50
CA PRO A 45 3.98 -2.85 -11.89
C PRO A 45 5.22 -3.78 -11.89
N ASN A 46 5.24 -4.74 -12.84
CA ASN A 46 6.39 -5.65 -12.99
C ASN A 46 7.46 -5.01 -13.90
N LYS A 47 8.69 -5.53 -13.83
CA LYS A 47 9.88 -4.95 -14.49
C LYS A 47 9.75 -4.98 -16.04
N VAL A 48 9.22 -6.09 -16.57
CA VAL A 48 9.01 -6.29 -18.03
C VAL A 48 7.83 -5.42 -18.53
N GLY A 49 6.82 -5.26 -17.66
CA GLY A 49 5.55 -4.61 -18.01
C GLY A 49 4.49 -5.60 -18.48
N SER A 50 4.87 -6.47 -19.44
CA SER A 50 3.93 -7.38 -20.13
C SER A 50 3.57 -8.64 -19.31
N VAL A 51 4.48 -9.08 -18.42
CA VAL A 51 4.33 -10.40 -17.72
C VAL A 51 3.53 -10.26 -16.39
N LYS A 52 3.56 -11.33 -15.56
CA LYS A 52 2.88 -11.39 -14.25
C LYS A 52 3.33 -10.24 -13.32
N LYS A 53 2.34 -9.67 -12.61
CA LYS A 53 2.56 -8.57 -11.66
C LYS A 53 1.67 -8.80 -10.43
N THR A 54 2.06 -8.25 -9.29
CA THR A 54 1.21 -8.26 -8.10
C THR A 54 0.05 -7.28 -8.31
N GLU A 55 -1.17 -7.69 -7.88
CA GLU A 55 -2.36 -6.85 -7.99
C GLU A 55 -2.28 -5.63 -7.05
N VAL A 56 -3.39 -4.91 -6.99
CA VAL A 56 -3.47 -3.62 -6.32
C VAL A 56 -3.67 -3.80 -4.80
N VAL A 57 -2.97 -2.95 -4.03
CA VAL A 57 -3.08 -2.88 -2.57
C VAL A 57 -3.72 -1.51 -2.18
N PHE A 58 -4.92 -1.56 -1.59
CA PHE A 58 -5.60 -0.38 -1.01
C PHE A 58 -5.40 -0.40 0.52
N VAL A 59 -4.65 0.58 1.07
CA VAL A 59 -4.39 0.65 2.52
C VAL A 59 -5.61 1.29 3.21
N ALA A 60 -6.09 0.66 4.30
CA ALA A 60 -7.34 1.05 4.95
C ALA A 60 -7.11 2.06 6.10
N PRO A 61 -8.08 3.02 6.32
CA PRO A 61 -7.97 4.09 7.34
C PRO A 61 -7.83 3.57 8.79
N THR A 62 -8.52 2.45 9.09
CA THR A 62 -8.51 1.84 10.44
C THR A 62 -7.21 1.02 10.66
N GLY A 63 -6.43 0.83 9.58
CA GLY A 63 -5.16 0.10 9.63
C GLY A 63 -5.29 -1.37 9.26
N GLU A 64 -6.33 -1.71 8.50
CA GLU A 64 -6.59 -3.09 8.03
C GLU A 64 -6.40 -3.13 6.50
N GLU A 65 -5.13 -3.02 6.07
CA GLU A 65 -4.76 -2.90 4.65
C GLU A 65 -5.25 -4.10 3.81
N ILE A 66 -5.61 -3.80 2.55
CA ILE A 66 -6.27 -4.74 1.63
C ILE A 66 -5.30 -5.12 0.50
N SER A 67 -5.10 -6.42 0.27
CA SER A 67 -4.19 -6.95 -0.77
C SER A 67 -4.97 -7.43 -2.02
N ASN A 68 -6.30 -7.57 -1.87
CA ASN A 68 -7.15 -8.26 -2.86
C ASN A 68 -8.62 -7.84 -2.72
N ARG A 69 -9.35 -7.91 -3.84
CA ARG A 69 -10.74 -7.40 -4.00
C ARG A 69 -11.73 -7.99 -2.96
N LYS A 70 -11.54 -9.27 -2.63
CA LYS A 70 -12.37 -10.01 -1.64
C LYS A 70 -12.33 -9.29 -0.28
N GLN A 71 -11.12 -8.98 0.17
CA GLN A 71 -10.87 -8.38 1.49
C GLN A 71 -11.42 -6.94 1.57
N LEU A 72 -11.55 -6.28 0.40
CA LEU A 72 -12.13 -4.93 0.30
C LEU A 72 -13.63 -5.00 0.67
N GLU A 73 -14.34 -5.96 0.02
CA GLU A 73 -15.79 -6.15 0.16
C GLU A 73 -16.17 -6.56 1.60
N GLN A 74 -15.43 -7.55 2.14
CA GLN A 74 -15.65 -8.05 3.50
C GLN A 74 -15.26 -6.99 4.56
N TYR A 75 -14.32 -6.10 4.20
CA TYR A 75 -13.95 -4.94 5.05
C TYR A 75 -15.14 -4.00 5.23
N LEU A 76 -15.74 -3.58 4.09
CA LEU A 76 -16.80 -2.53 4.06
C LEU A 76 -18.07 -2.97 4.81
N LYS A 77 -18.46 -4.25 4.66
CA LYS A 77 -19.64 -4.80 5.35
C LYS A 77 -19.37 -5.00 6.87
N SER A 78 -18.08 -5.10 7.24
CA SER A 78 -17.65 -5.19 8.67
C SER A 78 -17.16 -3.83 9.22
N HIS A 79 -17.07 -2.81 8.35
CA HIS A 79 -16.64 -1.45 8.72
C HIS A 79 -17.47 -0.44 7.90
N PRO A 80 -18.73 -0.13 8.36
CA PRO A 80 -19.62 0.85 7.68
C PRO A 80 -19.08 2.29 7.79
N GLY A 81 -19.37 3.11 6.78
CA GLY A 81 -18.93 4.51 6.74
C GLY A 81 -17.75 4.74 5.81
N ASN A 82 -17.02 3.66 5.51
CA ASN A 82 -15.85 3.69 4.61
C ASN A 82 -16.29 3.64 3.13
N PRO A 83 -15.61 4.41 2.20
CA PRO A 83 -16.01 4.52 0.77
C PRO A 83 -16.12 3.16 0.05
N ALA A 84 -17.09 3.06 -0.88
CA ALA A 84 -17.50 1.81 -1.54
C ALA A 84 -16.40 1.27 -2.49
N ILE A 85 -16.49 -0.03 -2.80
CA ILE A 85 -15.55 -0.70 -3.74
C ILE A 85 -15.84 -0.27 -5.19
N ALA A 86 -17.08 0.18 -5.44
CA ALA A 86 -17.54 0.63 -6.77
C ALA A 86 -16.75 1.87 -7.26
N GLU A 87 -16.22 2.67 -6.32
CA GLU A 87 -15.40 3.87 -6.64
C GLU A 87 -13.89 3.55 -6.57
N PHE A 88 -13.54 2.32 -6.19
CA PHE A 88 -12.14 1.84 -6.12
C PHE A 88 -11.75 1.15 -7.44
N ASP A 89 -10.72 1.69 -8.12
CA ASP A 89 -10.27 1.19 -9.43
C ASP A 89 -9.18 0.11 -9.28
N TRP A 90 -9.61 -1.15 -9.37
CA TRP A 90 -8.71 -2.34 -9.43
C TRP A 90 -8.22 -2.56 -10.87
N THR A 91 -9.03 -2.09 -11.84
CA THR A 91 -8.83 -2.31 -13.29
C THR A 91 -7.81 -1.31 -13.90
N THR A 92 -7.05 -0.58 -13.05
CA THR A 92 -5.96 0.32 -13.51
C THR A 92 -4.84 -0.47 -14.24
N SER A 93 -4.73 -1.78 -13.92
CA SER A 93 -3.84 -2.72 -14.61
C SER A 93 -4.51 -3.23 -15.91
N GLY A 94 -5.82 -3.53 -15.80
CA GLY A 94 -6.60 -4.11 -16.92
C GLY A 94 -7.23 -3.05 -17.80
N THR A 95 -6.38 -2.18 -18.39
CA THR A 95 -6.81 -1.18 -19.39
C THR A 95 -5.62 -0.91 -20.35
N MET A 1 7.31 -31.81 -10.46
CA MET A 1 7.73 -30.46 -10.92
C MET A 1 7.95 -29.53 -9.71
N HIS A 2 9.16 -28.94 -9.63
CA HIS A 2 9.55 -28.04 -8.53
C HIS A 2 9.09 -26.61 -8.85
N HIS A 3 7.82 -26.31 -8.55
CA HIS A 3 7.22 -24.98 -8.79
C HIS A 3 6.38 -24.55 -7.57
N HIS A 4 5.27 -25.28 -7.32
CA HIS A 4 4.39 -25.03 -6.15
C HIS A 4 4.90 -25.80 -4.92
N HIS A 5 6.17 -25.53 -4.57
CA HIS A 5 6.89 -26.22 -3.49
C HIS A 5 8.14 -25.39 -3.13
N HIS A 6 8.63 -25.52 -1.88
CA HIS A 6 9.87 -24.83 -1.42
C HIS A 6 11.05 -25.19 -2.33
N HIS A 7 11.56 -24.17 -3.04
CA HIS A 7 12.64 -24.34 -4.04
C HIS A 7 13.92 -24.94 -3.38
N SER A 8 14.49 -25.95 -4.05
CA SER A 8 15.61 -26.76 -3.54
C SER A 8 16.91 -25.93 -3.40
N SER A 9 17.04 -24.86 -4.20
CA SER A 9 18.19 -23.93 -4.13
C SER A 9 18.13 -23.07 -2.84
N GLY A 10 16.90 -22.86 -2.33
CA GLY A 10 16.67 -22.09 -1.11
C GLY A 10 16.61 -22.98 0.15
N ARG A 11 17.29 -24.15 0.09
CA ARG A 11 17.36 -25.10 1.22
C ARG A 11 18.25 -24.53 2.34
N GLU A 12 19.34 -23.85 1.95
CA GLU A 12 20.31 -23.27 2.90
C GLU A 12 19.66 -22.06 3.61
N ASN A 13 19.06 -22.33 4.79
CA ASN A 13 18.40 -21.30 5.62
C ASN A 13 19.23 -21.10 6.90
N LEU A 14 20.17 -20.15 6.80
CA LEU A 14 21.11 -19.79 7.89
C LEU A 14 21.73 -18.43 7.57
N TYR A 15 22.20 -18.29 6.32
CA TYR A 15 22.67 -17.03 5.73
C TYR A 15 22.26 -17.02 4.25
N PHE A 16 22.95 -17.87 3.44
CA PHE A 16 22.73 -18.00 1.98
C PHE A 16 22.93 -16.63 1.27
N GLN A 17 23.82 -15.80 1.86
CA GLN A 17 24.07 -14.41 1.42
C GLN A 17 25.13 -14.37 0.31
N GLY A 18 25.37 -13.17 -0.20
CA GLY A 18 26.47 -12.91 -1.13
C GLY A 18 27.56 -12.09 -0.47
N HIS A 19 28.78 -12.11 -1.03
CA HIS A 19 29.92 -11.32 -0.49
C HIS A 19 29.67 -9.81 -0.75
N MET A 20 29.66 -9.02 0.35
CA MET A 20 29.43 -7.56 0.33
C MET A 20 28.00 -7.23 -0.20
N ALA A 21 27.04 -7.04 0.74
CA ALA A 21 25.61 -6.81 0.41
C ALA A 21 25.42 -5.49 -0.37
N SER A 22 25.15 -5.63 -1.68
CA SER A 22 24.90 -4.51 -2.60
C SER A 22 24.06 -5.00 -3.79
N GLY A 23 23.14 -4.16 -4.27
CA GLY A 23 22.25 -4.48 -5.40
C GLY A 23 20.79 -4.18 -5.12
N SER A 24 20.49 -3.78 -3.86
CA SER A 24 19.14 -3.45 -3.37
C SER A 24 18.25 -4.71 -3.30
N GLU A 25 17.97 -5.18 -2.06
CA GLU A 25 17.27 -6.45 -1.78
C GLU A 25 15.80 -6.39 -2.23
N GLU A 26 15.44 -7.28 -3.18
CA GLU A 26 14.04 -7.47 -3.67
C GLU A 26 13.42 -6.16 -4.21
N GLU A 27 14.25 -5.28 -4.82
CA GLU A 27 13.79 -3.97 -5.30
C GLU A 27 12.81 -4.15 -6.48
N VAL A 28 11.52 -4.05 -6.16
CA VAL A 28 10.41 -4.12 -7.14
C VAL A 28 9.79 -2.72 -7.31
N VAL A 29 8.95 -2.58 -8.34
CA VAL A 29 8.22 -1.33 -8.62
C VAL A 29 6.78 -1.42 -8.09
N SER A 30 6.36 -0.36 -7.39
CA SER A 30 4.99 -0.19 -6.89
C SER A 30 4.64 1.31 -6.92
N VAL A 31 3.68 1.68 -7.77
CA VAL A 31 3.25 3.07 -7.97
C VAL A 31 1.94 3.27 -7.22
N GLU A 32 1.86 4.35 -6.43
CA GLU A 32 0.64 4.70 -5.67
C GLU A 32 -0.31 5.49 -6.59
N LEU A 33 -1.43 4.86 -6.92
CA LEU A 33 -2.46 5.41 -7.84
C LEU A 33 -3.54 6.18 -7.03
N PRO A 34 -4.41 7.04 -7.69
CA PRO A 34 -5.45 7.86 -6.99
C PRO A 34 -6.46 7.00 -6.18
N ALA A 35 -6.87 7.55 -5.02
CA ALA A 35 -7.65 6.82 -4.00
C ALA A 35 -8.77 7.70 -3.41
N PRO A 36 -9.77 7.08 -2.68
CA PRO A 36 -10.66 7.83 -1.77
C PRO A 36 -9.86 8.43 -0.57
N SER A 37 -10.41 9.50 0.01
CA SER A 37 -9.75 10.33 1.04
C SER A 37 -9.31 9.52 2.28
N SER A 38 -10.14 8.56 2.69
CA SER A 38 -9.89 7.72 3.89
C SER A 38 -8.86 6.61 3.61
N TRP A 39 -8.95 6.00 2.41
CA TRP A 39 -8.06 4.90 2.01
C TRP A 39 -6.84 5.43 1.22
N LYS A 40 -6.04 4.48 0.72
CA LYS A 40 -4.92 4.72 -0.18
C LYS A 40 -4.87 3.58 -1.19
N LYS A 41 -4.48 3.89 -2.42
CA LYS A 41 -4.48 2.94 -3.55
C LYS A 41 -3.06 2.80 -4.10
N LEU A 42 -2.62 1.55 -4.16
CA LEU A 42 -1.32 1.14 -4.70
C LEU A 42 -1.56 0.10 -5.80
N PHE A 43 -0.65 0.10 -6.76
CA PHE A 43 -0.60 -0.86 -7.87
C PHE A 43 0.84 -1.31 -8.05
N TYR A 44 1.06 -2.63 -8.23
CA TYR A 44 2.36 -3.19 -8.63
C TYR A 44 2.40 -3.37 -10.17
N PRO A 45 3.09 -2.49 -10.93
CA PRO A 45 3.35 -2.70 -12.37
C PRO A 45 4.58 -3.61 -12.60
N ASN A 46 5.11 -3.57 -13.82
CA ASN A 46 6.40 -4.18 -14.18
C ASN A 46 7.38 -3.07 -14.56
N LYS A 47 8.64 -3.45 -14.77
CA LYS A 47 9.70 -2.54 -15.23
C LYS A 47 10.10 -2.96 -16.66
N VAL A 48 10.60 -4.20 -16.79
CA VAL A 48 10.88 -4.85 -18.09
C VAL A 48 10.25 -6.25 -18.08
N GLY A 49 10.76 -7.10 -17.16
CA GLY A 49 10.27 -8.47 -17.00
C GLY A 49 9.24 -8.60 -15.90
N SER A 50 8.56 -9.77 -15.87
CA SER A 50 7.52 -10.13 -14.89
C SER A 50 6.36 -9.12 -14.89
N VAL A 51 5.57 -9.13 -15.99
CA VAL A 51 4.37 -8.31 -16.11
C VAL A 51 3.25 -8.85 -15.21
N LYS A 52 2.47 -7.94 -14.60
CA LYS A 52 1.51 -8.26 -13.53
C LYS A 52 2.24 -8.93 -12.35
N LYS A 53 3.28 -8.21 -11.86
CA LYS A 53 4.23 -8.70 -10.83
C LYS A 53 3.44 -9.13 -9.56
N THR A 54 2.71 -8.18 -9.01
CA THR A 54 1.72 -8.40 -7.95
C THR A 54 0.44 -7.60 -8.32
N GLU A 55 -0.71 -8.01 -7.79
CA GLU A 55 -2.01 -7.35 -8.02
C GLU A 55 -2.12 -6.01 -7.23
N VAL A 56 -3.33 -5.44 -7.21
CA VAL A 56 -3.63 -4.14 -6.58
C VAL A 56 -3.83 -4.32 -5.06
N VAL A 57 -3.21 -3.42 -4.28
CA VAL A 57 -3.32 -3.39 -2.81
C VAL A 57 -3.91 -2.02 -2.39
N PHE A 58 -5.03 -2.06 -1.66
CA PHE A 58 -5.63 -0.87 -1.03
C PHE A 58 -5.21 -0.79 0.44
N VAL A 59 -4.56 0.30 0.83
CA VAL A 59 -4.25 0.59 2.24
C VAL A 59 -5.51 1.16 2.91
N ALA A 60 -5.84 0.56 4.06
CA ALA A 60 -7.06 0.89 4.82
C ALA A 60 -6.82 2.10 5.74
N PRO A 61 -7.92 2.81 6.18
CA PRO A 61 -7.82 3.95 7.13
C PRO A 61 -7.27 3.54 8.52
N THR A 62 -7.47 2.26 8.90
CA THR A 62 -6.98 1.69 10.17
C THR A 62 -5.65 0.93 9.96
N GLY A 63 -5.18 0.84 8.69
CA GLY A 63 -3.92 0.15 8.35
C GLY A 63 -4.10 -1.32 7.96
N GLU A 64 -5.31 -1.87 8.22
CA GLU A 64 -5.66 -3.27 7.88
C GLU A 64 -5.89 -3.40 6.36
N GLU A 65 -4.76 -3.46 5.63
CA GLU A 65 -4.73 -3.37 4.16
C GLU A 65 -5.37 -4.58 3.49
N ILE A 66 -5.79 -4.38 2.23
CA ILE A 66 -6.57 -5.32 1.43
C ILE A 66 -5.79 -5.67 0.16
N SER A 67 -5.67 -6.97 -0.14
CA SER A 67 -4.96 -7.48 -1.34
C SER A 67 -5.95 -7.99 -2.42
N ASN A 68 -7.21 -8.25 -2.03
CA ASN A 68 -8.21 -8.88 -2.93
C ASN A 68 -9.61 -8.30 -2.69
N ARG A 69 -10.48 -8.41 -3.71
CA ARG A 69 -11.81 -7.77 -3.75
C ARG A 69 -12.74 -8.29 -2.63
N LYS A 70 -12.55 -9.57 -2.25
CA LYS A 70 -13.36 -10.24 -1.20
C LYS A 70 -13.20 -9.48 0.12
N GLN A 71 -11.92 -9.31 0.53
CA GLN A 71 -11.55 -8.64 1.80
C GLN A 71 -11.97 -7.17 1.80
N LEU A 72 -12.09 -6.57 0.61
CA LEU A 72 -12.56 -5.19 0.43
C LEU A 72 -14.05 -5.08 0.86
N GLU A 73 -14.89 -5.92 0.21
CA GLU A 73 -16.36 -5.95 0.42
C GLU A 73 -16.73 -6.24 1.89
N GLN A 74 -16.10 -7.30 2.44
CA GLN A 74 -16.36 -7.76 3.82
C GLN A 74 -15.82 -6.76 4.86
N TYR A 75 -14.80 -5.96 4.46
CA TYR A 75 -14.27 -4.85 5.30
C TYR A 75 -15.33 -3.74 5.39
N LEU A 76 -15.90 -3.32 4.23
CA LEU A 76 -16.83 -2.17 4.14
C LEU A 76 -18.07 -2.38 5.01
N LYS A 77 -18.62 -3.61 5.00
CA LYS A 77 -19.83 -3.95 5.80
C LYS A 77 -19.51 -4.05 7.31
N SER A 78 -18.29 -4.54 7.64
CA SER A 78 -17.87 -4.74 9.05
C SER A 78 -17.33 -3.43 9.67
N HIS A 79 -16.98 -2.48 8.80
CA HIS A 79 -16.39 -1.17 9.20
C HIS A 79 -17.27 -0.03 8.67
N PRO A 80 -18.12 0.62 9.54
CA PRO A 80 -19.04 1.71 9.11
C PRO A 80 -18.31 2.99 8.66
N GLY A 81 -18.97 3.78 7.79
CA GLY A 81 -18.47 5.09 7.35
C GLY A 81 -17.48 5.01 6.19
N ASN A 82 -17.04 3.80 5.83
CA ASN A 82 -16.05 3.57 4.75
C ASN A 82 -16.70 3.76 3.35
N PRO A 83 -15.92 4.24 2.33
CA PRO A 83 -16.43 4.50 0.97
C PRO A 83 -16.81 3.20 0.19
N ALA A 84 -17.58 3.38 -0.89
CA ALA A 84 -18.13 2.28 -1.71
C ALA A 84 -17.03 1.60 -2.53
N ILE A 85 -17.18 0.30 -2.83
CA ILE A 85 -16.19 -0.45 -3.62
C ILE A 85 -16.24 -0.04 -5.11
N ALA A 86 -17.37 0.55 -5.53
CA ALA A 86 -17.60 0.99 -6.92
C ALA A 86 -16.62 2.11 -7.35
N GLU A 87 -16.19 2.95 -6.38
CA GLU A 87 -15.23 4.05 -6.62
C GLU A 87 -13.76 3.57 -6.47
N PHE A 88 -13.58 2.31 -6.01
CA PHE A 88 -12.26 1.66 -5.89
C PHE A 88 -11.82 1.07 -7.24
N ASP A 89 -10.72 1.60 -7.78
CA ASP A 89 -10.10 1.11 -9.02
C ASP A 89 -9.32 -0.20 -8.74
N TRP A 90 -9.58 -1.24 -9.53
CA TRP A 90 -8.74 -2.44 -9.59
C TRP A 90 -8.16 -2.64 -11.02
N THR A 91 -8.54 -1.73 -11.95
CA THR A 91 -8.34 -1.92 -13.42
C THR A 91 -7.29 -0.94 -14.05
N THR A 92 -6.50 -0.22 -13.20
CA THR A 92 -5.55 0.84 -13.69
C THR A 92 -4.42 0.29 -14.60
N SER A 93 -4.24 -1.04 -14.62
CA SER A 93 -3.25 -1.72 -15.47
C SER A 93 -3.52 -1.49 -16.98
N GLY A 94 -4.78 -1.23 -17.32
CA GLY A 94 -5.18 -0.94 -18.69
C GLY A 94 -5.99 -2.07 -19.29
N THR A 95 -7.32 -1.98 -19.15
CA THR A 95 -8.28 -2.98 -19.68
C THR A 95 -8.54 -2.76 -21.21
N MET A 1 11.54 -1.09 27.36
CA MET A 1 11.36 0.37 27.25
C MET A 1 12.09 1.10 28.39
N HIS A 2 11.84 2.42 28.52
CA HIS A 2 12.50 3.27 29.54
C HIS A 2 11.91 3.08 30.97
N HIS A 3 11.20 1.97 31.17
CA HIS A 3 10.71 1.52 32.49
C HIS A 3 10.90 0.00 32.58
N HIS A 4 11.18 -0.51 33.79
CA HIS A 4 11.32 -1.96 34.04
C HIS A 4 10.48 -2.36 35.27
N HIS A 5 9.97 -3.60 35.24
CA HIS A 5 9.05 -4.13 36.27
C HIS A 5 9.84 -4.95 37.32
N HIS A 6 9.29 -5.05 38.56
CA HIS A 6 9.88 -5.86 39.65
C HIS A 6 10.01 -7.33 39.24
N HIS A 7 11.08 -7.98 39.75
CA HIS A 7 11.39 -9.38 39.44
C HIS A 7 12.22 -9.98 40.59
N SER A 8 12.00 -11.25 40.91
CA SER A 8 12.77 -11.98 41.94
C SER A 8 14.18 -12.29 41.40
N SER A 9 14.22 -13.05 40.29
CA SER A 9 15.44 -13.43 39.56
C SER A 9 15.09 -13.87 38.14
N GLY A 10 14.05 -14.72 38.05
CA GLY A 10 13.62 -15.32 36.80
C GLY A 10 14.46 -16.53 36.43
N ARG A 11 14.57 -16.80 35.12
CA ARG A 11 15.34 -17.93 34.58
C ARG A 11 15.84 -17.55 33.18
N GLU A 12 17.16 -17.36 33.05
CA GLU A 12 17.82 -16.97 31.79
C GLU A 12 19.20 -17.64 31.75
N ASN A 13 19.28 -18.79 31.06
CA ASN A 13 20.53 -19.55 30.87
C ASN A 13 20.46 -20.28 29.51
N LEU A 14 20.82 -19.57 28.44
CA LEU A 14 20.95 -20.15 27.08
C LEU A 14 22.22 -19.61 26.40
N TYR A 15 22.90 -20.50 25.65
CA TYR A 15 24.13 -20.15 24.92
C TYR A 15 23.88 -19.02 23.90
N PHE A 16 22.69 -19.04 23.28
CA PHE A 16 22.16 -17.99 22.36
C PHE A 16 22.98 -17.87 21.04
N GLN A 17 24.04 -18.69 20.89
CA GLN A 17 24.91 -18.69 19.68
C GLN A 17 24.19 -19.44 18.55
N GLY A 18 23.32 -18.71 17.84
CA GLY A 18 22.52 -19.26 16.73
C GLY A 18 22.24 -18.20 15.69
N HIS A 19 22.57 -18.51 14.43
CA HIS A 19 22.42 -17.58 13.29
C HIS A 19 20.98 -17.65 12.75
N MET A 20 20.29 -16.50 12.81
CA MET A 20 18.90 -16.34 12.37
C MET A 20 18.75 -14.99 11.63
N ALA A 21 18.74 -15.05 10.29
CA ALA A 21 18.73 -13.87 9.42
C ALA A 21 18.27 -14.24 7.99
N SER A 22 18.02 -13.21 7.17
CA SER A 22 17.67 -13.37 5.74
C SER A 22 18.16 -12.14 4.96
N GLY A 23 18.79 -12.37 3.81
CA GLY A 23 19.34 -11.29 2.96
C GLY A 23 18.43 -10.91 1.80
N SER A 24 17.29 -11.61 1.67
CA SER A 24 16.33 -11.40 0.58
C SER A 24 15.71 -9.99 0.67
N GLU A 25 16.06 -9.11 -0.30
CA GLU A 25 15.64 -7.70 -0.29
C GLU A 25 15.64 -7.16 -1.72
N GLU A 26 14.47 -6.65 -2.18
CA GLU A 26 14.30 -6.02 -3.49
C GLU A 26 12.94 -5.32 -3.53
N GLU A 27 12.94 -3.98 -3.63
CA GLU A 27 11.71 -3.19 -3.74
C GLU A 27 11.17 -3.26 -5.18
N VAL A 28 10.10 -4.08 -5.36
CA VAL A 28 9.43 -4.24 -6.66
C VAL A 28 8.63 -2.97 -7.03
N VAL A 29 8.68 -2.60 -8.32
CA VAL A 29 8.13 -1.31 -8.82
C VAL A 29 6.60 -1.22 -8.63
N SER A 30 6.17 -0.16 -7.91
CA SER A 30 4.75 0.09 -7.58
C SER A 30 4.44 1.57 -7.81
N VAL A 31 3.24 1.85 -8.34
CA VAL A 31 2.71 3.21 -8.53
C VAL A 31 1.36 3.32 -7.79
N GLU A 32 1.25 4.30 -6.89
CA GLU A 32 0.01 4.59 -6.16
C GLU A 32 -0.92 5.46 -7.02
N LEU A 33 -2.03 4.85 -7.47
CA LEU A 33 -3.07 5.49 -8.31
C LEU A 33 -4.09 6.24 -7.42
N PRO A 34 -4.96 7.15 -7.99
CA PRO A 34 -5.98 7.90 -7.20
C PRO A 34 -7.00 6.99 -6.48
N ALA A 35 -7.50 7.48 -5.32
CA ALA A 35 -8.34 6.73 -4.39
C ALA A 35 -9.31 7.69 -3.64
N PRO A 36 -10.34 7.16 -2.88
CA PRO A 36 -11.10 7.97 -1.88
C PRO A 36 -10.20 8.71 -0.88
N SER A 37 -10.74 9.79 -0.28
CA SER A 37 -10.02 10.63 0.71
C SER A 37 -9.57 9.83 1.96
N SER A 38 -10.33 8.78 2.30
CA SER A 38 -10.04 7.92 3.46
C SER A 38 -9.02 6.82 3.10
N TRP A 39 -8.94 6.44 1.82
CA TRP A 39 -8.12 5.30 1.35
C TRP A 39 -6.95 5.75 0.45
N LYS A 40 -6.14 4.77 0.06
CA LYS A 40 -5.09 4.91 -0.96
C LYS A 40 -5.15 3.69 -1.88
N LYS A 41 -4.86 3.91 -3.16
CA LYS A 41 -4.89 2.89 -4.22
C LYS A 41 -3.47 2.66 -4.72
N LEU A 42 -3.11 1.41 -4.89
CA LEU A 42 -1.81 0.98 -5.43
C LEU A 42 -2.06 0.03 -6.61
N PHE A 43 -1.21 0.16 -7.62
CA PHE A 43 -1.14 -0.72 -8.78
C PHE A 43 0.31 -1.19 -8.94
N TYR A 44 0.48 -2.44 -9.38
CA TYR A 44 1.82 -2.97 -9.74
C TYR A 44 1.98 -3.00 -11.28
N PRO A 45 2.65 -1.95 -11.88
CA PRO A 45 2.93 -1.91 -13.33
C PRO A 45 4.20 -2.71 -13.69
N ASN A 46 3.99 -4.01 -13.97
CA ASN A 46 5.06 -4.93 -14.35
C ASN A 46 5.51 -4.64 -15.79
N LYS A 47 6.69 -4.02 -15.88
CA LYS A 47 7.27 -3.54 -17.15
C LYS A 47 7.59 -4.71 -18.10
N VAL A 48 8.07 -5.82 -17.52
CA VAL A 48 8.26 -7.11 -18.21
C VAL A 48 7.43 -8.15 -17.46
N GLY A 49 6.63 -8.96 -18.19
CA GLY A 49 5.76 -9.98 -17.57
C GLY A 49 6.51 -11.14 -16.92
N SER A 50 7.80 -11.28 -17.26
CA SER A 50 8.67 -12.34 -16.73
C SER A 50 9.07 -12.10 -15.24
N VAL A 51 8.91 -10.84 -14.75
CA VAL A 51 9.28 -10.48 -13.35
C VAL A 51 8.14 -10.85 -12.37
N LYS A 52 8.30 -10.50 -11.07
CA LYS A 52 7.30 -10.80 -10.03
C LYS A 52 6.01 -9.99 -10.26
N LYS A 53 5.09 -10.59 -11.06
CA LYS A 53 3.82 -9.95 -11.43
C LYS A 53 2.84 -10.05 -10.25
N THR A 54 2.39 -8.89 -9.78
CA THR A 54 1.49 -8.77 -8.62
C THR A 54 0.29 -7.88 -8.97
N GLU A 55 -0.74 -7.94 -8.12
CA GLU A 55 -2.07 -7.36 -8.41
C GLU A 55 -2.24 -5.99 -7.76
N VAL A 56 -3.50 -5.53 -7.74
CA VAL A 56 -3.92 -4.26 -7.14
C VAL A 56 -4.09 -4.43 -5.62
N VAL A 57 -3.54 -3.47 -4.86
CA VAL A 57 -3.67 -3.39 -3.41
C VAL A 57 -4.33 -2.04 -3.04
N PHE A 58 -5.37 -2.08 -2.21
CA PHE A 58 -5.98 -0.87 -1.63
C PHE A 58 -5.51 -0.72 -0.17
N VAL A 59 -4.84 0.40 0.10
CA VAL A 59 -4.39 0.75 1.44
C VAL A 59 -5.55 1.29 2.26
N ALA A 60 -5.77 0.65 3.41
CA ALA A 60 -6.89 0.93 4.31
C ALA A 60 -6.57 2.13 5.22
N PRO A 61 -7.61 2.89 5.69
CA PRO A 61 -7.43 4.04 6.62
C PRO A 61 -6.80 3.62 7.96
N THR A 62 -7.12 2.38 8.41
CA THR A 62 -6.56 1.82 9.66
C THR A 62 -5.19 1.15 9.40
N GLY A 63 -4.84 0.92 8.12
CA GLY A 63 -3.59 0.23 7.76
C GLY A 63 -3.77 -1.28 7.53
N GLU A 64 -5.00 -1.77 7.72
CA GLU A 64 -5.37 -3.18 7.43
C GLU A 64 -5.56 -3.34 5.90
N GLU A 65 -4.43 -3.30 5.18
CA GLU A 65 -4.37 -3.20 3.72
C GLU A 65 -4.95 -4.46 3.04
N ILE A 66 -5.54 -4.23 1.86
CA ILE A 66 -6.36 -5.23 1.15
C ILE A 66 -5.68 -5.61 -0.19
N SER A 67 -5.57 -6.92 -0.45
CA SER A 67 -4.92 -7.45 -1.66
C SER A 67 -5.95 -7.91 -2.74
N ASN A 68 -7.20 -8.18 -2.30
CA ASN A 68 -8.23 -8.77 -3.18
C ASN A 68 -9.63 -8.20 -2.88
N ARG A 69 -10.53 -8.33 -3.87
CA ARG A 69 -11.86 -7.70 -3.86
C ARG A 69 -12.76 -8.29 -2.76
N LYS A 70 -12.51 -9.56 -2.40
CA LYS A 70 -13.21 -10.27 -1.32
C LYS A 70 -12.96 -9.54 0.00
N GLN A 71 -11.66 -9.35 0.33
CA GLN A 71 -11.23 -8.74 1.60
C GLN A 71 -11.60 -7.26 1.67
N LEU A 72 -11.86 -6.63 0.50
CA LEU A 72 -12.30 -5.23 0.43
C LEU A 72 -13.75 -5.13 0.94
N GLU A 73 -14.64 -5.91 0.31
CA GLU A 73 -16.09 -5.91 0.60
C GLU A 73 -16.36 -6.37 2.04
N GLN A 74 -15.64 -7.41 2.49
CA GLN A 74 -15.74 -7.92 3.86
C GLN A 74 -15.15 -6.92 4.87
N TYR A 75 -14.15 -6.10 4.43
CA TYR A 75 -13.61 -4.99 5.24
C TYR A 75 -14.72 -3.96 5.50
N LEU A 76 -15.42 -3.56 4.41
CA LEU A 76 -16.41 -2.45 4.45
C LEU A 76 -17.58 -2.77 5.41
N LYS A 77 -18.00 -4.05 5.44
CA LYS A 77 -19.07 -4.50 6.37
C LYS A 77 -18.52 -4.69 7.80
N SER A 78 -17.26 -5.15 7.92
CA SER A 78 -16.61 -5.40 9.23
C SER A 78 -16.10 -4.08 9.86
N HIS A 79 -16.00 -3.03 9.04
CA HIS A 79 -15.57 -1.69 9.45
C HIS A 79 -16.61 -0.67 8.92
N PRO A 80 -17.75 -0.49 9.67
CA PRO A 80 -18.84 0.43 9.25
C PRO A 80 -18.38 1.91 9.22
N GLY A 81 -18.88 2.67 8.22
CA GLY A 81 -18.51 4.07 8.03
C GLY A 81 -17.54 4.28 6.86
N ASN A 82 -16.93 3.18 6.38
CA ASN A 82 -15.98 3.21 5.24
C ASN A 82 -16.71 3.36 3.89
N PRO A 83 -16.07 4.07 2.88
CA PRO A 83 -16.69 4.32 1.55
C PRO A 83 -16.96 3.03 0.74
N ALA A 84 -17.89 3.14 -0.21
CA ALA A 84 -18.38 2.00 -1.03
C ALA A 84 -17.34 1.58 -2.08
N ILE A 85 -17.26 0.26 -2.36
CA ILE A 85 -16.31 -0.30 -3.36
C ILE A 85 -16.66 0.16 -4.82
N ALA A 86 -17.87 0.73 -4.97
CA ALA A 86 -18.35 1.34 -6.23
C ALA A 86 -17.40 2.47 -6.73
N GLU A 87 -16.86 3.26 -5.77
CA GLU A 87 -15.95 4.39 -6.08
C GLU A 87 -14.46 3.95 -6.02
N PHE A 88 -14.23 2.65 -5.71
CA PHE A 88 -12.87 2.08 -5.66
C PHE A 88 -12.44 1.64 -7.06
N ASP A 89 -11.46 2.36 -7.62
CA ASP A 89 -10.93 2.12 -8.96
C ASP A 89 -9.87 1.01 -8.91
N TRP A 90 -10.31 -0.23 -9.16
CA TRP A 90 -9.41 -1.39 -9.33
C TRP A 90 -8.81 -1.38 -10.75
N THR A 91 -9.69 -1.08 -11.75
CA THR A 91 -9.38 -1.15 -13.19
C THR A 91 -8.62 0.10 -13.71
N THR A 92 -8.10 0.94 -12.79
CA THR A 92 -7.22 2.09 -13.13
C THR A 92 -5.75 1.61 -13.39
N SER A 93 -5.63 0.61 -14.27
CA SER A 93 -4.34 0.02 -14.66
C SER A 93 -3.41 1.09 -15.27
N GLY A 94 -2.39 1.50 -14.47
CA GLY A 94 -1.40 2.50 -14.89
C GLY A 94 -0.64 2.06 -16.14
N THR A 95 -0.97 2.67 -17.29
CA THR A 95 -0.34 2.39 -18.59
C THR A 95 0.74 3.48 -18.86
N MET A 1 29.49 12.04 52.81
CA MET A 1 28.26 12.70 52.30
C MET A 1 27.19 12.81 53.40
N HIS A 2 26.22 13.70 53.19
CA HIS A 2 25.03 13.84 54.06
C HIS A 2 23.81 13.91 53.14
N HIS A 3 23.04 12.80 53.06
CA HIS A 3 21.93 12.63 52.09
C HIS A 3 22.46 12.63 50.64
N HIS A 4 21.54 12.56 49.65
CA HIS A 4 21.89 12.53 48.22
C HIS A 4 20.89 13.37 47.39
N HIS A 5 21.33 13.71 46.17
CA HIS A 5 20.51 14.44 45.19
C HIS A 5 19.88 13.46 44.18
N HIS A 6 18.69 13.82 43.69
CA HIS A 6 17.97 13.07 42.66
C HIS A 6 17.26 14.06 41.71
N HIS A 7 17.89 15.23 41.54
CA HIS A 7 17.37 16.35 40.74
C HIS A 7 17.20 15.93 39.26
N SER A 8 16.06 16.31 38.65
CA SER A 8 15.77 16.02 37.25
C SER A 8 16.78 16.73 36.32
N SER A 9 17.80 15.96 35.90
CA SER A 9 18.94 16.47 35.13
C SER A 9 19.35 15.48 34.03
N GLY A 10 20.08 15.99 33.02
CA GLY A 10 20.53 15.21 31.86
C GLY A 10 19.78 15.59 30.60
N ARG A 11 20.50 15.64 29.45
CA ARG A 11 19.91 15.99 28.14
C ARG A 11 19.20 14.77 27.54
N GLU A 12 17.91 14.96 27.23
CA GLU A 12 17.05 13.93 26.62
C GLU A 12 16.00 14.67 25.77
N ASN A 13 15.43 13.99 24.74
CA ASN A 13 14.57 14.62 23.69
C ASN A 13 15.44 15.50 22.76
N LEU A 14 16.76 15.21 22.80
CA LEU A 14 17.79 15.93 22.01
C LEU A 14 17.65 15.64 20.51
N TYR A 15 17.41 14.37 20.18
CA TYR A 15 17.07 13.90 18.83
C TYR A 15 16.02 12.78 19.00
N PHE A 16 16.51 11.52 19.24
CA PHE A 16 15.66 10.33 19.48
C PHE A 16 14.56 10.18 18.38
N GLN A 17 14.93 10.54 17.15
CA GLN A 17 14.04 10.53 15.98
C GLN A 17 13.66 9.10 15.58
N GLY A 18 14.68 8.28 15.25
CA GLY A 18 14.47 6.88 14.87
C GLY A 18 15.34 6.48 13.69
N HIS A 19 16.62 6.15 13.97
CA HIS A 19 17.57 5.67 12.96
C HIS A 19 17.16 4.26 12.48
N MET A 20 17.03 4.09 11.15
CA MET A 20 16.80 2.77 10.53
C MET A 20 18.13 2.23 9.97
N ALA A 21 18.55 1.05 10.47
CA ALA A 21 19.78 0.38 10.03
C ALA A 21 19.52 -0.33 8.69
N SER A 22 18.85 -1.50 8.75
CA SER A 22 18.49 -2.33 7.58
C SER A 22 17.73 -3.58 8.06
N GLY A 23 17.05 -4.26 7.13
CA GLY A 23 16.28 -5.47 7.42
C GLY A 23 15.88 -6.20 6.16
N SER A 24 14.85 -7.05 6.24
CA SER A 24 14.32 -7.82 5.10
C SER A 24 13.15 -7.08 4.44
N GLU A 25 13.48 -6.12 3.56
CA GLU A 25 12.50 -5.33 2.78
C GLU A 25 12.87 -5.33 1.30
N GLU A 26 11.96 -5.84 0.46
CA GLU A 26 12.17 -5.96 -0.98
C GLU A 26 11.60 -4.70 -1.67
N GLU A 27 12.48 -3.74 -1.97
CA GLU A 27 12.10 -2.49 -2.65
C GLU A 27 11.99 -2.76 -4.16
N VAL A 28 10.86 -3.38 -4.55
CA VAL A 28 10.58 -3.79 -5.93
C VAL A 28 9.75 -2.72 -6.67
N VAL A 29 9.52 -2.98 -7.97
CA VAL A 29 8.73 -2.09 -8.84
C VAL A 29 7.23 -2.09 -8.42
N SER A 30 6.79 -0.93 -7.91
CA SER A 30 5.43 -0.71 -7.41
C SER A 30 5.03 0.74 -7.71
N VAL A 31 3.79 0.93 -8.18
CA VAL A 31 3.23 2.24 -8.53
C VAL A 31 1.91 2.45 -7.76
N GLU A 32 1.82 3.57 -7.03
CA GLU A 32 0.59 3.98 -6.34
C GLU A 32 -0.35 4.64 -7.36
N LEU A 33 -1.40 3.90 -7.76
CA LEU A 33 -2.44 4.39 -8.67
C LEU A 33 -3.47 5.26 -7.89
N PRO A 34 -4.27 6.14 -8.57
CA PRO A 34 -5.24 7.03 -7.87
C PRO A 34 -6.31 6.27 -7.05
N ALA A 35 -6.80 6.91 -5.99
CA ALA A 35 -7.63 6.29 -4.95
C ALA A 35 -8.68 7.29 -4.41
N PRO A 36 -9.70 6.81 -3.62
CA PRO A 36 -10.50 7.70 -2.73
C PRO A 36 -9.61 8.35 -1.66
N SER A 37 -9.97 9.56 -1.20
CA SER A 37 -9.18 10.34 -0.21
C SER A 37 -9.10 9.62 1.15
N SER A 38 -10.08 8.72 1.41
CA SER A 38 -10.14 7.92 2.65
C SER A 38 -9.09 6.77 2.63
N TRP A 39 -8.83 6.21 1.43
CA TRP A 39 -7.91 5.07 1.24
C TRP A 39 -6.72 5.47 0.37
N LYS A 40 -5.88 4.48 0.02
CA LYS A 40 -4.82 4.61 -0.98
C LYS A 40 -4.80 3.32 -1.83
N LYS A 41 -4.40 3.47 -3.09
CA LYS A 41 -4.39 2.42 -4.10
C LYS A 41 -2.96 2.20 -4.59
N LEU A 42 -2.53 0.94 -4.52
CA LEU A 42 -1.24 0.49 -5.05
C LEU A 42 -1.49 -0.65 -6.05
N PHE A 43 -0.64 -0.69 -7.07
CA PHE A 43 -0.55 -1.78 -8.05
C PHE A 43 0.92 -2.21 -8.15
N TYR A 44 1.16 -3.52 -8.30
CA TYR A 44 2.51 -4.06 -8.59
C TYR A 44 2.62 -4.39 -10.10
N PRO A 45 3.25 -3.50 -10.93
CA PRO A 45 3.54 -3.81 -12.35
C PRO A 45 4.85 -4.61 -12.49
N ASN A 46 4.97 -5.34 -13.61
CA ASN A 46 6.23 -6.00 -13.98
C ASN A 46 7.12 -4.97 -14.71
N LYS A 47 8.45 -5.15 -14.64
CA LYS A 47 9.42 -4.25 -15.30
C LYS A 47 9.25 -4.26 -16.84
N VAL A 48 8.68 -5.37 -17.36
CA VAL A 48 8.30 -5.49 -18.78
C VAL A 48 7.26 -4.41 -19.15
N GLY A 49 6.25 -4.25 -18.28
CA GLY A 49 5.13 -3.35 -18.53
C GLY A 49 3.90 -4.11 -19.02
N SER A 50 2.71 -3.50 -18.87
CA SER A 50 1.37 -4.08 -19.22
C SER A 50 0.99 -5.18 -18.22
N VAL A 51 1.76 -6.27 -18.24
CA VAL A 51 1.58 -7.41 -17.35
C VAL A 51 1.93 -7.05 -15.89
N LYS A 52 1.22 -7.72 -14.98
CA LYS A 52 1.39 -7.56 -13.53
C LYS A 52 2.61 -8.35 -13.01
N LYS A 53 3.11 -7.94 -11.84
CA LYS A 53 4.14 -8.68 -11.09
C LYS A 53 3.39 -9.39 -9.92
N THR A 54 2.65 -8.58 -9.17
CA THR A 54 1.75 -9.01 -8.09
C THR A 54 0.41 -8.27 -8.31
N GLU A 55 -0.70 -8.74 -7.71
CA GLU A 55 -2.01 -8.07 -7.85
C GLU A 55 -2.07 -6.74 -7.07
N VAL A 56 -3.28 -6.18 -6.99
CA VAL A 56 -3.54 -4.87 -6.40
C VAL A 56 -3.64 -4.97 -4.87
N VAL A 57 -3.04 -4.00 -4.17
CA VAL A 57 -3.17 -3.83 -2.72
C VAL A 57 -3.71 -2.41 -2.42
N PHE A 58 -4.92 -2.34 -1.84
CA PHE A 58 -5.49 -1.09 -1.31
C PHE A 58 -5.01 -0.88 0.13
N VAL A 59 -4.31 0.24 0.37
CA VAL A 59 -3.89 0.66 1.71
C VAL A 59 -5.08 1.28 2.45
N ALA A 60 -5.33 0.77 3.66
CA ALA A 60 -6.45 1.17 4.51
C ALA A 60 -6.09 2.40 5.36
N PRO A 61 -7.10 3.22 5.76
CA PRO A 61 -6.90 4.36 6.69
C PRO A 61 -6.33 3.93 8.06
N THR A 62 -6.66 2.69 8.50
CA THR A 62 -6.14 2.12 9.77
C THR A 62 -4.86 1.29 9.53
N GLY A 63 -4.46 1.13 8.25
CA GLY A 63 -3.27 0.35 7.89
C GLY A 63 -3.55 -1.14 7.64
N GLU A 64 -4.79 -1.60 7.95
CA GLU A 64 -5.24 -2.98 7.69
C GLU A 64 -5.48 -3.15 6.16
N GLU A 65 -4.36 -3.32 5.43
CA GLU A 65 -4.34 -3.26 3.96
C GLU A 65 -4.98 -4.52 3.34
N ILE A 66 -5.41 -4.36 2.09
CA ILE A 66 -6.28 -5.29 1.38
C ILE A 66 -5.60 -5.77 0.10
N SER A 67 -5.30 -7.07 0.02
CA SER A 67 -4.65 -7.70 -1.13
C SER A 67 -5.67 -8.19 -2.20
N ASN A 68 -6.97 -8.32 -1.81
CA ASN A 68 -8.01 -8.89 -2.69
C ASN A 68 -9.44 -8.43 -2.28
N ARG A 69 -10.37 -8.48 -3.26
CA ARG A 69 -11.75 -7.91 -3.13
C ARG A 69 -12.55 -8.45 -1.93
N LYS A 70 -12.37 -9.75 -1.60
CA LYS A 70 -13.07 -10.39 -0.47
C LYS A 70 -12.79 -9.59 0.82
N GLN A 71 -11.49 -9.29 1.04
CA GLN A 71 -11.02 -8.54 2.22
C GLN A 71 -11.57 -7.09 2.22
N LEU A 72 -11.70 -6.51 1.00
CA LEU A 72 -12.21 -5.12 0.82
C LEU A 72 -13.67 -5.05 1.29
N GLU A 73 -14.49 -5.97 0.77
CA GLU A 73 -15.95 -6.00 0.97
C GLU A 73 -16.32 -6.37 2.41
N GLN A 74 -15.59 -7.36 2.97
CA GLN A 74 -15.78 -7.76 4.38
C GLN A 74 -15.33 -6.62 5.31
N TYR A 75 -14.30 -5.86 4.88
CA TYR A 75 -13.82 -4.67 5.60
C TYR A 75 -14.94 -3.62 5.68
N LEU A 76 -15.61 -3.36 4.55
CA LEU A 76 -16.65 -2.31 4.45
C LEU A 76 -17.84 -2.62 5.37
N LYS A 77 -18.34 -3.86 5.31
CA LYS A 77 -19.52 -4.31 6.07
C LYS A 77 -19.19 -4.49 7.58
N SER A 78 -17.88 -4.61 7.90
CA SER A 78 -17.39 -4.71 9.30
C SER A 78 -17.03 -3.31 9.85
N HIS A 79 -16.64 -2.39 8.93
CA HIS A 79 -16.15 -1.04 9.27
C HIS A 79 -16.96 0.00 8.48
N PRO A 80 -18.08 0.54 9.06
CA PRO A 80 -18.92 1.57 8.40
C PRO A 80 -18.17 2.89 8.15
N GLY A 81 -18.69 3.71 7.21
CA GLY A 81 -18.11 5.00 6.87
C GLY A 81 -17.08 4.93 5.73
N ASN A 82 -16.49 3.73 5.55
CA ASN A 82 -15.51 3.47 4.48
C ASN A 82 -16.23 3.39 3.11
N PRO A 83 -15.71 4.09 2.05
CA PRO A 83 -16.36 4.17 0.72
C PRO A 83 -16.51 2.79 0.05
N ALA A 84 -17.58 2.64 -0.76
CA ALA A 84 -17.94 1.36 -1.40
C ALA A 84 -16.93 0.95 -2.48
N ILE A 85 -16.76 -0.37 -2.66
CA ILE A 85 -15.79 -0.98 -3.62
C ILE A 85 -16.13 -0.62 -5.10
N ALA A 86 -17.35 -0.10 -5.34
CA ALA A 86 -17.80 0.38 -6.65
C ALA A 86 -16.88 1.50 -7.22
N GLU A 87 -16.40 2.40 -6.35
CA GLU A 87 -15.48 3.50 -6.74
C GLU A 87 -14.00 3.07 -6.60
N PHE A 88 -13.75 1.91 -5.99
CA PHE A 88 -12.40 1.33 -5.86
C PHE A 88 -12.01 0.69 -7.21
N ASP A 89 -10.97 1.24 -7.84
CA ASP A 89 -10.52 0.81 -9.16
C ASP A 89 -9.45 -0.28 -9.00
N TRP A 90 -9.80 -1.51 -9.36
CA TRP A 90 -8.89 -2.68 -9.36
C TRP A 90 -8.32 -2.91 -10.77
N THR A 91 -9.05 -2.42 -11.80
CA THR A 91 -8.71 -2.66 -13.23
C THR A 91 -7.73 -1.58 -13.78
N THR A 92 -7.21 -0.72 -12.88
CA THR A 92 -6.20 0.30 -13.22
C THR A 92 -4.77 -0.32 -13.26
N SER A 93 -4.63 -1.42 -14.03
CA SER A 93 -3.34 -2.07 -14.30
C SER A 93 -2.53 -1.22 -15.31
N GLY A 94 -1.54 -0.47 -14.78
CA GLY A 94 -0.72 0.44 -15.58
C GLY A 94 0.15 -0.30 -16.59
N THR A 95 0.02 0.09 -17.87
CA THR A 95 0.81 -0.47 -18.97
C THR A 95 2.19 0.23 -19.04
N MET A 1 18.02 21.25 48.57
CA MET A 1 17.11 20.24 49.18
C MET A 1 15.82 20.09 48.34
N HIS A 2 15.31 21.21 47.81
CA HIS A 2 14.13 21.23 46.96
C HIS A 2 14.14 22.49 46.07
N HIS A 3 14.50 22.28 44.80
CA HIS A 3 14.38 23.27 43.72
C HIS A 3 14.29 22.53 42.39
N HIS A 4 15.08 21.44 42.26
CA HIS A 4 14.99 20.50 41.14
C HIS A 4 13.78 19.56 41.36
N HIS A 5 12.61 19.98 40.84
CA HIS A 5 11.37 19.19 40.86
C HIS A 5 11.04 18.78 39.40
N HIS A 6 11.54 17.61 39.00
CA HIS A 6 11.38 17.08 37.64
C HIS A 6 11.74 15.58 37.65
N HIS A 7 10.73 14.72 37.42
CA HIS A 7 10.92 13.27 37.31
C HIS A 7 10.88 12.84 35.84
N SER A 8 11.99 12.26 35.36
CA SER A 8 12.10 11.66 34.02
C SER A 8 12.98 10.40 34.13
N SER A 9 12.33 9.25 34.32
CA SER A 9 12.99 7.94 34.42
C SER A 9 12.11 6.90 33.69
N GLY A 10 12.65 6.36 32.58
CA GLY A 10 11.97 5.34 31.78
C GLY A 10 12.91 4.65 30.82
N ARG A 11 12.35 3.82 29.93
CA ARG A 11 13.11 3.10 28.89
C ARG A 11 12.51 3.46 27.53
N GLU A 12 13.31 4.09 26.64
CA GLU A 12 12.88 4.44 25.28
C GLU A 12 12.77 3.18 24.41
N ASN A 13 11.67 2.44 24.61
CA ASN A 13 11.37 1.18 23.91
C ASN A 13 9.92 1.26 23.41
N LEU A 14 9.77 1.73 22.17
CA LEU A 14 8.48 1.85 21.48
C LEU A 14 8.69 1.60 19.99
N TYR A 15 7.58 1.55 19.23
CA TYR A 15 7.62 1.47 17.78
C TYR A 15 8.22 2.78 17.21
N PHE A 16 9.47 2.69 16.69
CA PHE A 16 10.17 3.82 16.06
C PHE A 16 9.89 3.86 14.53
N GLN A 17 9.39 2.72 14.01
CA GLN A 17 9.02 2.53 12.59
C GLN A 17 10.19 2.82 11.64
N GLY A 18 11.10 1.82 11.50
CA GLY A 18 12.28 1.95 10.64
C GLY A 18 11.98 1.59 9.19
N HIS A 19 11.11 2.38 8.57
CA HIS A 19 10.68 2.21 7.17
C HIS A 19 11.70 2.87 6.23
N MET A 20 12.24 2.08 5.28
CA MET A 20 13.28 2.47 4.28
C MET A 20 14.63 2.72 4.99
N ALA A 21 14.71 3.78 5.81
CA ALA A 21 15.87 4.04 6.68
C ALA A 21 15.97 2.98 7.78
N SER A 22 17.23 2.54 8.06
CA SER A 22 17.55 1.50 9.07
C SER A 22 17.03 0.09 8.62
N GLY A 23 16.89 -0.08 7.29
CA GLY A 23 16.50 -1.37 6.70
C GLY A 23 16.94 -1.47 5.25
N SER A 24 16.26 -0.68 4.39
CA SER A 24 16.52 -0.60 2.95
C SER A 24 16.38 -1.99 2.29
N GLU A 25 15.12 -2.47 2.26
CA GLU A 25 14.76 -3.74 1.61
C GLU A 25 14.47 -3.48 0.11
N GLU A 26 15.45 -2.82 -0.56
CA GLU A 26 15.30 -2.29 -1.94
C GLU A 26 14.12 -1.29 -2.05
N GLU A 27 13.82 -0.92 -3.30
CA GLU A 27 12.63 -0.15 -3.64
C GLU A 27 12.00 -0.86 -4.86
N VAL A 28 11.14 -1.87 -4.55
CA VAL A 28 10.48 -2.70 -5.58
C VAL A 28 9.53 -1.87 -6.44
N VAL A 29 9.31 -2.33 -7.69
CA VAL A 29 8.44 -1.63 -8.64
C VAL A 29 6.99 -1.61 -8.13
N SER A 30 6.57 -0.42 -7.64
CA SER A 30 5.25 -0.19 -7.05
C SER A 30 5.00 1.33 -7.04
N VAL A 31 4.01 1.76 -7.83
CA VAL A 31 3.63 3.17 -7.95
C VAL A 31 2.31 3.37 -7.20
N GLU A 32 2.29 4.31 -6.25
CA GLU A 32 1.06 4.70 -5.57
C GLU A 32 0.23 5.60 -6.49
N LEU A 33 -0.93 5.08 -6.91
CA LEU A 33 -1.86 5.79 -7.81
C LEU A 33 -2.82 6.66 -6.96
N PRO A 34 -3.60 7.63 -7.58
CA PRO A 34 -4.61 8.45 -6.85
C PRO A 34 -5.60 7.60 -6.02
N ALA A 35 -5.82 8.05 -4.77
CA ALA A 35 -6.57 7.32 -3.73
C ALA A 35 -7.66 8.21 -3.11
N PRO A 36 -8.73 7.61 -2.45
CA PRO A 36 -9.66 8.37 -1.58
C PRO A 36 -8.96 8.83 -0.26
N SER A 37 -9.69 9.56 0.60
CA SER A 37 -9.13 10.26 1.78
C SER A 37 -8.72 9.28 2.90
N SER A 38 -9.62 8.33 3.21
CA SER A 38 -9.44 7.36 4.32
C SER A 38 -8.43 6.27 3.93
N TRP A 39 -8.44 5.89 2.65
CA TRP A 39 -7.61 4.80 2.11
C TRP A 39 -6.37 5.33 1.40
N LYS A 40 -5.51 4.39 1.00
CA LYS A 40 -4.38 4.62 0.11
C LYS A 40 -4.51 3.61 -1.04
N LYS A 41 -4.04 4.01 -2.23
CA LYS A 41 -4.06 3.18 -3.43
C LYS A 41 -2.61 3.01 -3.92
N LEU A 42 -2.24 1.77 -4.11
CA LEU A 42 -0.97 1.35 -4.69
C LEU A 42 -1.27 0.38 -5.83
N PHE A 43 -0.44 0.43 -6.87
CA PHE A 43 -0.45 -0.51 -7.99
C PHE A 43 0.99 -1.09 -8.15
N TYR A 44 1.11 -2.37 -8.50
CA TYR A 44 2.41 -3.02 -8.81
C TYR A 44 2.62 -3.14 -10.34
N PRO A 45 3.41 -2.20 -10.98
CA PRO A 45 3.81 -2.33 -12.39
C PRO A 45 5.04 -3.24 -12.57
N ASN A 46 4.77 -4.54 -12.75
CA ASN A 46 5.84 -5.55 -12.97
C ASN A 46 6.47 -5.36 -14.37
N LYS A 47 7.78 -5.68 -14.48
CA LYS A 47 8.55 -5.63 -15.73
C LYS A 47 7.84 -6.40 -16.87
N VAL A 48 7.53 -7.67 -16.60
CA VAL A 48 6.85 -8.56 -17.53
C VAL A 48 5.38 -8.73 -17.10
N GLY A 49 4.45 -8.52 -18.05
CA GLY A 49 3.03 -8.66 -17.79
C GLY A 49 2.57 -10.12 -17.78
N SER A 50 3.26 -10.96 -18.57
CA SER A 50 2.94 -12.39 -18.73
C SER A 50 3.25 -13.22 -17.45
N VAL A 51 4.18 -12.71 -16.60
CA VAL A 51 4.51 -13.35 -15.30
C VAL A 51 3.55 -12.83 -14.21
N LYS A 52 3.86 -13.15 -12.94
CA LYS A 52 3.08 -12.70 -11.77
C LYS A 52 3.15 -11.16 -11.56
N LYS A 53 2.37 -10.41 -12.38
CA LYS A 53 2.20 -8.97 -12.16
C LYS A 53 1.20 -8.79 -11.03
N THR A 54 1.71 -8.43 -9.84
CA THR A 54 0.91 -8.28 -8.63
C THR A 54 -0.15 -7.18 -8.84
N GLU A 55 -1.37 -7.42 -8.35
CA GLU A 55 -2.52 -6.54 -8.57
C GLU A 55 -2.41 -5.24 -7.74
N VAL A 56 -3.54 -4.54 -7.64
CA VAL A 56 -3.66 -3.29 -6.91
C VAL A 56 -3.84 -3.61 -5.40
N VAL A 57 -3.15 -2.84 -4.54
CA VAL A 57 -3.23 -2.98 -3.08
C VAL A 57 -3.78 -1.68 -2.50
N PHE A 58 -4.97 -1.75 -1.90
CA PHE A 58 -5.61 -0.63 -1.18
C PHE A 58 -5.27 -0.73 0.32
N VAL A 59 -4.52 0.25 0.84
CA VAL A 59 -4.22 0.34 2.27
C VAL A 59 -5.42 0.95 3.01
N ALA A 60 -5.82 0.25 4.09
CA ALA A 60 -7.01 0.58 4.88
C ALA A 60 -6.69 1.66 5.93
N PRO A 61 -7.71 2.47 6.38
CA PRO A 61 -7.52 3.50 7.43
C PRO A 61 -7.08 2.90 8.80
N THR A 62 -7.54 1.66 9.09
CA THR A 62 -7.22 0.96 10.33
C THR A 62 -5.87 0.20 10.23
N GLY A 63 -5.27 0.19 9.00
CA GLY A 63 -3.98 -0.48 8.76
C GLY A 63 -4.14 -1.91 8.24
N GLU A 64 -5.33 -2.52 8.47
CA GLU A 64 -5.70 -3.87 7.96
C GLU A 64 -5.86 -3.81 6.43
N GLU A 65 -4.72 -3.75 5.73
CA GLU A 65 -4.68 -3.40 4.29
C GLU A 65 -5.16 -4.57 3.43
N ILE A 66 -5.72 -4.20 2.29
CA ILE A 66 -6.34 -5.11 1.33
C ILE A 66 -5.39 -5.32 0.14
N SER A 67 -5.04 -6.59 -0.14
CA SER A 67 -4.12 -6.95 -1.24
C SER A 67 -4.89 -7.57 -2.41
N ASN A 68 -6.23 -7.71 -2.27
CA ASN A 68 -7.08 -8.40 -3.24
C ASN A 68 -8.56 -7.95 -3.12
N ARG A 69 -9.24 -7.90 -4.27
CA ARG A 69 -10.56 -7.25 -4.44
C ARG A 69 -11.68 -7.87 -3.56
N LYS A 70 -11.58 -9.18 -3.28
CA LYS A 70 -12.55 -9.91 -2.41
C LYS A 70 -12.50 -9.31 -0.99
N GLN A 71 -11.27 -9.16 -0.47
CA GLN A 71 -11.02 -8.68 0.91
C GLN A 71 -11.45 -7.22 1.07
N LEU A 72 -11.53 -6.48 -0.05
CA LEU A 72 -12.03 -5.09 -0.07
C LEU A 72 -13.52 -5.09 0.33
N GLU A 73 -14.31 -5.89 -0.42
CA GLU A 73 -15.79 -5.97 -0.25
C GLU A 73 -16.16 -6.40 1.18
N GLN A 74 -15.52 -7.50 1.64
CA GLN A 74 -15.79 -8.09 2.96
C GLN A 74 -15.34 -7.15 4.10
N TYR A 75 -14.34 -6.28 3.81
CA TYR A 75 -13.89 -5.23 4.74
C TYR A 75 -15.01 -4.19 4.92
N LEU A 76 -15.56 -3.70 3.80
CA LEU A 76 -16.56 -2.59 3.79
C LEU A 76 -17.81 -2.94 4.62
N LYS A 77 -18.30 -4.18 4.46
CA LYS A 77 -19.50 -4.65 5.19
C LYS A 77 -19.22 -4.77 6.71
N SER A 78 -18.02 -5.29 7.07
CA SER A 78 -17.65 -5.53 8.50
C SER A 78 -17.04 -4.26 9.15
N HIS A 79 -16.76 -3.24 8.32
CA HIS A 79 -16.22 -1.93 8.76
C HIS A 79 -17.07 -0.81 8.12
N PRO A 80 -18.24 -0.44 8.75
CA PRO A 80 -19.12 0.65 8.24
C PRO A 80 -18.44 2.03 8.34
N GLY A 81 -18.75 2.92 7.39
CA GLY A 81 -18.16 4.27 7.32
C GLY A 81 -17.05 4.36 6.27
N ASN A 82 -16.67 3.21 5.67
CA ASN A 82 -15.66 3.16 4.60
C ASN A 82 -16.33 3.32 3.20
N PRO A 83 -15.67 4.08 2.25
CA PRO A 83 -16.20 4.28 0.87
C PRO A 83 -16.33 2.96 0.08
N ALA A 84 -17.32 2.94 -0.84
CA ALA A 84 -17.71 1.74 -1.61
C ALA A 84 -16.61 1.28 -2.57
N ILE A 85 -16.66 0.00 -2.98
CA ILE A 85 -15.71 -0.57 -3.95
C ILE A 85 -16.06 -0.13 -5.39
N ALA A 86 -17.32 0.34 -5.57
CA ALA A 86 -17.82 0.86 -6.85
C ALA A 86 -17.00 2.09 -7.33
N GLU A 87 -16.54 2.90 -6.36
CA GLU A 87 -15.73 4.11 -6.64
C GLU A 87 -14.22 3.80 -6.58
N PHE A 88 -13.87 2.59 -6.08
CA PHE A 88 -12.46 2.11 -6.04
C PHE A 88 -12.08 1.52 -7.40
N ASP A 89 -10.95 2.02 -7.95
CA ASP A 89 -10.44 1.60 -9.26
C ASP A 89 -9.44 0.44 -9.09
N TRP A 90 -9.72 -0.69 -9.75
CA TRP A 90 -8.83 -1.88 -9.76
C TRP A 90 -8.29 -2.16 -11.18
N THR A 91 -8.60 -1.25 -12.11
CA THR A 91 -8.23 -1.33 -13.54
C THR A 91 -7.11 -0.32 -13.90
N THR A 92 -6.40 0.19 -12.87
CA THR A 92 -5.36 1.24 -13.00
C THR A 92 -4.00 0.66 -13.52
N SER A 93 -4.06 -0.38 -14.35
CA SER A 93 -2.89 -1.03 -14.96
C SER A 93 -2.52 -0.36 -16.31
N GLY A 94 -3.08 0.86 -16.56
CA GLY A 94 -3.03 1.49 -17.86
C GLY A 94 -4.15 0.95 -18.75
N THR A 95 -5.24 1.70 -18.89
CA THR A 95 -6.47 1.26 -19.59
C THR A 95 -6.22 1.14 -21.12
N MET A 1 45.21 -16.30 -39.84
CA MET A 1 45.09 -16.53 -38.38
C MET A 1 44.55 -15.26 -37.68
N HIS A 2 43.44 -15.41 -36.94
CA HIS A 2 42.85 -14.33 -36.13
C HIS A 2 43.05 -14.66 -34.62
N HIS A 3 44.08 -15.49 -34.34
CA HIS A 3 44.40 -15.97 -32.97
C HIS A 3 44.62 -14.79 -31.99
N HIS A 4 45.23 -13.70 -32.51
CA HIS A 4 45.40 -12.44 -31.77
C HIS A 4 44.06 -11.68 -31.73
N HIS A 5 43.24 -12.02 -30.74
CA HIS A 5 41.92 -11.40 -30.53
C HIS A 5 41.98 -10.45 -29.32
N HIS A 6 41.48 -9.22 -29.50
CA HIS A 6 41.36 -8.24 -28.42
C HIS A 6 40.15 -7.34 -28.71
N HIS A 7 39.03 -7.66 -28.05
CA HIS A 7 37.79 -6.89 -28.14
C HIS A 7 36.98 -7.14 -26.85
N SER A 8 37.35 -6.40 -25.79
CA SER A 8 36.69 -6.49 -24.48
C SER A 8 35.84 -5.22 -24.22
N SER A 9 34.53 -5.33 -24.45
CA SER A 9 33.56 -4.24 -24.19
C SER A 9 33.03 -4.36 -22.75
N GLY A 10 33.59 -3.54 -21.84
CA GLY A 10 33.17 -3.50 -20.43
C GLY A 10 32.97 -2.06 -19.95
N ARG A 11 33.16 -1.82 -18.64
CA ARG A 11 33.01 -0.47 -18.03
C ARG A 11 34.24 -0.18 -17.15
N GLU A 12 34.48 -1.08 -16.16
CA GLU A 12 35.60 -1.01 -15.19
C GLU A 12 35.44 0.19 -14.21
N ASN A 13 36.16 0.12 -13.06
CA ASN A 13 36.25 1.19 -12.03
C ASN A 13 34.92 1.30 -11.23
N LEU A 14 34.88 0.65 -10.05
CA LEU A 14 33.72 0.72 -9.14
C LEU A 14 33.92 1.83 -8.11
N TYR A 15 32.88 2.63 -7.94
CA TYR A 15 32.83 3.73 -6.96
C TYR A 15 32.10 3.25 -5.70
N PHE A 16 30.88 2.68 -5.90
CA PHE A 16 30.04 2.10 -4.83
C PHE A 16 29.85 3.07 -3.63
N GLN A 17 28.83 3.94 -3.73
CA GLN A 17 28.56 5.01 -2.75
C GLN A 17 27.09 5.49 -2.83
N GLY A 18 26.66 6.22 -1.78
CA GLY A 18 25.31 6.82 -1.73
C GLY A 18 24.48 6.35 -0.55
N HIS A 19 23.48 7.17 -0.15
CA HIS A 19 22.52 6.80 0.91
C HIS A 19 21.42 5.91 0.30
N MET A 20 21.07 4.82 1.02
CA MET A 20 20.14 3.80 0.51
C MET A 20 19.61 2.97 1.69
N ALA A 21 20.56 2.52 2.54
CA ALA A 21 20.32 1.59 3.66
C ALA A 21 19.86 0.22 3.12
N SER A 22 18.51 0.05 2.94
CA SER A 22 17.88 -1.17 2.36
C SER A 22 18.32 -2.47 3.11
N GLY A 23 18.72 -2.32 4.39
CA GLY A 23 19.37 -3.38 5.17
C GLY A 23 18.40 -4.27 5.96
N SER A 24 17.15 -4.37 5.46
CA SER A 24 16.10 -5.23 6.04
C SER A 24 15.19 -5.73 4.90
N GLU A 25 14.79 -4.79 4.02
CA GLU A 25 14.01 -5.08 2.82
C GLU A 25 14.69 -4.43 1.60
N GLU A 26 14.64 -5.13 0.46
CA GLU A 26 15.13 -4.58 -0.82
C GLU A 26 14.04 -3.68 -1.42
N GLU A 27 14.46 -2.68 -2.19
CA GLU A 27 13.57 -1.63 -2.72
C GLU A 27 12.53 -2.23 -3.68
N VAL A 28 11.29 -2.42 -3.15
CA VAL A 28 10.19 -3.06 -3.89
C VAL A 28 9.70 -2.17 -5.05
N VAL A 29 9.62 -2.76 -6.26
CA VAL A 29 9.11 -2.06 -7.44
C VAL A 29 7.57 -1.94 -7.33
N SER A 30 7.12 -0.71 -7.04
CA SER A 30 5.71 -0.42 -6.75
C SER A 30 5.44 1.06 -7.06
N VAL A 31 4.38 1.30 -7.82
CA VAL A 31 3.90 2.66 -8.16
C VAL A 31 2.53 2.85 -7.52
N GLU A 32 2.39 3.91 -6.72
CA GLU A 32 1.14 4.26 -6.06
C GLU A 32 0.23 5.00 -7.06
N LEU A 33 -0.85 4.33 -7.46
CA LEU A 33 -1.83 4.86 -8.43
C LEU A 33 -2.88 5.69 -7.68
N PRO A 34 -3.65 6.62 -8.37
CA PRO A 34 -4.57 7.59 -7.70
C PRO A 34 -5.54 6.90 -6.71
N ALA A 35 -5.52 7.41 -5.47
CA ALA A 35 -6.20 6.81 -4.32
C ALA A 35 -7.38 7.68 -3.86
N PRO A 36 -8.42 7.05 -3.20
CA PRO A 36 -9.45 7.81 -2.45
C PRO A 36 -8.81 8.45 -1.20
N SER A 37 -9.40 9.55 -0.71
CA SER A 37 -8.83 10.38 0.37
C SER A 37 -8.73 9.62 1.73
N SER A 38 -9.65 8.66 1.94
CA SER A 38 -9.75 7.90 3.20
C SER A 38 -8.77 6.71 3.22
N TRP A 39 -8.47 6.18 2.03
CA TRP A 39 -7.59 4.99 1.85
C TRP A 39 -6.30 5.41 1.11
N LYS A 40 -5.44 4.42 0.87
CA LYS A 40 -4.32 4.50 -0.08
C LYS A 40 -4.53 3.42 -1.16
N LYS A 41 -3.78 3.54 -2.25
CA LYS A 41 -3.93 2.72 -3.46
C LYS A 41 -2.57 2.60 -4.15
N LEU A 42 -2.12 1.36 -4.24
CA LEU A 42 -0.83 0.97 -4.78
C LEU A 42 -1.05 -0.13 -5.83
N PHE A 43 -0.15 -0.17 -6.81
CA PHE A 43 -0.06 -1.26 -7.79
C PHE A 43 1.41 -1.72 -7.87
N TYR A 44 1.62 -3.03 -7.97
CA TYR A 44 2.96 -3.62 -8.18
C TYR A 44 3.18 -3.91 -9.69
N PRO A 45 3.97 -3.05 -10.42
CA PRO A 45 4.37 -3.33 -11.81
C PRO A 45 5.48 -4.40 -11.89
N ASN A 46 5.53 -5.10 -13.04
CA ASN A 46 6.58 -6.09 -13.35
C ASN A 46 7.85 -5.34 -13.84
N LYS A 47 7.67 -4.03 -14.19
CA LYS A 47 8.70 -3.15 -14.80
C LYS A 47 8.98 -3.65 -16.24
N VAL A 48 7.92 -4.17 -16.88
CA VAL A 48 7.92 -4.68 -18.25
C VAL A 48 6.76 -4.04 -19.03
N GLY A 49 5.59 -3.98 -18.35
CA GLY A 49 4.33 -3.56 -18.98
C GLY A 49 3.51 -4.78 -19.42
N SER A 50 2.17 -4.67 -19.35
CA SER A 50 1.20 -5.72 -19.73
C SER A 50 1.15 -6.86 -18.68
N VAL A 51 2.26 -7.63 -18.59
CA VAL A 51 2.40 -8.74 -17.62
C VAL A 51 2.39 -8.21 -16.17
N LYS A 52 1.57 -8.84 -15.32
CA LYS A 52 1.45 -8.51 -13.89
C LYS A 52 2.23 -9.54 -13.08
N LYS A 53 3.29 -9.10 -12.41
CA LYS A 53 4.03 -9.94 -11.44
C LYS A 53 3.16 -10.10 -10.17
N THR A 54 2.69 -8.96 -9.66
CA THR A 54 1.79 -8.86 -8.51
C THR A 54 0.65 -7.87 -8.85
N GLU A 55 -0.50 -8.00 -8.16
CA GLU A 55 -1.73 -7.22 -8.44
C GLU A 55 -1.77 -5.90 -7.61
N VAL A 56 -2.96 -5.29 -7.59
CA VAL A 56 -3.24 -4.01 -6.91
C VAL A 56 -3.52 -4.25 -5.41
N VAL A 57 -2.97 -3.37 -4.55
CA VAL A 57 -3.21 -3.37 -3.08
C VAL A 57 -3.83 -2.01 -2.65
N PHE A 58 -5.08 -2.04 -2.16
CA PHE A 58 -5.72 -0.87 -1.53
C PHE A 58 -5.40 -0.88 -0.03
N VAL A 59 -4.62 0.09 0.44
CA VAL A 59 -4.24 0.21 1.86
C VAL A 59 -5.39 0.82 2.67
N ALA A 60 -5.66 0.17 3.81
CA ALA A 60 -6.82 0.48 4.66
C ALA A 60 -6.49 1.61 5.67
N PRO A 61 -7.54 2.37 6.13
CA PRO A 61 -7.40 3.40 7.20
C PRO A 61 -6.91 2.82 8.55
N THR A 62 -7.18 1.52 8.80
CA THR A 62 -6.69 0.81 10.01
C THR A 62 -5.30 0.18 9.78
N GLY A 63 -4.85 0.12 8.49
CA GLY A 63 -3.55 -0.50 8.15
C GLY A 63 -3.67 -1.97 7.72
N GLU A 64 -4.87 -2.57 7.86
CA GLU A 64 -5.15 -3.93 7.33
C GLU A 64 -5.35 -3.82 5.80
N GLU A 65 -4.22 -3.72 5.08
CA GLU A 65 -4.21 -3.48 3.63
C GLU A 65 -4.83 -4.67 2.87
N ILE A 66 -5.68 -4.32 1.91
CA ILE A 66 -6.48 -5.25 1.13
C ILE A 66 -5.72 -5.62 -0.17
N SER A 67 -5.49 -6.93 -0.37
CA SER A 67 -4.83 -7.46 -1.58
C SER A 67 -5.85 -7.91 -2.65
N ASN A 68 -7.12 -8.16 -2.23
CA ASN A 68 -8.16 -8.73 -3.10
C ASN A 68 -9.57 -8.26 -2.67
N ARG A 69 -10.47 -8.18 -3.68
CA ARG A 69 -11.81 -7.58 -3.56
C ARG A 69 -12.69 -8.18 -2.43
N LYS A 70 -12.48 -9.48 -2.12
CA LYS A 70 -13.24 -10.18 -1.06
C LYS A 70 -13.02 -9.44 0.28
N GLN A 71 -11.74 -9.19 0.60
CA GLN A 71 -11.33 -8.51 1.85
C GLN A 71 -11.86 -7.06 1.87
N LEU A 72 -11.91 -6.42 0.68
CA LEU A 72 -12.41 -5.04 0.52
C LEU A 72 -13.89 -4.98 0.97
N GLU A 73 -14.71 -5.88 0.41
CA GLU A 73 -16.17 -5.94 0.65
C GLU A 73 -16.49 -6.23 2.13
N GLN A 74 -15.85 -7.29 2.68
CA GLN A 74 -16.08 -7.72 4.07
C GLN A 74 -15.57 -6.66 5.08
N TYR A 75 -14.59 -5.84 4.65
CA TYR A 75 -14.06 -4.70 5.42
C TYR A 75 -15.13 -3.62 5.55
N LEU A 76 -15.75 -3.27 4.40
CA LEU A 76 -16.72 -2.16 4.31
C LEU A 76 -18.00 -2.44 5.14
N LYS A 77 -18.53 -3.66 5.02
CA LYS A 77 -19.74 -4.07 5.77
C LYS A 77 -19.42 -4.19 7.28
N SER A 78 -18.13 -4.46 7.60
CA SER A 78 -17.65 -4.50 9.00
C SER A 78 -17.40 -3.08 9.54
N HIS A 79 -17.05 -2.15 8.63
CA HIS A 79 -16.61 -0.79 8.99
C HIS A 79 -17.37 0.24 8.12
N PRO A 80 -18.58 0.73 8.58
CA PRO A 80 -19.42 1.68 7.79
C PRO A 80 -18.77 3.07 7.67
N GLY A 81 -19.07 3.78 6.56
CA GLY A 81 -18.54 5.12 6.30
C GLY A 81 -17.28 5.10 5.42
N ASN A 82 -16.57 3.95 5.39
CA ASN A 82 -15.43 3.74 4.47
C ASN A 82 -15.93 3.67 3.01
N PRO A 83 -15.29 4.42 2.05
CA PRO A 83 -15.75 4.50 0.64
C PRO A 83 -15.87 3.12 -0.04
N ALA A 84 -16.93 2.96 -0.86
CA ALA A 84 -17.33 1.67 -1.45
C ALA A 84 -16.30 1.11 -2.44
N ILE A 85 -16.38 -0.20 -2.67
CA ILE A 85 -15.53 -0.91 -3.65
C ILE A 85 -15.88 -0.47 -5.10
N ALA A 86 -17.11 0.07 -5.26
CA ALA A 86 -17.65 0.56 -6.54
C ALA A 86 -16.82 1.74 -7.12
N GLU A 87 -16.35 2.61 -6.21
CA GLU A 87 -15.52 3.79 -6.57
C GLU A 87 -14.01 3.46 -6.52
N PHE A 88 -13.69 2.21 -6.14
CA PHE A 88 -12.30 1.70 -6.07
C PHE A 88 -11.94 0.98 -7.39
N ASP A 89 -11.01 1.58 -8.16
CA ASP A 89 -10.56 1.03 -9.45
C ASP A 89 -9.43 0.02 -9.23
N TRP A 90 -9.70 -1.25 -9.56
CA TRP A 90 -8.69 -2.33 -9.57
C TRP A 90 -8.10 -2.49 -10.99
N THR A 91 -8.85 -1.97 -11.99
CA THR A 91 -8.51 -2.07 -13.44
C THR A 91 -7.34 -1.13 -13.84
N THR A 92 -6.70 -0.47 -12.85
CA THR A 92 -5.54 0.41 -13.08
C THR A 92 -4.32 -0.38 -13.63
N SER A 93 -4.35 -1.72 -13.46
CA SER A 93 -3.36 -2.66 -14.01
C SER A 93 -3.34 -2.60 -15.55
N GLY A 94 -4.51 -2.29 -16.15
CA GLY A 94 -4.65 -2.10 -17.59
C GLY A 94 -5.88 -2.79 -18.12
N THR A 95 -5.80 -3.26 -19.38
CA THR A 95 -6.85 -4.04 -20.04
C THR A 95 -6.22 -5.29 -20.69
N MET A 1 -23.01 18.36 52.65
CA MET A 1 -21.55 18.24 52.83
C MET A 1 -20.85 18.21 51.45
N HIS A 2 -20.28 19.37 51.05
CA HIS A 2 -19.50 19.51 49.80
C HIS A 2 -18.03 19.11 50.07
N HIS A 3 -17.59 18.02 49.44
CA HIS A 3 -16.23 17.45 49.58
C HIS A 3 -15.18 18.29 48.83
N HIS A 4 -15.61 18.94 47.72
CA HIS A 4 -14.76 19.80 46.85
C HIS A 4 -13.72 18.98 46.06
N HIS A 5 -13.86 18.98 44.72
CA HIS A 5 -12.89 18.36 43.80
C HIS A 5 -12.36 19.43 42.84
N HIS A 6 -11.04 19.39 42.60
CA HIS A 6 -10.34 20.22 41.62
C HIS A 6 -9.05 19.49 41.23
N HIS A 7 -9.19 18.52 40.30
CA HIS A 7 -8.08 17.67 39.82
C HIS A 7 -7.30 18.40 38.72
N SER A 8 -5.97 18.32 38.78
CA SER A 8 -5.08 18.93 37.78
C SER A 8 -4.94 18.00 36.56
N SER A 9 -4.37 16.80 36.80
CA SER A 9 -4.18 15.74 35.78
C SER A 9 -3.37 16.28 34.57
N GLY A 10 -2.33 17.10 34.88
CA GLY A 10 -1.50 17.77 33.87
C GLY A 10 -0.68 16.81 33.01
N ARG A 11 -0.41 15.61 33.55
CA ARG A 11 0.27 14.53 32.83
C ARG A 11 -0.75 13.51 32.31
N GLU A 12 -0.49 13.00 31.11
CA GLU A 12 -1.24 11.90 30.50
C GLU A 12 -0.92 10.59 31.25
N ASN A 13 0.40 10.26 31.29
CA ASN A 13 0.97 9.10 32.03
C ASN A 13 0.36 7.75 31.56
N LEU A 14 -0.25 7.74 30.35
CA LEU A 14 -0.99 6.58 29.81
C LEU A 14 -0.02 5.53 29.21
N TYR A 15 0.93 6.01 28.40
CA TYR A 15 1.96 5.17 27.74
C TYR A 15 3.19 6.05 27.47
N PHE A 16 3.13 6.83 26.37
CA PHE A 16 4.20 7.73 25.90
C PHE A 16 5.58 7.02 25.86
N GLN A 17 5.78 6.19 24.82
CA GLN A 17 7.04 5.46 24.60
C GLN A 17 7.55 5.82 23.18
N GLY A 18 6.72 5.48 22.17
CA GLY A 18 7.01 5.75 20.75
C GLY A 18 7.13 4.46 19.95
N HIS A 19 6.23 4.27 18.97
CA HIS A 19 6.21 3.07 18.12
C HIS A 19 7.19 3.23 16.94
N MET A 20 8.03 2.19 16.72
CA MET A 20 9.06 2.20 15.67
C MET A 20 8.47 1.80 14.30
N ALA A 21 7.43 0.91 14.33
CA ALA A 21 6.69 0.43 13.13
C ALA A 21 7.63 -0.11 12.03
N SER A 22 7.87 -1.43 12.03
CA SER A 22 8.82 -2.08 11.09
C SER A 22 8.38 -1.87 9.62
N GLY A 23 7.09 -2.18 9.36
CA GLY A 23 6.51 -2.07 8.01
C GLY A 23 7.19 -3.04 7.04
N SER A 24 8.19 -2.53 6.30
CA SER A 24 9.03 -3.31 5.38
C SER A 24 10.20 -2.42 4.93
N GLU A 25 11.08 -2.96 4.07
CA GLU A 25 12.20 -2.20 3.47
C GLU A 25 12.45 -2.69 2.02
N GLU A 26 11.37 -3.16 1.40
CA GLU A 26 11.41 -3.68 0.02
C GLU A 26 11.41 -2.53 -1.00
N GLU A 27 12.49 -2.47 -1.78
CA GLU A 27 12.72 -1.45 -2.83
C GLU A 27 12.16 -1.92 -4.19
N VAL A 28 11.11 -2.74 -4.12
CA VAL A 28 10.44 -3.36 -5.28
C VAL A 28 9.60 -2.31 -6.04
N VAL A 29 9.31 -2.58 -7.34
CA VAL A 29 8.54 -1.66 -8.20
C VAL A 29 7.07 -1.57 -7.72
N SER A 30 6.72 -0.42 -7.15
CA SER A 30 5.39 -0.13 -6.59
C SER A 30 5.13 1.37 -6.71
N VAL A 31 4.14 1.73 -7.54
CA VAL A 31 3.77 3.13 -7.84
C VAL A 31 2.39 3.41 -7.25
N GLU A 32 2.31 4.44 -6.39
CA GLU A 32 1.05 4.86 -5.75
C GLU A 32 0.22 5.70 -6.73
N LEU A 33 -0.96 5.18 -7.07
CA LEU A 33 -1.94 5.85 -7.95
C LEU A 33 -2.97 6.63 -7.08
N PRO A 34 -3.73 7.64 -7.65
CA PRO A 34 -4.71 8.46 -6.89
C PRO A 34 -5.75 7.62 -6.12
N ALA A 35 -6.18 8.16 -4.97
CA ALA A 35 -6.98 7.42 -3.97
C ALA A 35 -7.88 8.35 -3.15
N PRO A 36 -8.87 7.77 -2.38
CA PRO A 36 -9.47 8.46 -1.21
C PRO A 36 -8.39 8.89 -0.19
N SER A 37 -8.60 10.04 0.49
CA SER A 37 -7.68 10.53 1.53
C SER A 37 -7.66 9.58 2.75
N SER A 38 -8.83 8.97 3.03
CA SER A 38 -9.03 7.98 4.12
C SER A 38 -8.21 6.70 3.86
N TRP A 39 -8.20 6.27 2.59
CA TRP A 39 -7.46 5.07 2.13
C TRP A 39 -6.17 5.49 1.42
N LYS A 40 -5.56 4.53 0.72
CA LYS A 40 -4.52 4.80 -0.28
C LYS A 40 -4.61 3.73 -1.38
N LYS A 41 -4.15 4.08 -2.58
CA LYS A 41 -4.16 3.20 -3.76
C LYS A 41 -2.72 3.05 -4.24
N LEU A 42 -2.29 1.81 -4.29
CA LEU A 42 -0.99 1.42 -4.81
C LEU A 42 -1.22 0.38 -5.91
N PHE A 43 -0.48 0.54 -6.99
CA PHE A 43 -0.41 -0.40 -8.11
C PHE A 43 1.02 -0.95 -8.18
N TYR A 44 1.15 -2.27 -8.33
CA TYR A 44 2.44 -2.94 -8.59
C TYR A 44 2.62 -3.13 -10.12
N PRO A 45 3.52 -2.34 -10.78
CA PRO A 45 3.93 -2.59 -12.17
C PRO A 45 5.05 -3.65 -12.25
N ASN A 46 5.77 -3.68 -13.38
CA ASN A 46 6.96 -4.51 -13.57
C ASN A 46 7.84 -3.88 -14.68
N LYS A 47 7.49 -4.17 -15.94
CA LYS A 47 8.20 -3.70 -17.15
C LYS A 47 7.52 -4.32 -18.38
N VAL A 48 7.41 -5.68 -18.36
CA VAL A 48 6.67 -6.47 -19.36
C VAL A 48 5.59 -7.29 -18.62
N GLY A 49 4.38 -7.33 -19.20
CA GLY A 49 3.23 -8.03 -18.60
C GLY A 49 3.14 -9.52 -18.98
N SER A 50 4.30 -10.15 -19.22
CA SER A 50 4.40 -11.59 -19.57
C SER A 50 4.98 -12.40 -18.39
N VAL A 51 5.15 -11.74 -17.23
CA VAL A 51 5.65 -12.36 -15.99
C VAL A 51 4.47 -12.68 -15.04
N LYS A 52 4.78 -13.10 -13.79
CA LYS A 52 3.77 -13.24 -12.72
C LYS A 52 3.16 -11.86 -12.38
N LYS A 53 4.05 -10.91 -11.99
CA LYS A 53 3.70 -9.55 -11.51
C LYS A 53 2.94 -9.63 -10.15
N THR A 54 2.85 -8.51 -9.45
CA THR A 54 2.03 -8.39 -8.23
C THR A 54 0.82 -7.49 -8.54
N GLU A 55 -0.29 -7.71 -7.83
CA GLU A 55 -1.59 -7.06 -8.11
C GLU A 55 -1.69 -5.64 -7.47
N VAL A 56 -2.91 -5.07 -7.50
CA VAL A 56 -3.22 -3.77 -6.87
C VAL A 56 -3.51 -3.96 -5.38
N VAL A 57 -2.87 -3.13 -4.54
CA VAL A 57 -3.03 -3.15 -3.08
C VAL A 57 -3.51 -1.77 -2.60
N PHE A 58 -4.71 -1.72 -1.99
CA PHE A 58 -5.23 -0.55 -1.28
C PHE A 58 -4.75 -0.57 0.18
N VAL A 59 -4.21 0.57 0.66
CA VAL A 59 -3.89 0.78 2.07
C VAL A 59 -5.15 1.20 2.83
N ALA A 60 -5.40 0.49 3.94
CA ALA A 60 -6.54 0.75 4.82
C ALA A 60 -6.20 1.85 5.84
N PRO A 61 -7.23 2.63 6.30
CA PRO A 61 -7.10 3.58 7.44
C PRO A 61 -6.73 2.84 8.75
N THR A 62 -7.10 1.55 8.80
CA THR A 62 -6.80 0.61 9.89
C THR A 62 -5.32 0.18 9.89
N GLY A 63 -4.76 0.03 8.68
CA GLY A 63 -3.52 -0.73 8.48
C GLY A 63 -3.80 -2.18 8.09
N GLU A 64 -5.07 -2.47 7.77
CA GLU A 64 -5.52 -3.78 7.27
C GLU A 64 -5.52 -3.72 5.73
N GLU A 65 -4.32 -3.67 5.14
CA GLU A 65 -4.11 -3.49 3.68
C GLU A 65 -4.82 -4.59 2.88
N ILE A 66 -5.59 -4.15 1.88
CA ILE A 66 -6.38 -5.03 1.03
C ILE A 66 -5.64 -5.22 -0.31
N SER A 67 -5.48 -6.48 -0.73
CA SER A 67 -4.76 -6.85 -1.97
C SER A 67 -5.73 -7.42 -3.03
N ASN A 68 -7.03 -7.49 -2.71
CA ASN A 68 -8.02 -8.21 -3.54
C ASN A 68 -9.46 -7.78 -3.18
N ARG A 69 -10.35 -7.84 -4.19
CA ARG A 69 -11.77 -7.39 -4.09
C ARG A 69 -12.51 -8.02 -2.91
N LYS A 70 -12.25 -9.32 -2.67
CA LYS A 70 -12.91 -10.11 -1.59
C LYS A 70 -12.73 -9.39 -0.26
N GLN A 71 -11.46 -9.13 0.10
CA GLN A 71 -11.11 -8.53 1.39
C GLN A 71 -11.59 -7.08 1.51
N LEU A 72 -11.75 -6.39 0.36
CA LEU A 72 -12.25 -5.00 0.32
C LEU A 72 -13.73 -4.98 0.74
N GLU A 73 -14.53 -5.78 0.04
CA GLU A 73 -16.00 -5.78 0.16
C GLU A 73 -16.44 -6.31 1.53
N GLN A 74 -15.77 -7.38 2.00
CA GLN A 74 -16.01 -7.93 3.34
C GLN A 74 -15.54 -6.96 4.44
N TYR A 75 -14.50 -6.15 4.14
CA TYR A 75 -14.02 -5.07 5.05
C TYR A 75 -15.10 -4.00 5.22
N LEU A 76 -15.79 -3.64 4.12
CA LEU A 76 -16.81 -2.58 4.12
C LEU A 76 -18.06 -2.98 4.93
N LYS A 77 -18.44 -4.26 4.86
CA LYS A 77 -19.63 -4.80 5.58
C LYS A 77 -19.26 -5.23 7.03
N SER A 78 -17.95 -5.41 7.31
CA SER A 78 -17.44 -5.71 8.68
C SER A 78 -17.03 -4.42 9.41
N HIS A 79 -16.75 -3.36 8.64
CA HIS A 79 -16.34 -2.04 9.13
C HIS A 79 -17.13 -0.98 8.33
N PRO A 80 -18.43 -0.73 8.70
CA PRO A 80 -19.31 0.25 8.00
C PRO A 80 -18.77 1.69 8.08
N GLY A 81 -18.98 2.46 7.00
CA GLY A 81 -18.56 3.86 6.94
C GLY A 81 -17.48 4.11 5.89
N ASN A 82 -16.58 3.13 5.69
CA ASN A 82 -15.45 3.26 4.75
C ASN A 82 -15.94 3.30 3.28
N PRO A 83 -15.31 4.17 2.41
CA PRO A 83 -15.69 4.36 0.97
C PRO A 83 -15.91 3.05 0.16
N ALA A 84 -16.79 3.13 -0.86
CA ALA A 84 -17.27 1.95 -1.63
C ALA A 84 -16.18 1.39 -2.56
N ILE A 85 -16.32 0.10 -2.95
CA ILE A 85 -15.40 -0.51 -3.93
C ILE A 85 -15.75 -0.04 -5.36
N ALA A 86 -17.00 0.43 -5.55
CA ALA A 86 -17.50 0.94 -6.85
C ALA A 86 -16.77 2.23 -7.30
N GLU A 87 -16.11 2.91 -6.35
CA GLU A 87 -15.27 4.10 -6.65
C GLU A 87 -13.76 3.72 -6.62
N PHE A 88 -13.44 2.54 -6.04
CA PHE A 88 -12.04 2.03 -5.95
C PHE A 88 -11.62 1.38 -7.25
N ASP A 89 -10.65 2.00 -7.94
CA ASP A 89 -10.08 1.48 -9.18
C ASP A 89 -9.05 0.39 -8.86
N TRP A 90 -9.23 -0.79 -9.45
CA TRP A 90 -8.24 -1.89 -9.45
C TRP A 90 -7.67 -2.08 -10.88
N THR A 91 -8.28 -1.39 -11.87
CA THR A 91 -8.15 -1.70 -13.30
C THR A 91 -7.28 -0.64 -14.05
N THR A 92 -6.52 0.20 -13.30
CA THR A 92 -5.57 1.19 -13.90
C THR A 92 -4.46 0.49 -14.71
N SER A 93 -4.28 -0.84 -14.48
CA SER A 93 -3.32 -1.68 -15.19
C SER A 93 -3.56 -1.71 -16.72
N GLY A 94 -4.82 -1.46 -17.14
CA GLY A 94 -5.19 -1.50 -18.55
C GLY A 94 -6.14 -0.37 -18.94
N THR A 95 -7.36 -0.40 -18.38
CA THR A 95 -8.47 0.48 -18.78
C THR A 95 -9.40 0.80 -17.58
N MET A 1 -7.89 58.52 4.37
CA MET A 1 -8.27 58.83 5.76
C MET A 1 -8.36 57.54 6.59
N HIS A 2 -7.32 57.27 7.39
CA HIS A 2 -7.29 56.23 8.45
C HIS A 2 -5.97 56.32 9.21
N HIS A 3 -5.98 57.09 10.32
CA HIS A 3 -4.84 57.20 11.24
C HIS A 3 -4.76 55.88 12.04
N HIS A 4 -4.03 54.90 11.49
CA HIS A 4 -3.94 53.54 12.05
C HIS A 4 -2.48 53.09 12.11
N HIS A 5 -2.04 52.68 13.30
CA HIS A 5 -0.70 52.11 13.53
C HIS A 5 -0.86 50.74 14.21
N HIS A 6 -0.12 49.74 13.71
CA HIS A 6 -0.11 48.39 14.26
C HIS A 6 1.36 47.95 14.39
N HIS A 7 1.83 47.81 15.65
CA HIS A 7 3.15 47.28 15.96
C HIS A 7 3.01 45.96 16.69
N SER A 8 4.04 45.10 16.57
CA SER A 8 4.02 43.74 17.11
C SER A 8 5.46 43.22 17.31
N SER A 9 5.57 42.13 18.09
CA SER A 9 6.85 41.48 18.42
C SER A 9 7.34 40.59 17.26
N GLY A 10 6.38 40.05 16.48
CA GLY A 10 6.68 39.14 15.37
C GLY A 10 7.01 37.73 15.85
N ARG A 11 6.41 37.35 17.00
CA ARG A 11 6.64 36.05 17.66
C ARG A 11 6.05 34.90 16.83
N GLU A 12 6.85 33.83 16.68
CA GLU A 12 6.52 32.64 15.88
C GLU A 12 6.55 31.39 16.79
N ASN A 13 5.53 30.53 16.64
CA ASN A 13 5.45 29.23 17.34
C ASN A 13 4.57 28.28 16.50
N LEU A 14 5.15 27.12 16.14
CA LEU A 14 4.50 26.07 15.34
C LEU A 14 4.98 24.69 15.80
N TYR A 15 4.47 23.62 15.15
CA TYR A 15 4.86 22.24 15.48
C TYR A 15 6.18 21.88 14.77
N PHE A 16 7.15 21.36 15.57
CA PHE A 16 8.50 20.96 15.09
C PHE A 16 8.62 19.42 14.99
N GLN A 17 7.49 18.73 15.21
CA GLN A 17 7.39 17.25 15.15
C GLN A 17 7.77 16.72 13.75
N GLY A 18 8.38 15.52 13.72
CA GLY A 18 8.79 14.90 12.47
C GLY A 18 9.43 13.54 12.70
N HIS A 19 8.61 12.55 13.05
CA HIS A 19 9.05 11.14 13.23
C HIS A 19 8.61 10.30 12.03
N MET A 20 9.58 9.59 11.41
CA MET A 20 9.30 8.68 10.28
C MET A 20 10.35 7.55 10.23
N ALA A 21 9.88 6.32 10.49
CA ALA A 21 10.67 5.08 10.37
C ALA A 21 9.73 3.96 9.93
N SER A 22 9.76 3.62 8.64
CA SER A 22 8.82 2.66 8.04
C SER A 22 9.39 2.07 6.74
N GLY A 23 8.67 1.06 6.20
CA GLY A 23 9.04 0.41 4.94
C GLY A 23 9.86 -0.85 5.15
N SER A 24 9.54 -1.90 4.38
CA SER A 24 10.30 -3.15 4.38
C SER A 24 11.53 -3.04 3.46
N GLU A 25 12.49 -3.95 3.63
CA GLU A 25 13.70 -4.04 2.79
C GLU A 25 13.34 -4.75 1.46
N GLU A 26 12.58 -4.04 0.61
CA GLU A 26 12.14 -4.55 -0.71
C GLU A 26 12.27 -3.41 -1.74
N GLU A 27 13.36 -3.45 -2.53
CA GLU A 27 13.60 -2.51 -3.63
C GLU A 27 12.81 -2.96 -4.86
N VAL A 28 11.53 -2.56 -4.88
CA VAL A 28 10.57 -2.88 -5.95
C VAL A 28 9.76 -1.62 -6.30
N VAL A 29 9.41 -1.48 -7.58
CA VAL A 29 8.62 -0.34 -8.08
C VAL A 29 7.11 -0.54 -7.78
N SER A 30 6.49 0.47 -7.16
CA SER A 30 5.06 0.49 -6.84
C SER A 30 4.53 1.92 -7.04
N VAL A 31 3.57 2.08 -7.97
CA VAL A 31 3.03 3.38 -8.36
C VAL A 31 1.68 3.58 -7.66
N GLU A 32 1.62 4.59 -6.78
CA GLU A 32 0.42 4.91 -6.01
C GLU A 32 -0.55 5.73 -6.88
N LEU A 33 -1.64 5.07 -7.32
CA LEU A 33 -2.71 5.68 -8.14
C LEU A 33 -3.73 6.41 -7.23
N PRO A 34 -4.62 7.32 -7.79
CA PRO A 34 -5.54 8.12 -6.94
C PRO A 34 -6.57 7.26 -6.16
N ALA A 35 -6.97 7.77 -4.99
CA ALA A 35 -7.83 7.06 -4.03
C ALA A 35 -8.84 8.04 -3.39
N PRO A 36 -9.89 7.54 -2.65
CA PRO A 36 -10.66 8.37 -1.71
C PRO A 36 -9.75 8.87 -0.55
N SER A 37 -10.13 10.00 0.08
CA SER A 37 -9.39 10.59 1.21
C SER A 37 -9.34 9.63 2.43
N SER A 38 -10.31 8.71 2.48
CA SER A 38 -10.44 7.70 3.53
C SER A 38 -9.33 6.61 3.42
N TRP A 39 -9.00 6.23 2.17
CA TRP A 39 -8.07 5.12 1.86
C TRP A 39 -6.85 5.62 1.07
N LYS A 40 -6.03 4.65 0.61
CA LYS A 40 -4.97 4.85 -0.37
C LYS A 40 -4.97 3.68 -1.36
N LYS A 41 -4.68 3.99 -2.62
CA LYS A 41 -4.62 3.06 -3.76
C LYS A 41 -3.17 2.96 -4.25
N LEU A 42 -2.62 1.76 -4.15
CA LEU A 42 -1.28 1.43 -4.65
C LEU A 42 -1.43 0.33 -5.71
N PHE A 43 -0.87 0.58 -6.90
CA PHE A 43 -0.74 -0.40 -7.98
C PHE A 43 0.72 -0.86 -8.02
N TYR A 44 0.92 -2.17 -8.14
CA TYR A 44 2.26 -2.76 -8.30
C TYR A 44 2.48 -3.10 -9.80
N PRO A 45 3.30 -2.30 -10.57
CA PRO A 45 3.80 -2.70 -11.89
C PRO A 45 4.99 -3.67 -11.75
N ASN A 46 5.27 -4.45 -12.79
CA ASN A 46 6.36 -5.43 -12.78
C ASN A 46 7.35 -5.10 -13.93
N LYS A 47 7.07 -5.59 -15.16
CA LYS A 47 7.92 -5.35 -16.34
C LYS A 47 7.02 -5.03 -17.57
N VAL A 48 6.67 -6.06 -18.37
CA VAL A 48 5.80 -5.94 -19.56
C VAL A 48 4.90 -7.19 -19.63
N GLY A 49 5.55 -8.38 -19.73
CA GLY A 49 4.84 -9.65 -19.85
C GLY A 49 5.78 -10.86 -19.79
N SER A 50 5.18 -12.07 -19.84
CA SER A 50 5.88 -13.37 -19.68
C SER A 50 6.55 -13.47 -18.30
N VAL A 51 5.90 -12.85 -17.30
CA VAL A 51 6.39 -12.72 -15.92
C VAL A 51 5.32 -13.19 -14.92
N LYS A 52 5.72 -13.29 -13.64
CA LYS A 52 4.83 -13.62 -12.51
C LYS A 52 3.80 -12.49 -12.31
N LYS A 53 4.28 -11.21 -12.41
CA LYS A 53 3.47 -9.97 -12.34
C LYS A 53 2.84 -9.78 -10.93
N THR A 54 2.78 -8.52 -10.46
CA THR A 54 2.26 -8.14 -9.13
C THR A 54 0.93 -7.38 -9.25
N GLU A 55 0.10 -7.46 -8.19
CA GLU A 55 -1.33 -7.06 -8.18
C GLU A 55 -1.55 -5.70 -7.47
N VAL A 56 -2.83 -5.28 -7.40
CA VAL A 56 -3.27 -4.03 -6.75
C VAL A 56 -3.44 -4.25 -5.23
N VAL A 57 -2.90 -3.31 -4.42
CA VAL A 57 -3.07 -3.28 -2.96
C VAL A 57 -3.70 -1.94 -2.54
N PHE A 58 -4.87 -1.98 -1.90
CA PHE A 58 -5.48 -0.82 -1.26
C PHE A 58 -5.02 -0.73 0.20
N VAL A 59 -4.44 0.40 0.58
CA VAL A 59 -4.08 0.69 1.97
C VAL A 59 -5.33 1.20 2.72
N ALA A 60 -5.65 0.50 3.82
CA ALA A 60 -6.79 0.80 4.68
C ALA A 60 -6.46 1.94 5.64
N PRO A 61 -7.48 2.73 6.12
CA PRO A 61 -7.28 3.85 7.09
C PRO A 61 -6.66 3.37 8.43
N THR A 62 -6.99 2.13 8.84
CA THR A 62 -6.51 1.52 10.10
C THR A 62 -5.20 0.72 9.88
N GLY A 63 -4.78 0.57 8.60
CA GLY A 63 -3.56 -0.16 8.26
C GLY A 63 -3.78 -1.64 7.95
N GLU A 64 -5.04 -2.12 8.05
CA GLU A 64 -5.41 -3.50 7.65
C GLU A 64 -5.60 -3.54 6.12
N GLU A 65 -4.46 -3.52 5.41
CA GLU A 65 -4.42 -3.35 3.95
C GLU A 65 -5.05 -4.54 3.21
N ILE A 66 -5.70 -4.24 2.09
CA ILE A 66 -6.39 -5.22 1.25
C ILE A 66 -5.51 -5.56 0.02
N SER A 67 -5.29 -6.87 -0.19
CA SER A 67 -4.43 -7.38 -1.28
C SER A 67 -5.27 -7.82 -2.50
N ASN A 68 -6.59 -7.97 -2.29
CA ASN A 68 -7.49 -8.64 -3.25
C ASN A 68 -8.94 -8.14 -3.06
N ARG A 69 -9.67 -8.05 -4.19
CA ARG A 69 -10.95 -7.31 -4.30
C ARG A 69 -12.09 -7.90 -3.41
N LYS A 70 -12.02 -9.20 -3.11
CA LYS A 70 -13.00 -9.87 -2.21
C LYS A 70 -12.86 -9.30 -0.78
N GLN A 71 -11.59 -9.24 -0.29
CA GLN A 71 -11.29 -8.76 1.07
C GLN A 71 -11.66 -7.30 1.27
N LEU A 72 -11.74 -6.53 0.17
CA LEU A 72 -12.18 -5.12 0.20
C LEU A 72 -13.66 -5.06 0.63
N GLU A 73 -14.50 -5.82 -0.07
CA GLU A 73 -15.98 -5.81 0.11
C GLU A 73 -16.37 -6.29 1.51
N GLN A 74 -15.76 -7.42 1.95
CA GLN A 74 -16.04 -8.03 3.25
C GLN A 74 -15.48 -7.15 4.40
N TYR A 75 -14.43 -6.33 4.10
CA TYR A 75 -13.88 -5.33 5.05
C TYR A 75 -14.94 -4.25 5.32
N LEU A 76 -15.50 -3.67 4.24
CA LEU A 76 -16.43 -2.51 4.31
C LEU A 76 -17.69 -2.81 5.13
N LYS A 77 -18.29 -3.99 4.87
CA LYS A 77 -19.51 -4.43 5.61
C LYS A 77 -19.19 -4.72 7.09
N SER A 78 -17.95 -5.20 7.35
CA SER A 78 -17.48 -5.54 8.72
C SER A 78 -16.92 -4.31 9.45
N HIS A 79 -16.66 -3.21 8.72
CA HIS A 79 -16.04 -1.97 9.25
C HIS A 79 -16.80 -0.74 8.69
N PRO A 80 -17.84 -0.22 9.42
CA PRO A 80 -18.63 0.95 8.97
C PRO A 80 -17.83 2.28 9.09
N GLY A 81 -18.21 3.27 8.26
CA GLY A 81 -17.49 4.54 8.16
C GLY A 81 -16.61 4.61 6.91
N ASN A 82 -16.28 3.42 6.36
CA ASN A 82 -15.45 3.27 5.15
C ASN A 82 -16.34 3.32 3.88
N PRO A 83 -15.90 4.05 2.79
CA PRO A 83 -16.71 4.24 1.56
C PRO A 83 -16.80 2.95 0.70
N ALA A 84 -17.84 2.91 -0.17
CA ALA A 84 -18.16 1.73 -0.99
C ALA A 84 -17.08 1.45 -2.06
N ILE A 85 -16.92 0.16 -2.41
CA ILE A 85 -15.91 -0.31 -3.40
C ILE A 85 -16.27 0.16 -4.84
N ALA A 86 -17.50 0.68 -5.00
CA ALA A 86 -17.99 1.28 -6.26
C ALA A 86 -17.09 2.43 -6.75
N GLU A 87 -16.47 3.17 -5.81
CA GLU A 87 -15.54 4.29 -6.11
C GLU A 87 -14.04 3.86 -6.01
N PHE A 88 -13.79 2.57 -5.73
CA PHE A 88 -12.42 2.01 -5.61
C PHE A 88 -11.98 1.43 -6.96
N ASP A 89 -10.97 2.05 -7.56
CA ASP A 89 -10.43 1.62 -8.87
C ASP A 89 -9.52 0.40 -8.70
N TRP A 90 -9.82 -0.68 -9.43
CA TRP A 90 -8.96 -1.89 -9.54
C TRP A 90 -8.45 -2.06 -11.00
N THR A 91 -8.99 -1.21 -11.91
CA THR A 91 -8.87 -1.38 -13.39
C THR A 91 -7.85 -0.41 -14.02
N THR A 92 -6.98 0.22 -13.18
CA THR A 92 -5.98 1.22 -13.63
C THR A 92 -4.88 0.64 -14.57
N SER A 93 -4.86 -0.71 -14.73
CA SER A 93 -3.84 -1.46 -15.50
C SER A 93 -3.54 -0.82 -16.88
N GLY A 94 -2.40 -0.08 -16.94
CA GLY A 94 -2.04 0.71 -18.11
C GLY A 94 -2.48 2.16 -17.96
N THR A 95 -3.41 2.62 -18.83
CA THR A 95 -3.98 3.98 -18.81
C THR A 95 -5.52 3.91 -19.02
N MET A 1 54.67 20.13 -36.42
CA MET A 1 53.49 19.35 -35.98
C MET A 1 52.51 20.25 -35.20
N HIS A 2 51.24 19.82 -35.14
CA HIS A 2 50.19 20.49 -34.34
C HIS A 2 49.45 19.44 -33.52
N HIS A 3 50.11 18.97 -32.45
CA HIS A 3 49.57 17.94 -31.52
C HIS A 3 49.77 18.39 -30.06
N HIS A 4 48.94 17.84 -29.16
CA HIS A 4 48.99 18.11 -27.72
C HIS A 4 49.60 16.92 -26.98
N HIS A 5 50.58 17.21 -26.11
CA HIS A 5 51.27 16.22 -25.25
C HIS A 5 51.37 16.79 -23.82
N HIS A 6 51.37 15.87 -22.83
CA HIS A 6 51.43 16.19 -21.39
C HIS A 6 50.22 17.06 -20.99
N HIS A 7 49.03 16.44 -20.95
CA HIS A 7 47.78 17.14 -20.59
C HIS A 7 47.61 17.12 -19.05
N SER A 8 47.92 18.26 -18.43
CA SER A 8 47.76 18.47 -16.98
C SER A 8 46.26 18.48 -16.61
N SER A 9 45.80 17.40 -15.96
CA SER A 9 44.39 17.21 -15.58
C SER A 9 44.30 16.57 -14.18
N GLY A 10 43.15 16.76 -13.50
CA GLY A 10 42.92 16.21 -12.17
C GLY A 10 41.44 16.06 -11.85
N ARG A 11 40.93 14.81 -11.89
CA ARG A 11 39.53 14.49 -11.59
C ARG A 11 39.47 13.35 -10.56
N GLU A 12 39.36 13.72 -9.27
CA GLU A 12 39.19 12.80 -8.15
C GLU A 12 37.85 13.11 -7.47
N ASN A 13 36.87 12.23 -7.72
CA ASN A 13 35.52 12.34 -7.14
C ASN A 13 34.95 10.94 -6.90
N LEU A 14 34.50 10.70 -5.65
CA LEU A 14 33.89 9.45 -5.20
C LEU A 14 33.19 9.67 -3.85
N TYR A 15 32.60 8.61 -3.29
CA TYR A 15 32.06 8.62 -1.92
C TYR A 15 33.10 7.96 -0.99
N PHE A 16 33.82 8.78 -0.21
CA PHE A 16 34.83 8.30 0.74
C PHE A 16 34.13 7.88 2.04
N GLN A 17 33.61 6.64 2.06
CA GLN A 17 32.89 6.06 3.21
C GLN A 17 32.81 4.54 3.05
N GLY A 18 32.76 3.84 4.19
CA GLY A 18 32.72 2.38 4.22
C GLY A 18 31.80 1.88 5.33
N HIS A 19 30.49 1.83 5.01
CA HIS A 19 29.44 1.40 5.97
C HIS A 19 29.54 -0.11 6.22
N MET A 20 29.38 -0.51 7.49
CA MET A 20 29.39 -1.92 7.90
C MET A 20 27.96 -2.35 8.28
N ALA A 21 27.32 -3.10 7.37
CA ALA A 21 25.93 -3.57 7.53
C ALA A 21 25.76 -4.91 6.79
N SER A 22 24.96 -5.81 7.39
CA SER A 22 24.66 -7.14 6.83
C SER A 22 23.14 -7.41 6.90
N GLY A 23 22.44 -7.22 5.76
CA GLY A 23 20.99 -7.43 5.67
C GLY A 23 20.56 -7.88 4.29
N SER A 24 20.06 -6.92 3.48
CA SER A 24 19.61 -7.16 2.10
C SER A 24 19.35 -5.81 1.39
N GLU A 25 19.22 -5.85 0.06
CA GLU A 25 18.92 -4.65 -0.76
C GLU A 25 17.99 -5.06 -1.92
N GLU A 26 16.68 -5.17 -1.61
CA GLU A 26 15.65 -5.58 -2.59
C GLU A 26 14.56 -4.50 -2.67
N GLU A 27 14.80 -3.50 -3.51
CA GLU A 27 13.86 -2.39 -3.76
C GLU A 27 12.95 -2.74 -4.96
N VAL A 28 11.73 -3.23 -4.67
CA VAL A 28 10.74 -3.57 -5.71
C VAL A 28 9.99 -2.29 -6.16
N VAL A 29 9.77 -2.17 -7.48
CA VAL A 29 9.09 -1.01 -8.07
C VAL A 29 7.59 -1.03 -7.69
N SER A 30 7.14 0.09 -7.10
CA SER A 30 5.78 0.24 -6.56
C SER A 30 5.30 1.67 -6.83
N VAL A 31 4.11 1.84 -7.44
CA VAL A 31 3.52 3.16 -7.73
C VAL A 31 2.16 3.26 -7.07
N GLU A 32 1.97 4.30 -6.24
CA GLU A 32 0.68 4.60 -5.61
C GLU A 32 -0.19 5.38 -6.61
N LEU A 33 -1.21 4.70 -7.12
CA LEU A 33 -2.18 5.27 -8.08
C LEU A 33 -3.20 6.15 -7.30
N PRO A 34 -3.93 7.11 -7.99
CA PRO A 34 -4.83 8.08 -7.31
C PRO A 34 -5.87 7.39 -6.40
N ALA A 35 -5.91 7.84 -5.14
CA ALA A 35 -6.64 7.18 -4.06
C ALA A 35 -7.82 8.05 -3.56
N PRO A 36 -8.85 7.42 -2.91
CA PRO A 36 -9.82 8.17 -2.09
C PRO A 36 -9.13 8.71 -0.81
N SER A 37 -9.51 9.93 -0.39
CA SER A 37 -8.88 10.65 0.74
C SER A 37 -8.92 9.85 2.08
N SER A 38 -9.92 8.95 2.19
CA SER A 38 -10.07 8.09 3.38
C SER A 38 -9.02 6.96 3.38
N TRP A 39 -8.78 6.38 2.20
CA TRP A 39 -7.88 5.23 2.01
C TRP A 39 -6.58 5.66 1.30
N LYS A 40 -5.82 4.65 0.86
CA LYS A 40 -4.68 4.80 -0.06
C LYS A 40 -4.74 3.67 -1.10
N LYS A 41 -4.24 3.94 -2.29
CA LYS A 41 -4.33 3.06 -3.46
C LYS A 41 -2.92 2.88 -4.03
N LEU A 42 -2.45 1.63 -3.97
CA LEU A 42 -1.15 1.22 -4.48
C LEU A 42 -1.35 0.16 -5.57
N PHE A 43 -0.44 0.17 -6.54
CA PHE A 43 -0.33 -0.84 -7.59
C PHE A 43 1.15 -1.22 -7.74
N TYR A 44 1.40 -2.52 -7.95
CA TYR A 44 2.75 -3.02 -8.26
C TYR A 44 2.91 -3.19 -9.78
N PRO A 45 3.67 -2.28 -10.49
CA PRO A 45 3.97 -2.44 -11.94
C PRO A 45 5.01 -3.54 -12.22
N ASN A 46 4.91 -4.14 -13.42
CA ASN A 46 5.87 -5.14 -13.91
C ASN A 46 6.99 -4.43 -14.71
N LYS A 47 8.26 -4.73 -14.34
CA LYS A 47 9.47 -4.16 -14.96
C LYS A 47 9.50 -4.43 -16.48
N VAL A 48 9.35 -5.72 -16.83
CA VAL A 48 9.23 -6.19 -18.22
C VAL A 48 7.73 -6.36 -18.56
N GLY A 49 7.36 -6.19 -19.84
CA GLY A 49 5.97 -6.39 -20.28
C GLY A 49 5.55 -7.87 -20.28
N SER A 50 4.22 -8.11 -20.38
CA SER A 50 3.57 -9.45 -20.47
C SER A 50 3.52 -10.20 -19.12
N VAL A 51 4.65 -10.23 -18.39
CA VAL A 51 4.78 -10.94 -17.10
C VAL A 51 3.85 -10.34 -16.02
N LYS A 52 3.16 -11.23 -15.29
CA LYS A 52 2.21 -10.84 -14.23
C LYS A 52 2.94 -10.65 -12.89
N LYS A 53 3.05 -9.39 -12.45
CA LYS A 53 3.56 -9.03 -11.10
C LYS A 53 2.38 -8.88 -10.12
N THR A 54 2.72 -8.51 -8.87
CA THR A 54 1.74 -8.35 -7.78
C THR A 54 0.61 -7.36 -8.17
N GLU A 55 -0.62 -7.68 -7.73
CA GLU A 55 -1.82 -6.90 -8.06
C GLU A 55 -1.91 -5.60 -7.22
N VAL A 56 -3.10 -4.99 -7.23
CA VAL A 56 -3.39 -3.74 -6.51
C VAL A 56 -3.63 -4.05 -5.02
N VAL A 57 -3.07 -3.18 -4.15
CA VAL A 57 -3.28 -3.24 -2.69
C VAL A 57 -3.79 -1.87 -2.21
N PHE A 58 -5.01 -1.84 -1.65
CA PHE A 58 -5.56 -0.66 -0.96
C PHE A 58 -5.11 -0.66 0.51
N VAL A 59 -4.51 0.45 0.94
CA VAL A 59 -4.20 0.70 2.36
C VAL A 59 -5.47 1.21 3.07
N ALA A 60 -5.81 0.54 4.19
CA ALA A 60 -6.99 0.87 4.99
C ALA A 60 -6.68 2.01 5.99
N PRO A 61 -7.71 2.87 6.30
CA PRO A 61 -7.58 3.94 7.33
C PRO A 61 -7.33 3.37 8.76
N THR A 62 -7.73 2.11 8.97
CA THR A 62 -7.49 1.40 10.24
C THR A 62 -6.17 0.59 10.20
N GLY A 63 -5.55 0.45 9.00
CA GLY A 63 -4.30 -0.33 8.84
C GLY A 63 -4.54 -1.79 8.48
N GLU A 64 -5.82 -2.25 8.52
CA GLU A 64 -6.21 -3.60 8.04
C GLU A 64 -6.26 -3.59 6.50
N GLU A 65 -5.06 -3.64 5.90
CA GLU A 65 -4.87 -3.45 4.45
C GLU A 65 -5.56 -4.56 3.64
N ILE A 66 -6.00 -4.17 2.45
CA ILE A 66 -6.77 -5.01 1.56
C ILE A 66 -5.96 -5.29 0.27
N SER A 67 -5.68 -6.57 -0.01
CA SER A 67 -4.86 -6.99 -1.16
C SER A 67 -5.70 -7.61 -2.30
N ASN A 68 -7.00 -7.88 -2.05
CA ASN A 68 -7.93 -8.39 -3.09
C ASN A 68 -9.34 -7.80 -2.89
N ARG A 69 -10.12 -7.83 -3.98
CA ARG A 69 -11.45 -7.21 -4.07
C ARG A 69 -12.44 -7.78 -3.02
N LYS A 70 -12.33 -9.10 -2.75
CA LYS A 70 -13.19 -9.81 -1.77
C LYS A 70 -13.00 -9.16 -0.38
N GLN A 71 -11.72 -9.03 0.04
CA GLN A 71 -11.35 -8.45 1.35
C GLN A 71 -11.90 -7.02 1.51
N LEU A 72 -12.01 -6.29 0.37
CA LEU A 72 -12.55 -4.91 0.33
C LEU A 72 -14.06 -4.94 0.67
N GLU A 73 -14.79 -5.82 -0.05
CA GLU A 73 -16.27 -5.94 0.04
C GLU A 73 -16.72 -6.35 1.46
N GLN A 74 -16.08 -7.43 1.98
CA GLN A 74 -16.38 -7.98 3.31
C GLN A 74 -15.99 -6.99 4.42
N TYR A 75 -14.93 -6.19 4.18
CA TYR A 75 -14.47 -5.13 5.10
C TYR A 75 -15.58 -4.09 5.30
N LEU A 76 -16.14 -3.58 4.18
CA LEU A 76 -17.09 -2.46 4.19
C LEU A 76 -18.41 -2.84 4.89
N LYS A 77 -18.95 -4.03 4.57
CA LYS A 77 -20.21 -4.51 5.18
C LYS A 77 -20.02 -4.87 6.67
N SER A 78 -18.75 -5.11 7.06
CA SER A 78 -18.35 -5.37 8.47
C SER A 78 -17.94 -4.06 9.19
N HIS A 79 -17.62 -3.03 8.42
CA HIS A 79 -17.11 -1.74 8.94
C HIS A 79 -17.83 -0.57 8.25
N PRO A 80 -18.94 -0.03 8.86
CA PRO A 80 -19.64 1.16 8.33
C PRO A 80 -18.81 2.45 8.52
N GLY A 81 -19.17 3.50 7.77
CA GLY A 81 -18.45 4.79 7.82
C GLY A 81 -17.28 4.84 6.85
N ASN A 82 -17.01 3.73 6.15
CA ASN A 82 -15.95 3.63 5.13
C ASN A 82 -16.55 3.82 3.70
N PRO A 83 -15.81 4.48 2.75
CA PRO A 83 -16.29 4.69 1.36
C PRO A 83 -16.48 3.35 0.60
N ALA A 84 -17.52 3.30 -0.24
CA ALA A 84 -17.97 2.08 -0.93
C ALA A 84 -16.98 1.61 -2.01
N ILE A 85 -17.10 0.34 -2.41
CA ILE A 85 -16.23 -0.25 -3.46
C ILE A 85 -16.62 0.27 -4.87
N ALA A 86 -17.84 0.87 -4.96
CA ALA A 86 -18.36 1.51 -6.19
C ALA A 86 -17.46 2.67 -6.66
N GLU A 87 -16.86 3.38 -5.71
CA GLU A 87 -15.98 4.55 -5.97
C GLU A 87 -14.49 4.15 -5.93
N PHE A 88 -14.22 2.86 -5.62
CA PHE A 88 -12.85 2.30 -5.63
C PHE A 88 -12.52 1.71 -7.01
N ASP A 89 -11.23 1.70 -7.34
CA ASP A 89 -10.73 1.15 -8.61
C ASP A 89 -9.75 0.00 -8.33
N TRP A 90 -10.04 -1.18 -8.87
CA TRP A 90 -9.13 -2.35 -8.85
C TRP A 90 -8.62 -2.67 -10.27
N THR A 91 -9.10 -1.89 -11.27
CA THR A 91 -8.93 -2.21 -12.70
C THR A 91 -7.91 -1.26 -13.38
N THR A 92 -7.10 -0.54 -12.58
CA THR A 92 -6.07 0.41 -13.09
C THR A 92 -5.00 -0.31 -13.94
N SER A 93 -4.89 -1.64 -13.76
CA SER A 93 -3.99 -2.49 -14.52
C SER A 93 -4.50 -2.69 -15.97
N GLY A 94 -4.25 -1.67 -16.80
CA GLY A 94 -4.59 -1.73 -18.23
C GLY A 94 -3.43 -2.27 -19.06
N THR A 95 -3.68 -3.35 -19.81
CA THR A 95 -2.68 -3.98 -20.68
C THR A 95 -2.64 -3.28 -22.06
N MET A 1 39.47 18.77 -47.40
CA MET A 1 38.20 19.51 -47.56
C MET A 1 37.15 18.94 -46.58
N HIS A 2 36.40 19.85 -45.92
CA HIS A 2 35.35 19.51 -44.93
C HIS A 2 34.56 20.79 -44.59
N HIS A 3 33.22 20.71 -44.54
CA HIS A 3 32.35 21.88 -44.29
C HIS A 3 32.18 22.09 -42.76
N HIS A 4 33.26 22.62 -42.15
CA HIS A 4 33.37 22.92 -40.69
C HIS A 4 33.03 21.69 -39.81
N HIS A 5 31.74 21.57 -39.42
CA HIS A 5 31.20 20.51 -38.54
C HIS A 5 29.72 20.83 -38.23
N HIS A 6 28.89 19.79 -38.04
CA HIS A 6 27.44 19.92 -37.74
C HIS A 6 27.05 18.89 -36.67
N HIS A 7 26.70 19.39 -35.46
CA HIS A 7 26.25 18.56 -34.32
C HIS A 7 25.17 19.31 -33.51
N SER A 8 24.10 18.59 -33.16
CA SER A 8 22.97 19.13 -32.39
C SER A 8 23.27 19.05 -30.88
N SER A 9 23.09 20.17 -30.17
CA SER A 9 23.39 20.30 -28.74
C SER A 9 22.21 19.79 -27.87
N GLY A 10 22.24 18.48 -27.58
CA GLY A 10 21.25 17.82 -26.71
C GLY A 10 21.82 17.55 -25.31
N ARG A 11 20.91 17.33 -24.34
CA ARG A 11 21.28 17.15 -22.92
C ARG A 11 20.92 15.72 -22.47
N GLU A 12 21.63 15.24 -21.44
CA GLU A 12 21.29 14.00 -20.72
C GLU A 12 20.61 14.40 -19.39
N ASN A 13 21.38 15.11 -18.53
CA ASN A 13 20.93 15.59 -17.21
C ASN A 13 20.43 14.45 -16.30
N LEU A 14 21.36 13.76 -15.62
CA LEU A 14 21.02 12.79 -14.56
C LEU A 14 21.62 13.26 -13.23
N TYR A 15 20.76 13.30 -12.22
CA TYR A 15 21.17 13.54 -10.84
C TYR A 15 21.35 12.19 -10.16
N PHE A 16 20.29 11.34 -10.23
CA PHE A 16 20.23 9.97 -9.69
C PHE A 16 20.69 9.90 -8.20
N GLN A 17 20.52 11.04 -7.49
CA GLN A 17 20.97 11.22 -6.09
C GLN A 17 19.78 11.06 -5.13
N GLY A 18 20.07 10.53 -3.94
CA GLY A 18 19.04 10.26 -2.93
C GLY A 18 19.67 9.87 -1.60
N HIS A 19 19.18 10.48 -0.51
CA HIS A 19 19.64 10.20 0.86
C HIS A 19 18.87 9.00 1.43
N MET A 20 19.60 7.96 1.87
CA MET A 20 19.00 6.73 2.44
C MET A 20 19.74 6.35 3.73
N ALA A 21 18.97 6.27 4.82
CA ALA A 21 19.49 5.87 6.14
C ALA A 21 18.97 4.46 6.54
N SER A 22 17.88 4.03 5.88
CA SER A 22 17.27 2.70 6.12
C SER A 22 18.06 1.61 5.37
N GLY A 23 18.48 0.56 6.11
CA GLY A 23 19.21 -0.56 5.54
C GLY A 23 18.31 -1.48 4.72
N SER A 24 17.15 -1.84 5.31
CA SER A 24 16.10 -2.63 4.64
C SER A 24 15.25 -1.70 3.76
N GLU A 25 15.79 -1.39 2.56
CA GLU A 25 15.13 -0.52 1.58
C GLU A 25 14.20 -1.39 0.69
N GLU A 26 12.89 -1.18 0.86
CA GLU A 26 11.85 -1.96 0.14
C GLU A 26 11.27 -1.13 -1.04
N GLU A 27 12.14 -0.30 -1.67
CA GLU A 27 11.78 0.43 -2.91
C GLU A 27 11.90 -0.54 -4.10
N VAL A 28 10.82 -1.33 -4.26
CA VAL A 28 10.70 -2.41 -5.27
C VAL A 28 9.88 -1.94 -6.48
N VAL A 29 9.79 -2.80 -7.51
CA VAL A 29 8.96 -2.53 -8.69
C VAL A 29 7.45 -2.64 -8.32
N SER A 30 6.82 -1.47 -8.20
CA SER A 30 5.41 -1.29 -7.81
C SER A 30 5.04 0.18 -8.00
N VAL A 31 3.83 0.45 -8.48
CA VAL A 31 3.34 1.82 -8.74
C VAL A 31 2.13 2.08 -7.85
N GLU A 32 2.18 3.18 -7.09
CA GLU A 32 1.08 3.63 -6.23
C GLU A 32 0.11 4.47 -7.07
N LEU A 33 -1.04 3.88 -7.40
CA LEU A 33 -2.09 4.52 -8.23
C LEU A 33 -2.98 5.43 -7.36
N PRO A 34 -3.79 6.39 -7.96
CA PRO A 34 -4.67 7.31 -7.18
C PRO A 34 -5.67 6.56 -6.27
N ALA A 35 -5.82 7.06 -5.03
CA ALA A 35 -6.59 6.42 -3.97
C ALA A 35 -7.69 7.34 -3.41
N PRO A 36 -8.73 6.77 -2.71
CA PRO A 36 -9.57 7.55 -1.77
C PRO A 36 -8.69 8.07 -0.58
N SER A 37 -9.03 9.26 -0.06
CA SER A 37 -8.19 10.00 0.91
C SER A 37 -7.91 9.21 2.21
N SER A 38 -8.93 8.46 2.68
CA SER A 38 -8.85 7.64 3.90
C SER A 38 -7.92 6.43 3.71
N TRP A 39 -7.93 5.88 2.49
CA TRP A 39 -7.18 4.65 2.13
C TRP A 39 -5.94 5.02 1.29
N LYS A 40 -5.18 3.97 0.91
CA LYS A 40 -4.03 4.09 -0.01
C LYS A 40 -4.17 2.99 -1.07
N LYS A 41 -3.61 3.23 -2.26
CA LYS A 41 -3.79 2.37 -3.45
C LYS A 41 -2.43 2.10 -4.10
N LEU A 42 -2.09 0.82 -4.13
CA LEU A 42 -0.90 0.29 -4.80
C LEU A 42 -1.34 -0.76 -5.82
N PHE A 43 -0.62 -0.81 -6.94
CA PHE A 43 -0.75 -1.84 -7.97
C PHE A 43 0.65 -2.41 -8.26
N TYR A 44 0.68 -3.70 -8.61
CA TYR A 44 1.90 -4.38 -9.10
C TYR A 44 1.83 -4.55 -10.64
N PRO A 45 2.55 -3.67 -11.42
CA PRO A 45 2.63 -3.79 -12.90
C PRO A 45 3.77 -4.72 -13.38
N ASN A 46 3.94 -4.76 -14.71
CA ASN A 46 5.05 -5.48 -15.39
C ASN A 46 5.77 -4.52 -16.33
N LYS A 47 7.10 -4.71 -16.52
CA LYS A 47 7.97 -3.76 -17.27
C LYS A 47 8.76 -4.49 -18.37
N VAL A 48 8.22 -4.42 -19.62
CA VAL A 48 8.88 -4.83 -20.89
C VAL A 48 9.64 -6.19 -20.78
N GLY A 49 8.89 -7.30 -20.95
CA GLY A 49 9.46 -8.64 -20.84
C GLY A 49 9.45 -9.17 -19.40
N SER A 50 9.89 -8.32 -18.43
CA SER A 50 9.83 -8.63 -16.99
C SER A 50 8.38 -8.59 -16.50
N VAL A 51 7.67 -9.71 -16.74
CA VAL A 51 6.27 -9.87 -16.39
C VAL A 51 6.14 -10.56 -15.01
N LYS A 52 5.58 -9.82 -14.06
CA LYS A 52 5.33 -10.31 -12.69
C LYS A 52 4.17 -9.47 -12.07
N LYS A 53 3.27 -9.02 -12.96
CA LYS A 53 2.12 -8.19 -12.58
C LYS A 53 1.17 -8.98 -11.66
N THR A 54 0.73 -8.31 -10.60
CA THR A 54 -0.13 -8.90 -9.56
C THR A 54 -1.31 -7.94 -9.32
N GLU A 55 -2.39 -8.44 -8.69
CA GLU A 55 -3.55 -7.60 -8.33
C GLU A 55 -3.16 -6.45 -7.38
N VAL A 56 -4.16 -5.60 -7.15
CA VAL A 56 -4.03 -4.36 -6.38
C VAL A 56 -4.09 -4.66 -4.87
N VAL A 57 -3.33 -3.88 -4.08
CA VAL A 57 -3.37 -3.90 -2.61
C VAL A 57 -3.74 -2.47 -2.10
N PHE A 58 -4.90 -2.37 -1.43
CA PHE A 58 -5.32 -1.15 -0.71
C PHE A 58 -4.83 -1.19 0.74
N VAL A 59 -4.24 -0.08 1.20
CA VAL A 59 -3.93 0.15 2.61
C VAL A 59 -5.17 0.74 3.30
N ALA A 60 -5.51 0.17 4.45
CA ALA A 60 -6.67 0.59 5.26
C ALA A 60 -6.26 1.71 6.23
N PRO A 61 -7.23 2.59 6.66
CA PRO A 61 -6.96 3.69 7.63
C PRO A 61 -6.68 3.16 9.06
N THR A 62 -6.79 1.84 9.25
CA THR A 62 -6.56 1.15 10.55
C THR A 62 -5.33 0.20 10.49
N GLY A 63 -4.77 0.01 9.26
CA GLY A 63 -3.62 -0.87 9.06
C GLY A 63 -3.99 -2.31 8.66
N GLU A 64 -5.28 -2.69 8.84
CA GLU A 64 -5.81 -3.98 8.36
C GLU A 64 -6.09 -3.90 6.84
N GLU A 65 -5.00 -4.05 6.07
CA GLU A 65 -4.98 -3.80 4.60
C GLU A 65 -5.79 -4.86 3.84
N ILE A 66 -6.23 -4.49 2.64
CA ILE A 66 -6.98 -5.37 1.74
C ILE A 66 -6.12 -5.71 0.51
N SER A 67 -5.89 -7.01 0.27
CA SER A 67 -5.05 -7.50 -0.84
C SER A 67 -5.87 -7.97 -2.05
N ASN A 68 -7.21 -8.11 -1.88
CA ASN A 68 -8.11 -8.59 -2.95
C ASN A 68 -9.54 -8.07 -2.76
N ARG A 69 -10.25 -7.91 -3.89
CA ARG A 69 -11.56 -7.18 -4.00
C ARG A 69 -12.66 -7.71 -3.03
N LYS A 70 -12.63 -9.02 -2.74
CA LYS A 70 -13.61 -9.69 -1.84
C LYS A 70 -13.53 -9.06 -0.45
N GLN A 71 -12.31 -9.04 0.11
CA GLN A 71 -12.06 -8.53 1.48
C GLN A 71 -12.37 -7.04 1.59
N LEU A 72 -12.38 -6.32 0.46
CA LEU A 72 -12.75 -4.89 0.41
C LEU A 72 -14.26 -4.75 0.68
N GLU A 73 -15.06 -5.51 -0.09
CA GLU A 73 -16.53 -5.51 -0.01
C GLU A 73 -17.02 -5.88 1.40
N GLN A 74 -16.55 -7.04 1.88
CA GLN A 74 -16.95 -7.58 3.19
C GLN A 74 -16.42 -6.69 4.35
N TYR A 75 -15.32 -5.93 4.08
CA TYR A 75 -14.76 -4.95 5.04
C TYR A 75 -15.76 -3.81 5.23
N LEU A 76 -16.17 -3.16 4.12
CA LEU A 76 -17.01 -1.92 4.15
C LEU A 76 -18.37 -2.17 4.85
N LYS A 77 -18.96 -3.35 4.60
CA LYS A 77 -20.27 -3.73 5.19
C LYS A 77 -20.12 -4.24 6.63
N SER A 78 -18.88 -4.54 7.06
CA SER A 78 -18.54 -4.88 8.46
C SER A 78 -17.89 -3.68 9.19
N HIS A 79 -17.55 -2.63 8.44
CA HIS A 79 -16.86 -1.42 8.96
C HIS A 79 -17.50 -0.15 8.33
N PRO A 80 -18.59 0.40 8.95
CA PRO A 80 -19.20 1.68 8.51
C PRO A 80 -18.29 2.89 8.83
N GLY A 81 -18.24 3.86 7.91
CA GLY A 81 -17.32 5.01 8.02
C GLY A 81 -16.30 5.03 6.88
N ASN A 82 -16.11 3.87 6.25
CA ASN A 82 -15.20 3.72 5.09
C ASN A 82 -16.00 3.93 3.78
N PRO A 83 -15.40 4.63 2.76
CA PRO A 83 -16.09 4.92 1.46
C PRO A 83 -16.28 3.65 0.60
N ALA A 84 -17.25 3.74 -0.35
CA ALA A 84 -17.70 2.61 -1.19
C ALA A 84 -16.63 2.18 -2.21
N ILE A 85 -16.70 0.89 -2.62
CA ILE A 85 -15.76 0.27 -3.59
C ILE A 85 -15.91 0.89 -5.00
N ALA A 86 -16.99 1.68 -5.20
CA ALA A 86 -17.26 2.44 -6.45
C ALA A 86 -16.07 3.34 -6.84
N GLU A 87 -15.43 3.95 -5.83
CA GLU A 87 -14.26 4.83 -6.02
C GLU A 87 -12.92 4.07 -5.83
N PHE A 88 -13.00 2.81 -5.37
CA PHE A 88 -11.84 1.92 -5.21
C PHE A 88 -11.55 1.21 -6.53
N ASP A 89 -10.44 1.57 -7.17
CA ASP A 89 -10.02 1.02 -8.46
C ASP A 89 -9.18 -0.25 -8.24
N TRP A 90 -9.60 -1.34 -8.89
CA TRP A 90 -8.87 -2.62 -8.96
C TRP A 90 -8.50 -2.95 -10.43
N THR A 91 -8.96 -2.08 -11.37
CA THR A 91 -8.92 -2.35 -12.83
C THR A 91 -7.87 -1.48 -13.57
N THR A 92 -6.94 -0.84 -12.81
CA THR A 92 -5.85 0.01 -13.39
C THR A 92 -4.89 -0.81 -14.29
N SER A 93 -4.97 -2.15 -14.17
CA SER A 93 -4.22 -3.13 -14.98
C SER A 93 -4.46 -3.00 -16.51
N GLY A 94 -5.49 -2.23 -16.90
CA GLY A 94 -5.74 -1.92 -18.30
C GLY A 94 -6.77 -0.81 -18.45
N THR A 95 -6.76 -0.13 -19.61
CA THR A 95 -7.74 0.93 -19.92
C THR A 95 -8.98 0.33 -20.63
N MET A 1 28.84 53.55 -22.98
CA MET A 1 27.73 52.69 -22.49
C MET A 1 28.25 51.77 -21.38
N HIS A 2 27.49 51.70 -20.28
CA HIS A 2 27.77 50.76 -19.17
C HIS A 2 26.80 49.59 -19.27
N HIS A 3 27.33 48.39 -19.55
CA HIS A 3 26.51 47.16 -19.71
C HIS A 3 25.89 46.69 -18.37
N HIS A 4 26.60 46.97 -17.25
CA HIS A 4 26.23 46.52 -15.87
C HIS A 4 26.23 44.97 -15.75
N HIS A 5 26.24 44.48 -14.50
CA HIS A 5 26.14 43.03 -14.19
C HIS A 5 25.43 42.86 -12.85
N HIS A 6 24.08 42.73 -12.89
CA HIS A 6 23.28 42.49 -11.67
C HIS A 6 23.36 41.00 -11.31
N HIS A 7 24.41 40.65 -10.54
CA HIS A 7 24.61 39.29 -10.03
C HIS A 7 24.08 39.21 -8.59
N SER A 8 23.03 38.41 -8.38
CA SER A 8 22.39 38.22 -7.08
C SER A 8 21.97 36.75 -6.91
N SER A 9 22.94 35.92 -6.51
CA SER A 9 22.78 34.48 -6.34
C SER A 9 23.85 33.97 -5.36
N GLY A 10 23.44 33.14 -4.38
CA GLY A 10 24.39 32.56 -3.42
C GLY A 10 23.75 32.29 -2.07
N ARG A 11 22.63 31.57 -2.10
CA ARG A 11 21.92 31.12 -0.88
C ARG A 11 22.41 29.73 -0.47
N GLU A 12 22.44 29.48 0.84
CA GLU A 12 22.85 28.19 1.40
C GLU A 12 21.71 27.16 1.25
N ASN A 13 20.57 27.45 1.95
CA ASN A 13 19.32 26.64 1.90
C ASN A 13 19.54 25.18 2.34
N LEU A 14 20.62 24.94 3.09
CA LEU A 14 21.00 23.59 3.53
C LEU A 14 20.22 23.24 4.81
N TYR A 15 19.38 22.21 4.72
CA TYR A 15 18.57 21.71 5.85
C TYR A 15 19.07 20.33 6.30
N PHE A 16 19.18 19.40 5.33
CA PHE A 16 19.46 17.97 5.52
C PHE A 16 18.71 17.41 6.76
N GLN A 17 17.42 17.11 6.57
CA GLN A 17 16.51 16.70 7.67
C GLN A 17 15.63 15.50 7.25
N GLY A 18 15.61 15.19 5.93
CA GLY A 18 14.73 14.13 5.40
C GLY A 18 15.36 12.74 5.49
N HIS A 19 15.83 12.36 6.69
CA HIS A 19 16.43 11.04 6.91
C HIS A 19 15.33 10.00 7.21
N MET A 20 15.21 9.00 6.32
CA MET A 20 14.24 7.92 6.46
C MET A 20 14.99 6.66 6.90
N ALA A 21 15.87 6.15 6.01
CA ALA A 21 16.77 4.99 6.28
C ALA A 21 15.97 3.78 6.82
N SER A 22 14.73 3.64 6.35
CA SER A 22 13.72 2.72 6.93
C SER A 22 14.07 1.24 6.65
N GLY A 23 15.00 0.70 7.47
CA GLY A 23 15.47 -0.68 7.36
C GLY A 23 16.54 -0.86 6.27
N SER A 24 16.24 -0.37 5.04
CA SER A 24 16.98 -0.69 3.80
C SER A 24 16.95 -2.22 3.56
N GLU A 25 15.83 -2.83 3.99
CA GLU A 25 15.59 -4.26 3.96
C GLU A 25 14.55 -4.55 2.86
N GLU A 26 15.07 -4.89 1.66
CA GLU A 26 14.27 -5.22 0.45
C GLU A 26 13.53 -3.98 -0.11
N GLU A 27 13.61 -3.80 -1.44
CA GLU A 27 12.95 -2.71 -2.15
C GLU A 27 12.61 -3.20 -3.58
N VAL A 28 11.32 -3.52 -3.81
CA VAL A 28 10.83 -4.00 -5.12
C VAL A 28 10.27 -2.84 -5.94
N VAL A 29 9.85 -3.16 -7.19
CA VAL A 29 9.12 -2.21 -8.04
C VAL A 29 7.60 -2.32 -7.75
N SER A 30 6.99 -1.17 -7.44
CA SER A 30 5.56 -1.05 -7.16
C SER A 30 5.11 0.37 -7.51
N VAL A 31 4.11 0.48 -8.39
CA VAL A 31 3.57 1.77 -8.85
C VAL A 31 2.23 2.04 -8.15
N GLU A 32 2.19 3.15 -7.40
CA GLU A 32 0.97 3.59 -6.71
C GLU A 32 0.02 4.29 -7.70
N LEU A 33 -1.16 3.70 -7.88
CA LEU A 33 -2.20 4.19 -8.82
C LEU A 33 -3.18 5.13 -8.07
N PRO A 34 -4.03 5.97 -8.81
CA PRO A 34 -4.99 6.92 -8.17
C PRO A 34 -5.93 6.26 -7.14
N ALA A 35 -6.18 6.98 -6.03
CA ALA A 35 -6.88 6.47 -4.84
C ALA A 35 -7.85 7.52 -4.25
N PRO A 36 -8.88 7.06 -3.48
CA PRO A 36 -9.54 7.89 -2.44
C PRO A 36 -8.51 8.37 -1.39
N SER A 37 -8.61 9.62 -0.91
CA SER A 37 -7.64 10.20 0.06
C SER A 37 -7.66 9.45 1.41
N SER A 38 -8.82 8.84 1.75
CA SER A 38 -8.99 8.03 2.97
C SER A 38 -8.16 6.73 2.88
N TRP A 39 -8.16 6.14 1.68
CA TRP A 39 -7.42 4.91 1.37
C TRP A 39 -6.11 5.24 0.65
N LYS A 40 -5.36 4.19 0.31
CA LYS A 40 -4.18 4.25 -0.57
C LYS A 40 -4.32 3.12 -1.58
N LYS A 41 -3.77 3.32 -2.77
CA LYS A 41 -3.92 2.39 -3.89
C LYS A 41 -2.55 2.15 -4.53
N LEU A 42 -2.24 0.88 -4.66
CA LEU A 42 -0.97 0.39 -5.19
C LEU A 42 -1.27 -0.74 -6.19
N PHE A 43 -0.36 -0.89 -7.15
CA PHE A 43 -0.34 -1.95 -8.13
C PHE A 43 1.09 -2.51 -8.23
N TYR A 44 1.22 -3.85 -8.29
CA TYR A 44 2.53 -4.52 -8.49
C TYR A 44 2.73 -4.94 -9.95
N PRO A 45 3.56 -4.20 -10.76
CA PRO A 45 4.04 -4.68 -12.06
C PRO A 45 5.28 -5.60 -11.91
N ASN A 46 5.66 -6.29 -12.98
CA ASN A 46 6.93 -7.03 -13.03
C ASN A 46 8.08 -6.00 -13.05
N LYS A 47 7.89 -4.96 -13.88
CA LYS A 47 8.67 -3.72 -13.88
C LYS A 47 8.16 -2.81 -15.02
N VAL A 48 8.52 -3.18 -16.28
CA VAL A 48 8.18 -2.42 -17.50
C VAL A 48 7.53 -3.38 -18.52
N GLY A 49 6.72 -2.83 -19.46
CA GLY A 49 5.99 -3.60 -20.46
C GLY A 49 4.50 -3.71 -20.15
N SER A 50 4.05 -2.94 -19.12
CA SER A 50 2.66 -2.91 -18.59
C SER A 50 2.26 -4.23 -17.87
N VAL A 51 3.17 -5.22 -17.88
CA VAL A 51 2.92 -6.55 -17.31
C VAL A 51 2.94 -6.51 -15.78
N LYS A 52 2.02 -7.26 -15.17
CA LYS A 52 1.92 -7.37 -13.70
C LYS A 52 2.70 -8.58 -13.18
N LYS A 53 3.01 -8.56 -11.89
CA LYS A 53 3.73 -9.65 -11.19
C LYS A 53 2.85 -10.18 -10.05
N THR A 54 2.21 -9.23 -9.36
CA THR A 54 1.26 -9.49 -8.28
C THR A 54 0.00 -8.64 -8.54
N GLU A 55 -1.11 -9.00 -7.89
CA GLU A 55 -2.39 -8.29 -8.01
C GLU A 55 -2.34 -6.89 -7.33
N VAL A 56 -3.48 -6.20 -7.37
CA VAL A 56 -3.65 -4.84 -6.84
C VAL A 56 -3.90 -4.89 -5.32
N VAL A 57 -3.32 -3.92 -4.58
CA VAL A 57 -3.47 -3.81 -3.12
C VAL A 57 -4.03 -2.42 -2.75
N PHE A 58 -5.16 -2.40 -2.03
CA PHE A 58 -5.74 -1.17 -1.45
C PHE A 58 -5.40 -1.10 0.04
N VAL A 59 -4.58 -0.12 0.45
CA VAL A 59 -4.23 0.13 1.85
C VAL A 59 -5.37 0.88 2.53
N ALA A 60 -5.78 0.36 3.70
CA ALA A 60 -6.91 0.87 4.47
C ALA A 60 -6.50 2.06 5.37
N PRO A 61 -7.47 2.96 5.72
CA PRO A 61 -7.22 4.11 6.63
C PRO A 61 -6.75 3.69 8.04
N THR A 62 -7.26 2.53 8.51
CA THR A 62 -6.90 1.98 9.83
C THR A 62 -5.61 1.13 9.76
N GLY A 63 -5.05 0.98 8.54
CA GLY A 63 -3.81 0.21 8.33
C GLY A 63 -4.04 -1.24 7.95
N GLU A 64 -5.27 -1.75 8.20
CA GLU A 64 -5.68 -3.13 7.85
C GLU A 64 -5.85 -3.26 6.33
N GLU A 65 -4.71 -3.34 5.63
CA GLU A 65 -4.64 -3.30 4.14
C GLU A 65 -5.32 -4.53 3.52
N ILE A 66 -5.70 -4.37 2.26
CA ILE A 66 -6.53 -5.31 1.52
C ILE A 66 -5.75 -5.84 0.31
N SER A 67 -5.59 -7.17 0.25
CA SER A 67 -4.84 -7.86 -0.82
C SER A 67 -5.76 -8.31 -1.97
N ASN A 68 -7.07 -8.46 -1.70
CA ASN A 68 -8.02 -9.05 -2.66
C ASN A 68 -9.45 -8.53 -2.42
N ARG A 69 -10.32 -8.78 -3.42
CA ARG A 69 -11.69 -8.21 -3.48
C ARG A 69 -12.53 -8.60 -2.26
N LYS A 70 -12.42 -9.88 -1.84
CA LYS A 70 -13.17 -10.43 -0.68
C LYS A 70 -12.89 -9.59 0.57
N GLN A 71 -11.59 -9.38 0.85
CA GLN A 71 -11.13 -8.61 2.02
C GLN A 71 -11.65 -7.17 1.99
N LEU A 72 -11.82 -6.61 0.78
CA LEU A 72 -12.36 -5.25 0.60
C LEU A 72 -13.84 -5.21 1.04
N GLU A 73 -14.61 -6.17 0.50
CA GLU A 73 -16.06 -6.26 0.70
C GLU A 73 -16.41 -6.47 2.19
N GLN A 74 -15.77 -7.48 2.82
CA GLN A 74 -16.00 -7.79 4.23
C GLN A 74 -15.51 -6.65 5.16
N TYR A 75 -14.46 -5.91 4.70
CA TYR A 75 -13.93 -4.74 5.42
C TYR A 75 -15.02 -3.66 5.52
N LEU A 76 -15.57 -3.26 4.36
CA LEU A 76 -16.52 -2.13 4.28
C LEU A 76 -17.78 -2.37 5.13
N LYS A 77 -18.34 -3.59 5.03
CA LYS A 77 -19.58 -3.94 5.76
C LYS A 77 -19.35 -4.02 7.29
N SER A 78 -18.08 -4.28 7.70
CA SER A 78 -17.71 -4.35 9.13
C SER A 78 -17.07 -3.03 9.62
N HIS A 79 -16.70 -2.14 8.68
CA HIS A 79 -16.10 -0.83 8.98
C HIS A 79 -16.86 0.26 8.20
N PRO A 80 -17.92 0.88 8.81
CA PRO A 80 -18.66 2.01 8.18
C PRO A 80 -17.79 3.27 8.05
N GLY A 81 -18.25 4.25 7.25
CA GLY A 81 -17.52 5.51 7.02
C GLY A 81 -16.56 5.45 5.84
N ASN A 82 -16.23 4.23 5.39
CA ASN A 82 -15.28 4.00 4.29
C ASN A 82 -15.98 4.10 2.92
N PRO A 83 -15.27 4.64 1.87
CA PRO A 83 -15.74 4.63 0.45
C PRO A 83 -16.05 3.20 -0.07
N ALA A 84 -16.99 3.12 -1.03
CA ALA A 84 -17.51 1.83 -1.55
C ALA A 84 -16.51 1.15 -2.52
N ILE A 85 -16.69 -0.17 -2.75
CA ILE A 85 -15.82 -0.98 -3.63
C ILE A 85 -16.04 -0.65 -5.11
N ALA A 86 -17.24 -0.12 -5.43
CA ALA A 86 -17.64 0.21 -6.81
C ALA A 86 -16.77 1.35 -7.41
N GLU A 87 -16.31 2.27 -6.55
CA GLU A 87 -15.41 3.38 -6.95
C GLU A 87 -13.92 2.97 -6.83
N PHE A 88 -13.66 1.73 -6.38
CA PHE A 88 -12.30 1.17 -6.27
C PHE A 88 -11.95 0.43 -7.57
N ASP A 89 -10.99 0.98 -8.32
CA ASP A 89 -10.58 0.47 -9.64
C ASP A 89 -9.55 -0.67 -9.47
N TRP A 90 -10.03 -1.90 -9.34
CA TRP A 90 -9.17 -3.09 -9.32
C TRP A 90 -8.68 -3.44 -10.75
N THR A 91 -9.38 -2.89 -11.76
CA THR A 91 -9.06 -3.05 -13.21
C THR A 91 -7.94 -2.07 -13.67
N THR A 92 -7.20 -1.52 -12.70
CA THR A 92 -6.34 -0.33 -12.87
C THR A 92 -5.16 -0.49 -13.89
N SER A 93 -4.87 -1.75 -14.32
CA SER A 93 -3.83 -2.03 -15.32
C SER A 93 -4.24 -1.47 -16.70
N GLY A 94 -3.84 -0.21 -16.95
CA GLY A 94 -4.28 0.52 -18.14
C GLY A 94 -5.78 0.80 -18.10
N THR A 95 -6.56 0.01 -18.85
CA THR A 95 -8.03 0.07 -18.85
C THR A 95 -8.61 -1.20 -19.51
N MET A 1 -23.73 18.89 55.57
CA MET A 1 -23.08 19.10 54.25
C MET A 1 -21.61 19.51 54.47
N HIS A 2 -20.68 18.62 54.06
CA HIS A 2 -19.23 18.80 54.21
C HIS A 2 -18.48 17.69 53.44
N HIS A 3 -18.00 18.00 52.24
CA HIS A 3 -17.16 17.09 51.42
C HIS A 3 -15.82 17.77 51.07
N HIS A 4 -14.74 16.98 51.09
CA HIS A 4 -13.38 17.47 50.78
C HIS A 4 -13.09 17.28 49.28
N HIS A 5 -13.61 18.21 48.45
CA HIS A 5 -13.35 18.20 47.00
C HIS A 5 -12.00 18.88 46.69
N HIS A 6 -11.09 18.11 46.09
CA HIS A 6 -9.73 18.57 45.73
C HIS A 6 -9.27 17.85 44.45
N HIS A 7 -8.55 18.57 43.57
CA HIS A 7 -8.01 17.99 42.33
C HIS A 7 -6.95 16.93 42.66
N SER A 8 -7.19 15.69 42.17
CA SER A 8 -6.27 14.54 42.37
C SER A 8 -4.87 14.86 41.81
N SER A 9 -4.85 15.54 40.63
CA SER A 9 -3.64 16.14 40.02
C SER A 9 -2.53 15.09 39.73
N GLY A 10 -2.93 13.81 39.67
CA GLY A 10 -1.99 12.71 39.49
C GLY A 10 -2.67 11.44 39.00
N ARG A 11 -3.00 11.42 37.70
CA ARG A 11 -3.53 10.23 37.02
C ARG A 11 -2.36 9.36 36.54
N GLU A 12 -2.02 8.33 37.34
CA GLU A 12 -0.87 7.45 37.08
C GLU A 12 -1.28 6.32 36.10
N ASN A 13 -1.43 6.69 34.83
CA ASN A 13 -1.84 5.80 33.71
C ASN A 13 -1.19 6.32 32.40
N LEU A 14 -0.30 5.52 31.81
CA LEU A 14 0.26 5.80 30.47
C LEU A 14 0.81 4.52 29.84
N TYR A 15 0.70 4.42 28.51
CA TYR A 15 1.37 3.36 27.73
C TYR A 15 2.07 4.00 26.53
N PHE A 16 3.39 4.20 26.72
CA PHE A 16 4.30 4.82 25.74
C PHE A 16 4.76 3.80 24.67
N GLN A 17 4.13 2.62 24.67
CA GLN A 17 4.44 1.51 23.75
C GLN A 17 3.99 1.88 22.32
N GLY A 18 4.91 1.73 21.37
CA GLY A 18 4.63 1.96 19.96
C GLY A 18 5.65 1.25 19.07
N HIS A 19 5.38 1.25 17.76
CA HIS A 19 6.22 0.54 16.79
C HIS A 19 7.33 1.46 16.28
N MET A 20 8.59 1.07 16.57
CA MET A 20 9.79 1.75 16.05
C MET A 20 10.10 1.31 14.62
N ALA A 21 9.46 0.20 14.19
CA ALA A 21 9.62 -0.42 12.86
C ALA A 21 11.04 -0.99 12.69
N SER A 22 11.37 -1.38 11.44
CA SER A 22 12.68 -1.94 11.10
C SER A 22 12.91 -1.87 9.58
N GLY A 23 14.15 -2.18 9.15
CA GLY A 23 14.47 -2.31 7.73
C GLY A 23 14.28 -3.73 7.22
N SER A 24 13.22 -4.41 7.72
CA SER A 24 12.89 -5.81 7.37
C SER A 24 12.00 -5.84 6.10
N GLU A 25 12.33 -4.96 5.14
CA GLU A 25 11.56 -4.72 3.90
C GLU A 25 12.40 -5.13 2.68
N GLU A 26 11.90 -4.79 1.48
CA GLU A 26 12.58 -5.12 0.21
C GLU A 26 12.22 -4.08 -0.86
N GLU A 27 13.22 -3.73 -1.71
CA GLU A 27 13.03 -2.81 -2.84
C GLU A 27 12.16 -3.50 -3.92
N VAL A 28 10.90 -3.06 -4.03
CA VAL A 28 9.93 -3.61 -4.99
C VAL A 28 9.32 -2.47 -5.82
N VAL A 29 9.11 -2.73 -7.14
CA VAL A 29 8.59 -1.71 -8.08
C VAL A 29 7.07 -1.51 -7.87
N SER A 30 6.69 -0.32 -7.35
CA SER A 30 5.30 0.02 -7.00
C SER A 30 4.98 1.44 -7.51
N VAL A 31 3.93 1.53 -8.32
CA VAL A 31 3.38 2.81 -8.81
C VAL A 31 2.03 3.05 -8.13
N GLU A 32 1.95 4.13 -7.33
CA GLU A 32 0.71 4.54 -6.65
C GLU A 32 -0.24 5.23 -7.63
N LEU A 33 -1.47 4.70 -7.71
CA LEU A 33 -2.53 5.17 -8.63
C LEU A 33 -3.53 6.08 -7.85
N PRO A 34 -4.48 6.83 -8.54
CA PRO A 34 -5.44 7.76 -7.86
C PRO A 34 -6.26 7.08 -6.75
N ALA A 35 -6.22 7.67 -5.55
CA ALA A 35 -6.79 7.10 -4.30
C ALA A 35 -7.96 7.94 -3.76
N PRO A 36 -8.88 7.33 -2.95
CA PRO A 36 -9.87 8.10 -2.15
C PRO A 36 -9.19 8.79 -0.94
N SER A 37 -9.95 9.67 -0.26
CA SER A 37 -9.46 10.46 0.87
C SER A 37 -9.09 9.59 2.08
N SER A 38 -10.00 8.66 2.40
CA SER A 38 -9.90 7.80 3.59
C SER A 38 -8.80 6.73 3.44
N TRP A 39 -8.71 6.14 2.23
CA TRP A 39 -7.79 5.03 1.94
C TRP A 39 -6.59 5.52 1.10
N LYS A 40 -5.77 4.56 0.67
CA LYS A 40 -4.66 4.76 -0.26
C LYS A 40 -4.78 3.71 -1.37
N LYS A 41 -4.17 4.00 -2.51
CA LYS A 41 -4.26 3.16 -3.71
C LYS A 41 -2.88 3.04 -4.35
N LEU A 42 -2.50 1.79 -4.55
CA LEU A 42 -1.22 1.38 -5.09
C LEU A 42 -1.46 0.28 -6.13
N PHE A 43 -0.56 0.18 -7.10
CA PHE A 43 -0.51 -0.90 -8.08
C PHE A 43 0.93 -1.40 -8.19
N TYR A 44 1.10 -2.73 -8.30
CA TYR A 44 2.40 -3.34 -8.53
C TYR A 44 2.53 -3.76 -10.01
N PRO A 45 3.23 -2.96 -10.87
CA PRO A 45 3.51 -3.35 -12.27
C PRO A 45 4.76 -4.25 -12.37
N ASN A 46 5.06 -4.69 -13.60
CA ASN A 46 6.32 -5.39 -13.91
C ASN A 46 7.41 -4.36 -14.26
N LYS A 47 8.65 -4.84 -14.39
CA LYS A 47 9.77 -4.02 -14.85
C LYS A 47 9.63 -3.83 -16.39
N VAL A 48 9.93 -4.91 -17.14
CA VAL A 48 9.70 -4.99 -18.61
C VAL A 48 9.23 -6.42 -18.95
N GLY A 49 7.95 -6.56 -19.33
CA GLY A 49 7.39 -7.84 -19.74
C GLY A 49 5.89 -7.78 -20.01
N SER A 50 5.36 -8.80 -20.70
CA SER A 50 3.92 -8.91 -21.02
C SER A 50 3.18 -9.70 -19.90
N VAL A 51 3.57 -9.42 -18.64
CA VAL A 51 3.02 -10.07 -17.45
C VAL A 51 2.30 -9.03 -16.57
N LYS A 52 1.45 -9.51 -15.64
CA LYS A 52 0.79 -8.66 -14.63
C LYS A 52 1.76 -8.38 -13.47
N LYS A 53 2.62 -9.40 -13.20
CA LYS A 53 3.59 -9.42 -12.09
C LYS A 53 2.84 -9.59 -10.75
N THR A 54 2.24 -8.50 -10.23
CA THR A 54 1.38 -8.51 -9.03
C THR A 54 0.13 -7.65 -9.33
N GLU A 55 -0.96 -7.84 -8.55
CA GLU A 55 -2.23 -7.12 -8.75
C GLU A 55 -2.25 -5.77 -7.96
N VAL A 56 -3.43 -5.15 -7.91
CA VAL A 56 -3.69 -3.87 -7.25
C VAL A 56 -3.89 -4.07 -5.73
N VAL A 57 -3.40 -3.09 -4.93
CA VAL A 57 -3.55 -3.09 -3.45
C VAL A 57 -4.17 -1.74 -3.00
N PHE A 58 -5.24 -1.80 -2.18
CA PHE A 58 -5.82 -0.62 -1.53
C PHE A 58 -5.44 -0.66 -0.03
N VAL A 59 -4.63 0.32 0.41
CA VAL A 59 -4.22 0.44 1.81
C VAL A 59 -5.34 1.09 2.64
N ALA A 60 -5.61 0.49 3.79
CA ALA A 60 -6.70 0.91 4.69
C ALA A 60 -6.25 2.03 5.65
N PRO A 61 -7.19 2.88 6.17
CA PRO A 61 -6.88 4.02 7.09
C PRO A 61 -6.39 3.59 8.51
N THR A 62 -6.17 2.28 8.72
CA THR A 62 -5.78 1.72 10.03
C THR A 62 -4.53 0.82 9.92
N GLY A 63 -4.08 0.57 8.67
CA GLY A 63 -2.94 -0.33 8.42
C GLY A 63 -3.33 -1.77 8.09
N GLU A 64 -4.62 -2.13 8.27
CA GLU A 64 -5.16 -3.45 7.85
C GLU A 64 -5.44 -3.39 6.34
N GLU A 65 -4.35 -3.42 5.55
CA GLU A 65 -4.39 -3.19 4.10
C GLU A 65 -5.06 -4.36 3.36
N ILE A 66 -5.53 -4.06 2.15
CA ILE A 66 -6.33 -4.99 1.34
C ILE A 66 -5.54 -5.37 0.07
N SER A 67 -5.28 -6.67 -0.08
CA SER A 67 -4.49 -7.22 -1.20
C SER A 67 -5.38 -7.65 -2.38
N ASN A 68 -6.66 -7.96 -2.08
CA ASN A 68 -7.61 -8.48 -3.09
C ASN A 68 -9.01 -7.89 -2.89
N ARG A 69 -9.81 -7.92 -3.97
CA ARG A 69 -11.14 -7.29 -4.04
C ARG A 69 -12.15 -7.89 -3.04
N LYS A 70 -11.94 -9.18 -2.69
CA LYS A 70 -12.77 -9.89 -1.67
C LYS A 70 -12.56 -9.24 -0.30
N GLN A 71 -11.27 -9.07 0.08
CA GLN A 71 -10.86 -8.44 1.36
C GLN A 71 -11.46 -7.05 1.54
N LEU A 72 -11.67 -6.34 0.41
CA LEU A 72 -12.26 -4.99 0.40
C LEU A 72 -13.72 -5.06 0.90
N GLU A 73 -14.53 -5.97 0.31
CA GLU A 73 -15.96 -6.12 0.65
C GLU A 73 -16.15 -6.50 2.12
N GLN A 74 -15.41 -7.54 2.56
CA GLN A 74 -15.52 -8.06 3.93
C GLN A 74 -15.00 -7.04 4.97
N TYR A 75 -14.09 -6.14 4.53
CA TYR A 75 -13.65 -5.00 5.35
C TYR A 75 -14.82 -4.04 5.59
N LEU A 76 -15.53 -3.67 4.50
CA LEU A 76 -16.58 -2.63 4.54
C LEU A 76 -17.81 -3.05 5.37
N LYS A 77 -18.20 -4.33 5.26
CA LYS A 77 -19.33 -4.89 6.04
C LYS A 77 -18.95 -5.04 7.53
N SER A 78 -17.64 -5.16 7.80
CA SER A 78 -17.08 -5.22 9.17
C SER A 78 -16.85 -3.81 9.74
N HIS A 79 -16.61 -2.83 8.84
CA HIS A 79 -16.21 -1.46 9.20
C HIS A 79 -17.07 -0.46 8.40
N PRO A 80 -18.27 -0.04 8.95
CA PRO A 80 -19.12 0.97 8.29
C PRO A 80 -18.49 2.37 8.36
N GLY A 81 -18.94 3.27 7.48
CA GLY A 81 -18.36 4.62 7.38
C GLY A 81 -17.29 4.73 6.30
N ASN A 82 -16.55 3.63 6.08
CA ASN A 82 -15.52 3.53 5.03
C ASN A 82 -16.17 3.61 3.62
N PRO A 83 -15.48 4.27 2.63
CA PRO A 83 -15.99 4.43 1.24
C PRO A 83 -16.39 3.11 0.56
N ALA A 84 -17.26 3.21 -0.44
CA ALA A 84 -17.82 2.06 -1.19
C ALA A 84 -16.72 1.37 -2.05
N ILE A 85 -16.88 0.06 -2.30
CA ILE A 85 -15.97 -0.68 -3.20
C ILE A 85 -16.27 -0.32 -4.68
N ALA A 86 -17.49 0.17 -4.94
CA ALA A 86 -17.95 0.61 -6.27
C ALA A 86 -17.07 1.73 -6.85
N GLU A 87 -16.66 2.67 -5.98
CA GLU A 87 -15.79 3.82 -6.36
C GLU A 87 -14.29 3.44 -6.33
N PHE A 88 -13.99 2.23 -5.81
CA PHE A 88 -12.61 1.69 -5.78
C PHE A 88 -12.28 1.02 -7.10
N ASP A 89 -11.34 1.64 -7.82
CA ASP A 89 -10.97 1.29 -9.20
C ASP A 89 -9.80 0.28 -9.23
N TRP A 90 -10.14 -1.00 -9.19
CA TRP A 90 -9.19 -2.12 -9.36
C TRP A 90 -8.80 -2.28 -10.85
N THR A 91 -9.67 -1.77 -11.73
CA THR A 91 -9.55 -1.81 -13.20
C THR A 91 -8.71 -0.62 -13.75
N THR A 92 -7.96 0.06 -12.85
CA THR A 92 -7.34 1.36 -13.11
C THR A 92 -6.35 1.36 -14.31
N SER A 93 -5.56 0.28 -14.44
CA SER A 93 -4.54 0.14 -15.48
C SER A 93 -4.22 -1.34 -15.70
N GLY A 94 -4.32 -1.81 -16.96
CA GLY A 94 -3.80 -3.11 -17.36
C GLY A 94 -2.30 -3.03 -17.60
N THR A 95 -1.55 -2.94 -16.47
CA THR A 95 -0.10 -2.61 -16.42
C THR A 95 0.22 -1.29 -17.20
N MET A 1 0.43 2.46 -25.54
CA MET A 1 0.10 1.81 -24.24
C MET A 1 1.14 2.15 -23.17
N HIS A 2 2.40 2.37 -23.61
CA HIS A 2 3.54 2.68 -22.71
C HIS A 2 3.46 4.12 -22.18
N HIS A 3 3.15 5.06 -23.09
CA HIS A 3 3.00 6.49 -22.75
C HIS A 3 1.63 6.72 -22.11
N HIS A 4 1.59 6.55 -20.78
CA HIS A 4 0.35 6.60 -20.00
C HIS A 4 -0.32 7.99 -20.10
N HIS A 5 -1.62 7.98 -20.46
CA HIS A 5 -2.45 9.20 -20.52
C HIS A 5 -2.69 9.77 -19.10
N HIS A 6 -2.52 8.90 -18.09
CA HIS A 6 -2.42 9.32 -16.69
C HIS A 6 -0.99 9.80 -16.41
N HIS A 7 -0.86 11.07 -15.98
CA HIS A 7 0.43 11.67 -15.58
C HIS A 7 0.62 11.53 -14.04
N SER A 8 -0.13 10.57 -13.45
CA SER A 8 -0.03 10.22 -12.02
C SER A 8 1.34 9.54 -11.73
N SER A 9 2.25 10.33 -11.14
CA SER A 9 3.63 9.88 -10.81
C SER A 9 4.25 10.84 -9.78
N GLY A 10 4.02 12.15 -9.99
CA GLY A 10 4.59 13.20 -9.14
C GLY A 10 6.04 13.53 -9.53
N ARG A 11 6.40 13.21 -10.80
CA ARG A 11 7.76 13.43 -11.40
C ARG A 11 8.84 12.57 -10.72
N GLU A 12 9.61 11.81 -11.53
CA GLU A 12 10.78 11.06 -11.04
C GLU A 12 11.92 12.05 -10.74
N ASN A 13 11.92 12.54 -9.50
CA ASN A 13 12.89 13.54 -9.01
C ASN A 13 13.37 13.14 -7.61
N LEU A 14 12.44 12.52 -6.83
CA LEU A 14 12.66 12.10 -5.44
C LEU A 14 12.92 13.31 -4.52
N TYR A 15 13.35 13.02 -3.29
CA TYR A 15 13.82 14.01 -2.33
C TYR A 15 14.99 13.40 -1.54
N PHE A 16 14.74 12.15 -1.05
CA PHE A 16 15.69 11.35 -0.25
C PHE A 16 16.34 12.19 0.87
N GLN A 17 15.48 12.69 1.78
CA GLN A 17 15.89 13.55 2.91
C GLN A 17 15.14 13.08 4.17
N GLY A 18 15.91 12.52 5.12
CA GLY A 18 15.34 11.82 6.28
C GLY A 18 15.09 10.33 5.97
N HIS A 19 14.85 9.53 7.03
CA HIS A 19 14.60 8.08 6.87
C HIS A 19 13.14 7.88 6.42
N MET A 20 12.97 7.40 5.17
CA MET A 20 11.66 7.14 4.55
C MET A 20 11.80 5.97 3.57
N ALA A 21 10.76 5.10 3.50
CA ALA A 21 10.80 3.79 2.83
C ALA A 21 11.88 2.89 3.48
N SER A 22 11.96 3.03 4.82
CA SER A 22 12.96 2.36 5.68
C SER A 22 12.84 0.81 5.64
N GLY A 23 11.62 0.33 5.32
CA GLY A 23 11.33 -1.09 5.16
C GLY A 23 11.73 -1.61 3.79
N SER A 24 13.03 -1.50 3.49
CA SER A 24 13.62 -1.92 2.21
C SER A 24 13.85 -3.45 2.24
N GLU A 25 12.82 -4.19 1.77
CA GLU A 25 12.84 -5.66 1.74
C GLU A 25 12.94 -6.10 0.27
N GLU A 26 14.19 -6.07 -0.25
CA GLU A 26 14.55 -6.41 -1.65
C GLU A 26 13.98 -5.39 -2.68
N GLU A 27 13.42 -4.28 -2.16
CA GLU A 27 12.87 -3.14 -2.95
C GLU A 27 11.92 -3.62 -4.07
N VAL A 28 10.80 -4.22 -3.66
CA VAL A 28 9.76 -4.71 -4.59
C VAL A 28 9.03 -3.53 -5.29
N VAL A 29 8.96 -3.60 -6.63
CA VAL A 29 8.41 -2.53 -7.48
C VAL A 29 6.87 -2.42 -7.30
N SER A 30 6.45 -1.30 -6.70
CA SER A 30 5.04 -1.00 -6.42
C SER A 30 4.81 0.51 -6.59
N VAL A 31 3.94 0.87 -7.54
CA VAL A 31 3.57 2.26 -7.83
C VAL A 31 2.20 2.54 -7.20
N GLU A 32 2.10 3.66 -6.48
CA GLU A 32 0.84 4.12 -5.89
C GLU A 32 0.02 4.87 -6.95
N LEU A 33 -1.05 4.21 -7.42
CA LEU A 33 -1.97 4.75 -8.45
C LEU A 33 -3.02 5.67 -7.77
N PRO A 34 -3.72 6.59 -8.55
CA PRO A 34 -4.74 7.52 -7.98
C PRO A 34 -5.83 6.80 -7.15
N ALA A 35 -6.16 7.40 -5.99
CA ALA A 35 -6.91 6.75 -4.89
C ALA A 35 -8.22 7.48 -4.54
N PRO A 36 -9.17 6.79 -3.80
CA PRO A 36 -10.26 7.48 -3.07
C PRO A 36 -9.68 8.31 -1.88
N SER A 37 -10.42 9.32 -1.43
CA SER A 37 -9.90 10.37 -0.51
C SER A 37 -9.43 9.82 0.87
N SER A 38 -10.17 8.86 1.43
CA SER A 38 -9.91 8.32 2.79
C SER A 38 -8.92 7.13 2.78
N TRP A 39 -8.80 6.48 1.60
CA TRP A 39 -7.89 5.32 1.41
C TRP A 39 -6.73 5.72 0.51
N LYS A 40 -5.78 4.78 0.36
CA LYS A 40 -4.68 4.84 -0.61
C LYS A 40 -4.84 3.68 -1.59
N LYS A 41 -4.24 3.82 -2.75
CA LYS A 41 -4.31 2.86 -3.86
C LYS A 41 -2.89 2.59 -4.33
N LEU A 42 -2.51 1.32 -4.29
CA LEU A 42 -1.23 0.80 -4.74
C LEU A 42 -1.48 -0.32 -5.76
N PHE A 43 -0.54 -0.45 -6.69
CA PHE A 43 -0.49 -1.52 -7.69
C PHE A 43 0.97 -2.03 -7.79
N TYR A 44 1.12 -3.33 -8.03
CA TYR A 44 2.45 -3.95 -8.27
C TYR A 44 2.65 -4.21 -9.79
N PRO A 45 3.34 -3.29 -10.54
CA PRO A 45 3.67 -3.50 -11.97
C PRO A 45 4.92 -4.37 -12.15
N ASN A 46 5.10 -4.90 -13.36
CA ASN A 46 6.36 -5.56 -13.75
C ASN A 46 7.39 -4.50 -14.16
N LYS A 47 8.67 -4.78 -13.91
CA LYS A 47 9.79 -3.84 -14.18
C LYS A 47 9.90 -3.52 -15.68
N VAL A 48 9.72 -4.54 -16.52
CA VAL A 48 9.68 -4.37 -17.99
C VAL A 48 8.26 -3.89 -18.40
N GLY A 49 7.25 -4.42 -17.69
CA GLY A 49 5.84 -4.11 -17.95
C GLY A 49 5.12 -5.24 -18.66
N SER A 50 3.98 -4.92 -19.30
CA SER A 50 3.10 -5.85 -20.04
C SER A 50 2.43 -6.88 -19.10
N VAL A 51 3.23 -7.82 -18.58
CA VAL A 51 2.77 -8.80 -17.58
C VAL A 51 2.63 -8.15 -16.20
N LYS A 52 2.04 -8.90 -15.26
CA LYS A 52 1.72 -8.42 -13.90
C LYS A 52 2.66 -9.08 -12.88
N LYS A 53 3.19 -8.27 -11.93
CA LYS A 53 4.01 -8.77 -10.81
C LYS A 53 3.02 -9.35 -9.76
N THR A 54 2.29 -8.45 -9.10
CA THR A 54 1.19 -8.78 -8.15
C THR A 54 0.00 -7.87 -8.50
N GLU A 55 -1.22 -8.23 -8.05
CA GLU A 55 -2.43 -7.42 -8.30
C GLU A 55 -2.42 -6.12 -7.44
N VAL A 56 -3.58 -5.45 -7.42
CA VAL A 56 -3.77 -4.17 -6.73
C VAL A 56 -4.00 -4.39 -5.22
N VAL A 57 -3.38 -3.54 -4.40
CA VAL A 57 -3.52 -3.51 -2.94
C VAL A 57 -3.99 -2.11 -2.51
N PHE A 58 -5.21 -2.02 -1.94
CA PHE A 58 -5.77 -0.74 -1.42
C PHE A 58 -5.42 -0.59 0.07
N VAL A 59 -4.68 0.47 0.42
CA VAL A 59 -4.27 0.75 1.80
C VAL A 59 -5.42 1.42 2.58
N ALA A 60 -5.67 0.89 3.78
CA ALA A 60 -6.80 1.29 4.64
C ALA A 60 -6.43 2.46 5.57
N PRO A 61 -7.45 3.23 6.10
CA PRO A 61 -7.19 4.36 7.05
C PRO A 61 -6.67 3.90 8.43
N THR A 62 -6.88 2.61 8.75
CA THR A 62 -6.36 2.00 9.99
C THR A 62 -4.93 1.44 9.79
N GLY A 63 -4.47 1.37 8.51
CA GLY A 63 -3.16 0.81 8.17
C GLY A 63 -3.22 -0.66 7.74
N GLU A 64 -4.26 -1.39 8.21
CA GLU A 64 -4.55 -2.78 7.79
C GLU A 64 -5.11 -2.79 6.36
N GLU A 65 -4.18 -2.79 5.40
CA GLU A 65 -4.47 -2.74 3.95
C GLU A 65 -5.19 -4.00 3.47
N ILE A 66 -5.86 -3.85 2.34
CA ILE A 66 -6.58 -4.91 1.65
C ILE A 66 -5.74 -5.38 0.45
N SER A 67 -5.51 -6.70 0.34
CA SER A 67 -4.63 -7.28 -0.69
C SER A 67 -5.43 -7.80 -1.89
N ASN A 68 -6.68 -8.24 -1.65
CA ASN A 68 -7.57 -8.79 -2.70
C ASN A 68 -8.98 -8.21 -2.56
N ARG A 69 -9.74 -8.27 -3.67
CA ARG A 69 -11.02 -7.57 -3.83
C ARG A 69 -12.13 -8.06 -2.86
N LYS A 70 -12.05 -9.35 -2.48
CA LYS A 70 -12.96 -9.97 -1.50
C LYS A 70 -12.76 -9.29 -0.12
N GLN A 71 -11.47 -9.15 0.31
CA GLN A 71 -11.09 -8.51 1.60
C GLN A 71 -11.68 -7.09 1.73
N LEU A 72 -11.81 -6.39 0.58
CA LEU A 72 -12.34 -5.01 0.53
C LEU A 72 -13.79 -4.99 1.05
N GLU A 73 -14.63 -5.87 0.47
CA GLU A 73 -16.07 -5.94 0.74
C GLU A 73 -16.36 -6.42 2.18
N GLN A 74 -15.63 -7.46 2.63
CA GLN A 74 -15.80 -8.00 3.99
C GLN A 74 -15.25 -7.03 5.06
N TYR A 75 -14.33 -6.13 4.65
CA TYR A 75 -13.83 -5.04 5.50
C TYR A 75 -14.94 -3.99 5.70
N LEU A 76 -15.66 -3.67 4.60
CA LEU A 76 -16.70 -2.62 4.59
C LEU A 76 -17.89 -2.99 5.51
N LYS A 77 -18.21 -4.30 5.61
CA LYS A 77 -19.26 -4.77 6.54
C LYS A 77 -18.72 -4.89 7.99
N SER A 78 -17.42 -5.22 8.12
CA SER A 78 -16.75 -5.35 9.45
C SER A 78 -16.55 -3.97 10.09
N HIS A 79 -16.39 -2.96 9.23
CA HIS A 79 -16.15 -1.57 9.61
C HIS A 79 -16.90 -0.66 8.63
N PRO A 80 -18.23 -0.37 8.90
CA PRO A 80 -19.01 0.60 8.11
C PRO A 80 -18.50 2.04 8.31
N GLY A 81 -18.89 2.95 7.39
CA GLY A 81 -18.38 4.32 7.38
C GLY A 81 -17.31 4.49 6.30
N ASN A 82 -16.56 3.41 6.03
CA ASN A 82 -15.57 3.36 4.94
C ASN A 82 -16.26 3.45 3.55
N PRO A 83 -15.63 4.13 2.55
CA PRO A 83 -16.23 4.34 1.21
C PRO A 83 -16.48 3.03 0.44
N ALA A 84 -17.47 3.09 -0.47
CA ALA A 84 -17.96 1.94 -1.24
C ALA A 84 -16.93 1.49 -2.28
N ILE A 85 -16.87 0.17 -2.55
CA ILE A 85 -15.93 -0.44 -3.52
C ILE A 85 -16.21 0.04 -4.97
N ALA A 86 -17.40 0.65 -5.18
CA ALA A 86 -17.81 1.25 -6.46
C ALA A 86 -16.78 2.29 -6.99
N GLU A 87 -16.23 3.10 -6.07
CA GLU A 87 -15.20 4.12 -6.41
C GLU A 87 -13.77 3.52 -6.40
N PHE A 88 -13.61 2.34 -5.77
CA PHE A 88 -12.32 1.61 -5.72
C PHE A 88 -12.08 0.90 -7.06
N ASP A 89 -11.13 1.41 -7.84
CA ASP A 89 -10.81 0.88 -9.16
C ASP A 89 -9.66 -0.13 -9.05
N TRP A 90 -9.92 -1.37 -9.48
CA TRP A 90 -8.92 -2.46 -9.56
C TRP A 90 -8.50 -2.66 -11.03
N THR A 91 -9.15 -1.88 -11.93
CA THR A 91 -8.97 -1.96 -13.40
C THR A 91 -7.89 -0.98 -13.90
N THR A 92 -7.08 -0.44 -12.96
CA THR A 92 -6.04 0.58 -13.26
C THR A 92 -4.94 0.05 -14.22
N SER A 93 -4.87 -1.28 -14.36
CA SER A 93 -3.92 -1.94 -15.26
C SER A 93 -4.38 -1.73 -16.74
N GLY A 94 -3.95 -0.60 -17.33
CA GLY A 94 -4.22 -0.30 -18.74
C GLY A 94 -3.23 -1.01 -19.64
N THR A 95 -3.35 -2.35 -19.67
CA THR A 95 -2.42 -3.25 -20.36
C THR A 95 -2.71 -3.29 -21.89
N MET A 1 19.67 7.39 -13.84
CA MET A 1 19.43 6.24 -14.75
C MET A 1 19.09 5.00 -13.92
N HIS A 2 18.10 4.22 -14.40
CA HIS A 2 17.55 3.06 -13.67
C HIS A 2 18.54 1.88 -13.66
N HIS A 3 19.10 1.54 -14.84
CA HIS A 3 20.08 0.44 -14.98
C HIS A 3 21.45 1.02 -15.35
N HIS A 4 22.50 0.57 -14.64
CA HIS A 4 23.86 1.12 -14.74
C HIS A 4 24.79 0.22 -15.59
N HIS A 5 25.60 0.86 -16.44
CA HIS A 5 26.71 0.23 -17.17
C HIS A 5 27.99 1.08 -17.00
N HIS A 6 29.12 0.54 -17.49
CA HIS A 6 30.38 1.28 -17.61
C HIS A 6 30.47 1.88 -19.02
N HIS A 7 30.01 3.14 -19.17
CA HIS A 7 30.04 3.87 -20.44
C HIS A 7 31.50 4.14 -20.87
N SER A 8 32.01 3.28 -21.79
CA SER A 8 33.35 3.41 -22.40
C SER A 8 34.47 3.29 -21.36
N SER A 9 34.16 2.69 -20.20
CA SER A 9 35.10 2.51 -19.08
C SER A 9 35.19 1.03 -18.70
N GLY A 10 36.24 0.69 -17.94
CA GLY A 10 36.49 -0.67 -17.51
C GLY A 10 36.75 -0.75 -16.02
N ARG A 11 37.70 -1.62 -15.63
CA ARG A 11 38.11 -1.87 -14.23
C ARG A 11 36.93 -2.38 -13.37
N GLU A 12 36.04 -3.14 -14.02
CA GLU A 12 34.89 -3.80 -13.38
C GLU A 12 35.35 -5.09 -12.64
N ASN A 13 36.62 -5.48 -12.87
CA ASN A 13 37.26 -6.63 -12.21
C ASN A 13 37.73 -6.25 -10.77
N LEU A 14 36.77 -6.23 -9.83
CA LEU A 14 37.04 -6.03 -8.40
C LEU A 14 36.11 -6.94 -7.58
N TYR A 15 36.19 -6.81 -6.24
CA TYR A 15 35.31 -7.53 -5.31
C TYR A 15 33.88 -6.90 -5.30
N PHE A 16 33.18 -6.99 -6.44
CA PHE A 16 31.81 -6.50 -6.59
C PHE A 16 30.85 -7.56 -6.00
N GLN A 17 30.77 -7.58 -4.67
CA GLN A 17 30.06 -8.61 -3.91
C GLN A 17 29.21 -7.97 -2.79
N GLY A 18 29.83 -7.02 -2.05
CA GLY A 18 29.14 -6.32 -0.95
C GLY A 18 28.93 -4.85 -1.28
N HIS A 19 28.51 -4.57 -2.52
CA HIS A 19 28.18 -3.20 -2.96
C HIS A 19 26.78 -2.83 -2.43
N MET A 20 26.71 -1.80 -1.57
CA MET A 20 25.46 -1.34 -0.95
C MET A 20 25.38 0.19 -1.00
N ALA A 21 24.15 0.74 -1.10
CA ALA A 21 23.93 2.19 -1.28
C ALA A 21 22.66 2.66 -0.52
N SER A 22 22.19 1.84 0.46
CA SER A 22 20.94 2.08 1.24
C SER A 22 19.69 2.14 0.32
N GLY A 23 18.98 1.01 0.22
CA GLY A 23 17.94 0.80 -0.79
C GLY A 23 18.46 -0.10 -1.91
N SER A 24 17.61 -0.35 -2.93
CA SER A 24 17.94 -1.13 -4.15
C SER A 24 17.96 -2.67 -3.91
N GLU A 25 18.36 -3.12 -2.69
CA GLU A 25 18.48 -4.55 -2.34
C GLU A 25 17.15 -5.31 -2.56
N GLU A 26 17.09 -6.08 -3.68
CA GLU A 26 15.92 -6.88 -4.16
C GLU A 26 14.61 -6.06 -4.15
N GLU A 27 14.76 -4.73 -4.26
CA GLU A 27 13.67 -3.76 -4.09
C GLU A 27 12.71 -3.81 -5.29
N VAL A 28 11.45 -4.16 -5.01
CA VAL A 28 10.38 -4.31 -6.00
C VAL A 28 9.84 -2.95 -6.43
N VAL A 29 9.28 -2.89 -7.65
CA VAL A 29 8.61 -1.69 -8.17
C VAL A 29 7.12 -1.73 -7.78
N SER A 30 6.62 -0.61 -7.21
CA SER A 30 5.25 -0.48 -6.73
C SER A 30 4.88 1.01 -6.70
N VAL A 31 3.86 1.39 -7.49
CA VAL A 31 3.39 2.78 -7.63
C VAL A 31 2.07 2.94 -6.86
N GLU A 32 2.01 3.93 -5.95
CA GLU A 32 0.80 4.23 -5.16
C GLU A 32 -0.18 5.05 -6.01
N LEU A 33 -1.22 4.36 -6.53
CA LEU A 33 -2.23 4.93 -7.43
C LEU A 33 -3.32 5.69 -6.62
N PRO A 34 -4.00 6.74 -7.23
CA PRO A 34 -5.03 7.57 -6.53
C PRO A 34 -6.27 6.77 -6.07
N ALA A 35 -6.73 7.06 -4.84
CA ALA A 35 -7.89 6.40 -4.20
C ALA A 35 -8.64 7.43 -3.32
N PRO A 36 -9.89 7.14 -2.76
CA PRO A 36 -10.58 8.05 -1.81
C PRO A 36 -9.66 8.47 -0.62
N SER A 37 -9.83 9.72 -0.13
CA SER A 37 -8.91 10.33 0.87
C SER A 37 -8.92 9.60 2.23
N SER A 38 -9.98 8.81 2.49
CA SER A 38 -10.09 7.96 3.69
C SER A 38 -9.13 6.76 3.57
N TRP A 39 -9.08 6.20 2.35
CA TRP A 39 -8.22 5.05 2.02
C TRP A 39 -7.00 5.52 1.20
N LYS A 40 -6.31 4.53 0.64
CA LYS A 40 -5.22 4.71 -0.32
C LYS A 40 -5.12 3.39 -1.12
N LYS A 41 -4.33 3.36 -2.19
CA LYS A 41 -4.04 2.10 -2.89
C LYS A 41 -2.67 2.14 -3.56
N LEU A 42 -2.13 0.95 -3.71
CA LEU A 42 -0.86 0.69 -4.34
C LEU A 42 -1.08 -0.37 -5.44
N PHE A 43 -0.57 -0.09 -6.63
CA PHE A 43 -0.53 -1.06 -7.73
C PHE A 43 0.91 -1.64 -7.83
N TYR A 44 1.01 -2.95 -8.11
CA TYR A 44 2.30 -3.60 -8.41
C TYR A 44 2.46 -3.75 -9.96
N PRO A 45 3.24 -2.86 -10.63
CA PRO A 45 3.52 -2.98 -12.07
C PRO A 45 4.62 -4.02 -12.37
N ASN A 46 4.77 -4.38 -13.65
CA ASN A 46 5.92 -5.15 -14.13
C ASN A 46 7.08 -4.19 -14.48
N LYS A 47 8.32 -4.68 -14.46
CA LYS A 47 9.50 -3.83 -14.68
C LYS A 47 9.69 -3.52 -16.19
N VAL A 48 10.40 -4.39 -16.94
CA VAL A 48 10.64 -4.19 -18.39
C VAL A 48 10.38 -5.51 -19.14
N GLY A 49 9.79 -5.41 -20.34
CA GLY A 49 9.43 -6.57 -21.15
C GLY A 49 8.05 -7.09 -20.76
N SER A 50 8.01 -8.30 -20.16
CA SER A 50 6.78 -8.91 -19.65
C SER A 50 7.10 -9.71 -18.38
N VAL A 51 7.24 -8.97 -17.27
CA VAL A 51 7.34 -9.56 -15.93
C VAL A 51 5.91 -9.78 -15.40
N LYS A 52 5.73 -10.68 -14.43
CA LYS A 52 4.42 -10.89 -13.79
C LYS A 52 4.04 -9.64 -12.96
N LYS A 53 3.03 -8.87 -13.45
CA LYS A 53 2.47 -7.75 -12.69
C LYS A 53 1.49 -8.31 -11.66
N THR A 54 1.50 -7.76 -10.45
CA THR A 54 0.59 -8.16 -9.38
C THR A 54 -0.52 -7.10 -9.25
N GLU A 55 -1.74 -7.59 -9.00
CA GLU A 55 -2.93 -6.75 -8.83
C GLU A 55 -2.80 -5.76 -7.63
N VAL A 56 -3.83 -4.95 -7.46
CA VAL A 56 -3.82 -3.80 -6.56
C VAL A 56 -4.12 -4.23 -5.10
N VAL A 57 -3.50 -3.50 -4.15
CA VAL A 57 -3.70 -3.66 -2.71
C VAL A 57 -4.12 -2.29 -2.14
N PHE A 58 -5.34 -2.22 -1.60
CA PHE A 58 -5.91 -0.97 -1.02
C PHE A 58 -5.52 -0.82 0.45
N VAL A 59 -4.88 0.32 0.78
CA VAL A 59 -4.52 0.67 2.16
C VAL A 59 -5.72 1.26 2.88
N ALA A 60 -5.99 0.73 4.09
CA ALA A 60 -7.13 1.14 4.94
C ALA A 60 -6.76 2.37 5.81
N PRO A 61 -7.78 3.16 6.28
CA PRO A 61 -7.55 4.32 7.20
C PRO A 61 -6.97 3.89 8.57
N THR A 62 -7.18 2.62 8.93
CA THR A 62 -6.68 2.04 10.19
C THR A 62 -5.29 1.38 9.99
N GLY A 63 -4.88 1.21 8.72
CA GLY A 63 -3.59 0.56 8.37
C GLY A 63 -3.74 -0.93 8.06
N GLU A 64 -4.91 -1.53 8.36
CA GLU A 64 -5.23 -2.93 8.00
C GLU A 64 -5.59 -3.00 6.50
N GLU A 65 -4.55 -2.95 5.65
CA GLU A 65 -4.70 -2.89 4.20
C GLU A 65 -5.30 -4.19 3.64
N ILE A 66 -6.21 -4.04 2.67
CA ILE A 66 -6.91 -5.15 2.00
C ILE A 66 -6.16 -5.52 0.70
N SER A 67 -5.89 -6.82 0.52
CA SER A 67 -5.11 -7.34 -0.63
C SER A 67 -6.01 -7.83 -1.77
N ASN A 68 -7.33 -7.95 -1.53
CA ASN A 68 -8.26 -8.65 -2.45
C ASN A 68 -9.70 -8.14 -2.33
N ARG A 69 -10.43 -8.24 -3.45
CA ARG A 69 -11.75 -7.60 -3.66
C ARG A 69 -12.80 -8.05 -2.63
N LYS A 70 -12.77 -9.35 -2.29
CA LYS A 70 -13.73 -9.97 -1.35
C LYS A 70 -13.64 -9.28 0.02
N GLN A 71 -12.41 -9.25 0.56
CA GLN A 71 -12.13 -8.72 1.90
C GLN A 71 -12.40 -7.21 1.97
N LEU A 72 -12.37 -6.55 0.80
CA LEU A 72 -12.71 -5.12 0.67
C LEU A 72 -14.22 -4.94 0.97
N GLU A 73 -15.05 -5.68 0.22
CA GLU A 73 -16.53 -5.61 0.28
C GLU A 73 -17.05 -5.90 1.71
N GLN A 74 -16.56 -7.01 2.27
CA GLN A 74 -16.97 -7.48 3.60
C GLN A 74 -16.43 -6.56 4.72
N TYR A 75 -15.31 -5.85 4.45
CA TYR A 75 -14.75 -4.84 5.38
C TYR A 75 -15.71 -3.65 5.50
N LEU A 76 -16.22 -3.17 4.35
CA LEU A 76 -17.08 -1.97 4.28
C LEU A 76 -18.39 -2.19 5.06
N LYS A 77 -19.01 -3.37 4.85
CA LYS A 77 -20.29 -3.72 5.52
C LYS A 77 -20.05 -4.06 7.02
N SER A 78 -18.83 -4.49 7.38
CA SER A 78 -18.44 -4.75 8.78
C SER A 78 -18.14 -3.43 9.52
N HIS A 79 -17.71 -2.41 8.76
CA HIS A 79 -17.28 -1.12 9.31
C HIS A 79 -18.03 0.03 8.61
N PRO A 80 -19.28 0.37 9.08
CA PRO A 80 -20.08 1.48 8.52
C PRO A 80 -19.37 2.84 8.71
N GLY A 81 -19.13 3.54 7.59
CA GLY A 81 -18.36 4.78 7.56
C GLY A 81 -17.33 4.79 6.45
N ASN A 82 -16.82 3.58 6.12
CA ASN A 82 -15.85 3.38 5.02
C ASN A 82 -16.55 3.54 3.64
N PRO A 83 -15.91 4.25 2.66
CA PRO A 83 -16.49 4.48 1.32
C PRO A 83 -16.71 3.17 0.53
N ALA A 84 -17.68 3.22 -0.40
CA ALA A 84 -18.14 2.05 -1.17
C ALA A 84 -17.12 1.62 -2.24
N ILE A 85 -17.06 0.30 -2.52
CA ILE A 85 -16.09 -0.30 -3.47
C ILE A 85 -16.33 0.16 -4.93
N ALA A 86 -17.47 0.83 -5.17
CA ALA A 86 -17.80 1.46 -6.47
C ALA A 86 -16.73 2.49 -6.90
N GLU A 87 -16.22 3.27 -5.92
CA GLU A 87 -15.16 4.29 -6.17
C GLU A 87 -13.75 3.69 -6.01
N PHE A 88 -13.66 2.41 -5.59
CA PHE A 88 -12.37 1.70 -5.46
C PHE A 88 -12.03 1.05 -6.81
N ASP A 89 -11.02 1.62 -7.49
CA ASP A 89 -10.66 1.24 -8.88
C ASP A 89 -9.55 0.17 -8.88
N TRP A 90 -9.99 -1.10 -8.82
CA TRP A 90 -9.11 -2.29 -9.03
C TRP A 90 -8.67 -2.37 -10.51
N THR A 91 -9.52 -1.79 -11.38
CA THR A 91 -9.38 -1.82 -12.84
C THR A 91 -8.33 -0.79 -13.36
N THR A 92 -7.56 -0.15 -12.44
CA THR A 92 -6.49 0.80 -12.79
C THR A 92 -5.37 0.08 -13.58
N SER A 93 -5.24 -1.25 -13.38
CA SER A 93 -4.32 -2.10 -14.12
C SER A 93 -4.76 -2.21 -15.58
N GLY A 94 -4.12 -1.42 -16.46
CA GLY A 94 -4.41 -1.44 -17.89
C GLY A 94 -3.94 -2.73 -18.56
N THR A 95 -4.80 -3.30 -19.42
CA THR A 95 -4.52 -4.56 -20.13
C THR A 95 -3.62 -4.30 -21.37
N MET A 1 38.55 -20.27 -1.89
CA MET A 1 39.91 -19.77 -2.21
C MET A 1 40.33 -20.31 -3.58
N HIS A 2 40.74 -19.41 -4.49
CA HIS A 2 41.10 -19.78 -5.87
C HIS A 2 42.45 -19.14 -6.25
N HIS A 3 43.41 -19.97 -6.68
CA HIS A 3 44.72 -19.51 -7.20
C HIS A 3 44.97 -20.19 -8.55
N HIS A 4 44.62 -19.46 -9.64
CA HIS A 4 44.69 -19.93 -11.03
C HIS A 4 46.08 -19.62 -11.64
N HIS A 5 47.13 -19.89 -10.86
CA HIS A 5 48.55 -19.76 -11.29
C HIS A 5 49.38 -20.92 -10.71
N HIS A 6 50.64 -21.05 -11.18
CA HIS A 6 51.55 -22.12 -10.72
C HIS A 6 51.99 -21.91 -9.26
N HIS A 7 52.62 -22.95 -8.68
CA HIS A 7 53.08 -22.94 -7.28
C HIS A 7 54.26 -21.96 -7.11
N SER A 8 54.06 -20.97 -6.23
CA SER A 8 55.03 -19.91 -5.95
C SER A 8 54.93 -19.53 -4.46
N SER A 9 55.81 -18.61 -4.01
CA SER A 9 55.80 -18.09 -2.63
C SER A 9 54.65 -17.06 -2.46
N GLY A 10 53.40 -17.58 -2.47
CA GLY A 10 52.20 -16.75 -2.42
C GLY A 10 51.64 -16.64 -1.01
N ARG A 11 52.29 -15.81 -0.18
CA ARG A 11 51.90 -15.55 1.23
C ARG A 11 50.75 -14.53 1.28
N GLU A 12 50.74 -13.62 0.28
CA GLU A 12 49.70 -12.58 0.14
C GLU A 12 48.39 -13.18 -0.45
N ASN A 13 47.53 -12.29 -1.02
CA ASN A 13 46.18 -12.64 -1.56
C ASN A 13 45.22 -12.91 -0.39
N LEU A 14 44.91 -11.82 0.33
CA LEU A 14 44.01 -11.82 1.49
C LEU A 14 43.36 -10.42 1.64
N TYR A 15 42.73 -10.16 2.80
CA TYR A 15 41.93 -8.93 3.04
C TYR A 15 42.07 -8.49 4.52
N PHE A 16 42.99 -7.56 4.79
CA PHE A 16 43.17 -7.01 6.15
C PHE A 16 42.09 -5.93 6.39
N GLN A 17 41.01 -6.34 7.07
CA GLN A 17 39.86 -5.48 7.36
C GLN A 17 39.07 -6.08 8.54
N GLY A 18 38.00 -5.38 8.94
CA GLY A 18 37.05 -5.88 9.95
C GLY A 18 35.82 -6.50 9.30
N HIS A 19 34.63 -6.16 9.83
CA HIS A 19 33.33 -6.68 9.34
C HIS A 19 32.77 -5.78 8.21
N MET A 20 32.00 -6.39 7.29
CA MET A 20 31.24 -5.68 6.24
C MET A 20 29.91 -6.43 6.00
N ALA A 21 28.80 -5.81 6.41
CA ALA A 21 27.45 -6.37 6.19
C ALA A 21 26.95 -6.00 4.79
N SER A 22 25.98 -6.78 4.28
CA SER A 22 25.26 -6.49 3.02
C SER A 22 24.15 -5.45 3.28
N GLY A 23 23.23 -5.27 2.32
CA GLY A 23 22.12 -4.35 2.51
C GLY A 23 21.12 -4.40 1.38
N SER A 24 19.95 -3.74 1.61
CA SER A 24 18.85 -3.61 0.64
C SER A 24 18.23 -4.98 0.29
N GLU A 25 17.32 -4.99 -0.70
CA GLU A 25 16.72 -6.21 -1.25
C GLU A 25 16.28 -5.91 -2.71
N GLU A 26 15.70 -6.92 -3.39
CA GLU A 26 15.13 -6.76 -4.75
C GLU A 26 14.16 -5.57 -4.84
N GLU A 27 14.23 -4.82 -5.95
CA GLU A 27 13.43 -3.61 -6.18
C GLU A 27 11.97 -3.99 -6.45
N VAL A 28 11.19 -4.14 -5.36
CA VAL A 28 9.73 -4.36 -5.44
C VAL A 28 9.03 -3.02 -5.67
N VAL A 29 8.55 -2.83 -6.90
CA VAL A 29 8.01 -1.55 -7.40
C VAL A 29 6.50 -1.45 -7.13
N SER A 30 6.09 -0.40 -6.41
CA SER A 30 4.67 -0.14 -6.09
C SER A 30 4.41 1.38 -6.13
N VAL A 31 3.59 1.81 -7.09
CA VAL A 31 3.21 3.21 -7.29
C VAL A 31 1.79 3.43 -6.72
N GLU A 32 1.64 4.44 -5.87
CA GLU A 32 0.36 4.78 -5.26
C GLU A 32 -0.45 5.67 -6.23
N LEU A 33 -1.48 5.07 -6.82
CA LEU A 33 -2.40 5.73 -7.78
C LEU A 33 -3.51 6.50 -6.99
N PRO A 34 -4.28 7.46 -7.64
CA PRO A 34 -5.30 8.32 -6.94
C PRO A 34 -6.28 7.52 -6.06
N ALA A 35 -6.66 8.12 -4.91
CA ALA A 35 -7.35 7.43 -3.82
C ALA A 35 -8.34 8.38 -3.11
N PRO A 36 -9.42 7.80 -2.45
CA PRO A 36 -10.23 8.54 -1.44
C PRO A 36 -9.34 9.03 -0.27
N SER A 37 -9.72 10.16 0.35
CA SER A 37 -8.94 10.80 1.43
C SER A 37 -8.72 9.85 2.63
N SER A 38 -9.79 9.13 3.00
CA SER A 38 -9.78 8.16 4.14
C SER A 38 -8.88 6.94 3.83
N TRP A 39 -8.83 6.54 2.55
CA TRP A 39 -8.07 5.35 2.10
C TRP A 39 -6.78 5.76 1.36
N LYS A 40 -6.07 4.73 0.85
CA LYS A 40 -5.04 4.88 -0.17
C LYS A 40 -5.20 3.75 -1.20
N LYS A 41 -4.82 4.05 -2.44
CA LYS A 41 -4.86 3.13 -3.57
C LYS A 41 -3.42 2.95 -4.05
N LEU A 42 -2.97 1.70 -4.03
CA LEU A 42 -1.65 1.29 -4.49
C LEU A 42 -1.81 0.29 -5.64
N PHE A 43 -0.88 0.40 -6.60
CA PHE A 43 -0.75 -0.51 -7.75
C PHE A 43 0.71 -0.93 -7.84
N TYR A 44 0.98 -2.24 -7.91
CA TYR A 44 2.32 -2.76 -8.23
C TYR A 44 2.47 -2.85 -9.77
N PRO A 45 3.35 -2.00 -10.40
CA PRO A 45 3.79 -2.22 -11.80
C PRO A 45 4.83 -3.34 -11.89
N ASN A 46 5.44 -3.48 -13.06
CA ASN A 46 6.48 -4.48 -13.34
C ASN A 46 7.77 -3.79 -13.83
N LYS A 47 8.77 -4.58 -14.22
CA LYS A 47 9.99 -4.05 -14.85
C LYS A 47 9.77 -3.89 -16.37
N VAL A 48 9.84 -5.02 -17.12
CA VAL A 48 9.78 -5.02 -18.60
C VAL A 48 8.74 -6.07 -19.08
N GLY A 49 7.45 -5.71 -18.94
CA GLY A 49 6.32 -6.46 -19.53
C GLY A 49 6.02 -7.82 -18.89
N SER A 50 6.83 -8.83 -19.26
CA SER A 50 6.61 -10.26 -18.95
C SER A 50 7.10 -10.63 -17.53
N VAL A 51 6.82 -9.77 -16.54
CA VAL A 51 7.20 -9.98 -15.13
C VAL A 51 5.98 -10.45 -14.33
N LYS A 52 6.21 -11.19 -13.24
CA LYS A 52 5.14 -11.73 -12.37
C LYS A 52 4.38 -10.59 -11.67
N LYS A 53 5.17 -9.71 -11.01
CA LYS A 53 4.71 -8.55 -10.21
C LYS A 53 3.62 -8.95 -9.16
N THR A 54 2.97 -7.94 -8.56
CA THR A 54 1.86 -8.14 -7.62
C THR A 54 0.63 -7.38 -8.16
N GLU A 55 -0.58 -7.75 -7.70
CA GLU A 55 -1.84 -7.10 -8.13
C GLU A 55 -2.06 -5.75 -7.40
N VAL A 56 -3.29 -5.22 -7.50
CA VAL A 56 -3.69 -3.94 -6.89
C VAL A 56 -4.01 -4.15 -5.40
N VAL A 57 -3.43 -3.29 -4.54
CA VAL A 57 -3.64 -3.34 -3.08
C VAL A 57 -4.17 -1.97 -2.61
N PHE A 58 -5.37 -1.97 -1.98
CA PHE A 58 -5.95 -0.78 -1.35
C PHE A 58 -5.57 -0.71 0.13
N VAL A 59 -4.84 0.34 0.54
CA VAL A 59 -4.45 0.56 1.94
C VAL A 59 -5.65 1.13 2.71
N ALA A 60 -6.01 0.42 3.78
CA ALA A 60 -7.18 0.71 4.60
C ALA A 60 -6.83 1.71 5.73
N PRO A 61 -7.79 2.60 6.14
CA PRO A 61 -7.59 3.61 7.20
C PRO A 61 -7.27 3.01 8.60
N THR A 62 -7.80 1.80 8.90
CA THR A 62 -7.56 1.12 10.19
C THR A 62 -6.26 0.28 10.14
N GLY A 63 -5.58 0.26 8.96
CA GLY A 63 -4.38 -0.55 8.77
C GLY A 63 -4.72 -2.02 8.54
N GLU A 64 -5.44 -2.28 7.45
CA GLU A 64 -5.86 -3.63 7.05
C GLU A 64 -6.01 -3.65 5.52
N GLU A 65 -4.85 -3.57 4.83
CA GLU A 65 -4.78 -3.39 3.37
C GLU A 65 -5.36 -4.60 2.61
N ILE A 66 -5.77 -4.36 1.36
CA ILE A 66 -6.65 -5.24 0.60
C ILE A 66 -5.97 -5.70 -0.70
N SER A 67 -5.60 -6.98 -0.79
CA SER A 67 -4.95 -7.55 -1.99
C SER A 67 -5.99 -7.98 -3.05
N ASN A 68 -7.27 -8.12 -2.65
CA ASN A 68 -8.32 -8.63 -3.55
C ASN A 68 -9.73 -8.18 -3.10
N ARG A 69 -10.65 -8.07 -4.08
CA ARG A 69 -12.01 -7.45 -3.92
C ARG A 69 -12.85 -8.07 -2.78
N LYS A 70 -12.67 -9.38 -2.52
CA LYS A 70 -13.39 -10.08 -1.43
C LYS A 70 -13.14 -9.32 -0.10
N GLN A 71 -11.83 -9.13 0.20
CA GLN A 71 -11.37 -8.49 1.44
C GLN A 71 -11.87 -7.04 1.55
N LEU A 72 -11.98 -6.36 0.39
CA LEU A 72 -12.46 -4.96 0.29
C LEU A 72 -13.91 -4.88 0.82
N GLU A 73 -14.76 -5.73 0.26
CA GLU A 73 -16.21 -5.71 0.51
C GLU A 73 -16.53 -6.12 1.95
N GLN A 74 -15.95 -7.26 2.39
CA GLN A 74 -16.14 -7.77 3.76
C GLN A 74 -15.58 -6.78 4.81
N TYR A 75 -14.60 -5.95 4.38
CA TYR A 75 -14.07 -4.85 5.21
C TYR A 75 -15.15 -3.78 5.42
N LEU A 76 -15.78 -3.34 4.31
CA LEU A 76 -16.77 -2.23 4.34
C LEU A 76 -17.99 -2.57 5.21
N LYS A 77 -18.51 -3.80 5.04
CA LYS A 77 -19.66 -4.28 5.82
C LYS A 77 -19.26 -4.72 7.26
N SER A 78 -17.94 -4.74 7.54
CA SER A 78 -17.40 -4.89 8.91
C SER A 78 -17.05 -3.52 9.53
N HIS A 79 -16.82 -2.51 8.67
CA HIS A 79 -16.32 -1.18 9.07
C HIS A 79 -17.18 -0.08 8.39
N PRO A 80 -18.22 0.47 9.09
CA PRO A 80 -19.05 1.56 8.53
C PRO A 80 -18.32 2.92 8.55
N GLY A 81 -18.70 3.81 7.62
CA GLY A 81 -18.01 5.10 7.44
C GLY A 81 -16.83 5.01 6.47
N ASN A 82 -16.68 3.83 5.83
CA ASN A 82 -15.62 3.58 4.82
C ASN A 82 -16.24 3.62 3.40
N PRO A 83 -15.66 4.44 2.45
CA PRO A 83 -16.19 4.60 1.06
C PRO A 83 -16.33 3.25 0.31
N ALA A 84 -17.39 3.15 -0.51
CA ALA A 84 -17.80 1.90 -1.17
C ALA A 84 -16.82 1.50 -2.30
N ILE A 85 -16.84 0.20 -2.66
CA ILE A 85 -15.98 -0.38 -3.70
C ILE A 85 -16.34 0.17 -5.11
N ALA A 86 -17.54 0.77 -5.21
CA ALA A 86 -18.07 1.37 -6.46
C ALA A 86 -17.20 2.52 -7.00
N GLU A 87 -16.51 3.24 -6.08
CA GLU A 87 -15.57 4.34 -6.46
C GLU A 87 -14.11 3.85 -6.50
N PHE A 88 -13.87 2.62 -6.03
CA PHE A 88 -12.51 2.03 -5.92
C PHE A 88 -12.10 1.39 -7.26
N ASP A 89 -11.03 1.94 -7.89
CA ASP A 89 -10.58 1.52 -9.23
C ASP A 89 -9.48 0.44 -9.13
N TRP A 90 -9.72 -0.70 -9.79
CA TRP A 90 -8.77 -1.83 -9.88
C TRP A 90 -8.23 -1.94 -11.32
N THR A 91 -8.98 -1.36 -12.29
CA THR A 91 -8.71 -1.51 -13.76
C THR A 91 -7.60 -0.56 -14.23
N THR A 92 -6.95 0.18 -13.30
CA THR A 92 -5.82 1.07 -13.61
C THR A 92 -4.61 0.28 -14.19
N SER A 93 -4.61 -1.04 -13.91
CA SER A 93 -3.61 -2.01 -14.40
C SER A 93 -3.67 -2.16 -15.94
N GLY A 94 -4.87 -1.92 -16.48
CA GLY A 94 -5.17 -2.16 -17.90
C GLY A 94 -6.30 -3.18 -18.03
N THR A 95 -6.88 -3.28 -19.24
CA THR A 95 -7.98 -4.20 -19.53
C THR A 95 -7.98 -4.54 -21.04
N MET A 1 16.50 57.01 -22.98
CA MET A 1 16.81 56.05 -21.90
C MET A 1 17.08 56.82 -20.59
N HIS A 2 16.52 56.32 -19.48
CA HIS A 2 16.62 56.96 -18.14
C HIS A 2 17.73 56.31 -17.29
N HIS A 3 17.89 54.97 -17.45
CA HIS A 3 18.85 54.12 -16.67
C HIS A 3 18.46 54.05 -15.18
N HIS A 4 17.90 52.91 -14.77
CA HIS A 4 17.60 52.61 -13.37
C HIS A 4 18.64 51.60 -12.85
N HIS A 5 19.41 51.97 -11.82
CA HIS A 5 20.50 51.15 -11.26
C HIS A 5 20.05 50.52 -9.93
N HIS A 6 19.04 49.62 -10.02
CA HIS A 6 18.46 48.92 -8.86
C HIS A 6 18.17 47.44 -9.20
N HIS A 7 19.07 46.55 -8.73
CA HIS A 7 18.92 45.09 -8.80
C HIS A 7 19.58 44.48 -7.54
N SER A 8 19.35 45.17 -6.41
CA SER A 8 19.99 44.87 -5.11
C SER A 8 19.35 43.66 -4.40
N SER A 9 18.27 43.11 -4.98
CA SER A 9 17.52 41.99 -4.40
C SER A 9 18.30 40.67 -4.55
N GLY A 10 18.73 40.11 -3.40
CA GLY A 10 19.49 38.87 -3.37
C GLY A 10 19.30 38.13 -2.05
N ARG A 11 18.02 37.86 -1.72
CA ARG A 11 17.62 37.17 -0.46
C ARG A 11 17.35 35.69 -0.71
N GLU A 12 17.75 35.19 -1.91
CA GLU A 12 17.52 33.79 -2.32
C GLU A 12 18.24 32.82 -1.36
N ASN A 13 17.43 32.14 -0.54
CA ASN A 13 17.90 31.26 0.53
C ASN A 13 17.21 29.89 0.40
N LEU A 14 17.90 28.93 -0.25
CA LEU A 14 17.50 27.52 -0.25
C LEU A 14 18.51 26.72 0.58
N TYR A 15 17.97 25.85 1.42
CA TYR A 15 18.76 24.84 2.14
C TYR A 15 18.80 23.57 1.30
N PHE A 16 17.65 23.30 0.62
CA PHE A 16 17.45 22.22 -0.36
C PHE A 16 18.01 20.88 0.13
N GLN A 17 17.48 20.43 1.28
CA GLN A 17 17.93 19.21 1.95
C GLN A 17 16.78 18.59 2.74
N GLY A 18 16.95 17.31 3.08
CA GLY A 18 15.99 16.56 3.86
C GLY A 18 16.57 15.22 4.28
N HIS A 19 15.81 14.47 5.10
CA HIS A 19 16.21 13.13 5.55
C HIS A 19 15.71 12.07 4.55
N MET A 20 16.56 11.07 4.25
CA MET A 20 16.24 9.99 3.29
C MET A 20 16.29 8.65 4.04
N ALA A 21 15.09 8.12 4.38
CA ALA A 21 14.94 6.85 5.10
C ALA A 21 15.32 5.68 4.19
N SER A 22 16.55 5.18 4.34
CA SER A 22 17.09 4.06 3.57
C SER A 22 17.80 3.08 4.55
N GLY A 23 16.97 2.41 5.39
CA GLY A 23 17.45 1.38 6.31
C GLY A 23 17.42 0.00 5.68
N SER A 24 16.69 -0.94 6.30
CA SER A 24 16.54 -2.32 5.81
C SER A 24 15.36 -2.46 4.81
N GLU A 25 15.03 -1.35 4.12
CA GLU A 25 13.95 -1.31 3.12
C GLU A 25 14.28 -2.22 1.91
N GLU A 26 13.33 -3.08 1.55
CA GLU A 26 13.47 -4.04 0.42
C GLU A 26 13.00 -3.37 -0.88
N GLU A 27 13.68 -3.68 -1.99
CA GLU A 27 13.43 -3.08 -3.30
C GLU A 27 12.29 -3.83 -4.02
N VAL A 28 11.03 -3.48 -3.70
CA VAL A 28 9.83 -4.04 -4.36
C VAL A 28 9.33 -3.05 -5.43
N VAL A 29 9.12 -3.53 -6.67
CA VAL A 29 8.61 -2.69 -7.79
C VAL A 29 7.11 -2.40 -7.57
N SER A 30 6.79 -1.17 -7.15
CA SER A 30 5.43 -0.79 -6.72
C SER A 30 5.26 0.74 -6.72
N VAL A 31 4.34 1.23 -7.56
CA VAL A 31 3.98 2.65 -7.66
C VAL A 31 2.61 2.86 -6.99
N GLU A 32 2.49 3.89 -6.15
CA GLU A 32 1.22 4.25 -5.51
C GLU A 32 0.39 5.11 -6.47
N LEU A 33 -0.74 4.56 -6.92
CA LEU A 33 -1.69 5.22 -7.86
C LEU A 33 -2.75 6.03 -7.06
N PRO A 34 -3.54 6.96 -7.72
CA PRO A 34 -4.59 7.77 -7.05
C PRO A 34 -5.65 6.89 -6.34
N ALA A 35 -6.10 7.38 -5.17
CA ALA A 35 -6.93 6.62 -4.22
C ALA A 35 -8.09 7.48 -3.69
N PRO A 36 -9.12 6.85 -3.03
CA PRO A 36 -10.06 7.57 -2.11
C PRO A 36 -9.31 8.39 -1.01
N SER A 37 -10.04 9.30 -0.35
CA SER A 37 -9.47 10.22 0.66
C SER A 37 -8.93 9.46 1.89
N SER A 38 -9.67 8.42 2.32
CA SER A 38 -9.35 7.60 3.50
C SER A 38 -8.30 6.52 3.18
N TRP A 39 -8.42 5.94 1.98
CA TRP A 39 -7.60 4.79 1.55
C TRP A 39 -6.41 5.25 0.71
N LYS A 40 -5.40 4.40 0.66
CA LYS A 40 -4.26 4.53 -0.27
C LYS A 40 -4.35 3.38 -1.28
N LYS A 41 -3.81 3.62 -2.46
CA LYS A 41 -3.87 2.70 -3.61
C LYS A 41 -2.45 2.48 -4.10
N LEU A 42 -2.02 1.23 -4.04
CA LEU A 42 -0.75 0.76 -4.57
C LEU A 42 -1.03 -0.21 -5.72
N PHE A 43 -0.14 -0.17 -6.70
CA PHE A 43 -0.11 -1.05 -7.86
C PHE A 43 1.33 -1.58 -8.04
N TYR A 44 1.48 -2.91 -8.14
CA TYR A 44 2.77 -3.54 -8.51
C TYR A 44 2.86 -3.63 -10.06
N PRO A 45 3.68 -2.76 -10.74
CA PRO A 45 3.94 -2.87 -12.19
C PRO A 45 4.95 -3.97 -12.52
N ASN A 46 4.92 -4.43 -13.77
CA ASN A 46 5.90 -5.39 -14.33
C ASN A 46 6.93 -4.62 -15.15
N LYS A 47 8.15 -5.18 -15.28
CA LYS A 47 9.27 -4.55 -16.02
C LYS A 47 8.89 -4.23 -17.49
N VAL A 48 8.14 -5.16 -18.11
CA VAL A 48 7.57 -5.00 -19.46
C VAL A 48 6.04 -5.00 -19.35
N GLY A 49 5.46 -3.82 -19.08
CA GLY A 49 4.00 -3.63 -19.04
C GLY A 49 3.33 -4.33 -17.86
N SER A 50 2.71 -5.50 -18.14
CA SER A 50 1.90 -6.25 -17.14
C SER A 50 2.35 -7.72 -17.05
N VAL A 51 2.29 -8.45 -18.19
CA VAL A 51 2.70 -9.88 -18.30
C VAL A 51 2.06 -10.77 -17.21
N LYS A 52 2.75 -10.90 -16.04
CA LYS A 52 2.31 -11.74 -14.90
C LYS A 52 2.62 -11.00 -13.59
N LYS A 53 2.37 -9.68 -13.60
CA LYS A 53 2.66 -8.76 -12.48
C LYS A 53 1.94 -9.17 -11.19
N THR A 54 2.52 -8.79 -10.06
CA THR A 54 1.85 -8.92 -8.75
C THR A 54 0.64 -7.94 -8.74
N GLU A 55 -0.48 -8.39 -8.17
CA GLU A 55 -1.77 -7.67 -8.22
C GLU A 55 -1.81 -6.43 -7.29
N VAL A 56 -2.98 -5.75 -7.27
CA VAL A 56 -3.18 -4.45 -6.61
C VAL A 56 -3.45 -4.61 -5.10
N VAL A 57 -2.87 -3.68 -4.29
CA VAL A 57 -3.06 -3.63 -2.83
C VAL A 57 -3.62 -2.24 -2.45
N PHE A 58 -4.73 -2.23 -1.69
CA PHE A 58 -5.28 -0.99 -1.09
C PHE A 58 -4.90 -0.92 0.39
N VAL A 59 -4.23 0.17 0.78
CA VAL A 59 -3.90 0.43 2.19
C VAL A 59 -5.14 1.01 2.90
N ALA A 60 -5.47 0.41 4.05
CA ALA A 60 -6.65 0.75 4.85
C ALA A 60 -6.38 1.94 5.77
N PRO A 61 -7.45 2.71 6.16
CA PRO A 61 -7.33 3.86 7.12
C PRO A 61 -6.82 3.44 8.52
N THR A 62 -7.01 2.15 8.89
CA THR A 62 -6.53 1.61 10.18
C THR A 62 -5.21 0.84 10.03
N GLY A 63 -4.77 0.64 8.77
CA GLY A 63 -3.53 -0.10 8.48
C GLY A 63 -3.75 -1.59 8.20
N GLU A 64 -5.00 -2.07 8.33
CA GLU A 64 -5.39 -3.45 7.97
C GLU A 64 -5.56 -3.56 6.45
N GLU A 65 -4.41 -3.60 5.74
CA GLU A 65 -4.37 -3.46 4.28
C GLU A 65 -5.02 -4.67 3.58
N ILE A 66 -5.43 -4.41 2.35
CA ILE A 66 -6.24 -5.31 1.53
C ILE A 66 -5.43 -5.73 0.30
N SER A 67 -5.20 -7.05 0.16
CA SER A 67 -4.38 -7.60 -0.92
C SER A 67 -5.22 -7.92 -2.18
N ASN A 68 -6.55 -8.05 -2.02
CA ASN A 68 -7.46 -8.47 -3.11
C ASN A 68 -8.91 -8.03 -2.85
N ARG A 69 -9.72 -8.09 -3.93
CA ARG A 69 -11.08 -7.49 -4.00
C ARG A 69 -12.03 -8.00 -2.90
N LYS A 70 -11.97 -9.33 -2.67
CA LYS A 70 -12.82 -10.02 -1.65
C LYS A 70 -12.66 -9.36 -0.27
N GLN A 71 -11.38 -9.16 0.12
CA GLN A 71 -11.00 -8.56 1.41
C GLN A 71 -11.52 -7.12 1.52
N LEU A 72 -11.58 -6.42 0.38
CA LEU A 72 -12.05 -5.02 0.29
C LEU A 72 -13.57 -4.98 0.64
N GLU A 73 -14.35 -5.85 -0.03
CA GLU A 73 -15.82 -5.90 0.08
C GLU A 73 -16.28 -6.33 1.49
N GLN A 74 -15.62 -7.37 2.05
CA GLN A 74 -15.91 -7.87 3.41
C GLN A 74 -15.50 -6.84 4.48
N TYR A 75 -14.50 -6.00 4.13
CA TYR A 75 -14.03 -4.90 4.99
C TYR A 75 -15.11 -3.80 5.07
N LEU A 76 -15.66 -3.41 3.92
CA LEU A 76 -16.60 -2.25 3.81
C LEU A 76 -17.95 -2.53 4.47
N LYS A 77 -18.38 -3.80 4.51
CA LYS A 77 -19.61 -4.18 5.24
C LYS A 77 -19.32 -4.18 6.76
N SER A 78 -18.09 -4.61 7.14
CA SER A 78 -17.62 -4.60 8.54
C SER A 78 -17.29 -3.16 9.01
N HIS A 79 -17.07 -2.27 8.04
CA HIS A 79 -16.68 -0.86 8.27
C HIS A 79 -17.49 0.03 7.29
N PRO A 80 -18.82 0.28 7.58
CA PRO A 80 -19.71 1.09 6.69
C PRO A 80 -19.31 2.58 6.65
N GLY A 81 -18.50 3.01 7.63
CA GLY A 81 -17.95 4.37 7.67
C GLY A 81 -16.90 4.62 6.61
N ASN A 82 -16.39 3.53 5.99
CA ASN A 82 -15.42 3.58 4.88
C ASN A 82 -16.16 3.52 3.52
N PRO A 83 -15.64 4.22 2.46
CA PRO A 83 -16.36 4.41 1.17
C PRO A 83 -16.51 3.10 0.34
N ALA A 84 -17.48 3.10 -0.58
CA ALA A 84 -17.85 1.93 -1.40
C ALA A 84 -16.79 1.58 -2.46
N ILE A 85 -16.66 0.27 -2.78
CA ILE A 85 -15.67 -0.24 -3.77
C ILE A 85 -16.00 0.23 -5.21
N ALA A 86 -17.22 0.79 -5.39
CA ALA A 86 -17.67 1.41 -6.65
C ALA A 86 -16.76 2.58 -7.11
N GLU A 87 -16.11 3.27 -6.15
CA GLU A 87 -15.15 4.36 -6.45
C GLU A 87 -13.69 3.87 -6.34
N PHE A 88 -13.47 2.64 -5.84
CA PHE A 88 -12.13 2.04 -5.74
C PHE A 88 -11.72 1.49 -7.11
N ASP A 89 -10.74 2.14 -7.73
CA ASP A 89 -10.16 1.69 -8.99
C ASP A 89 -9.18 0.54 -8.72
N TRP A 90 -9.45 -0.62 -9.29
CA TRP A 90 -8.52 -1.76 -9.36
C TRP A 90 -8.04 -1.93 -10.82
N THR A 91 -8.64 -1.16 -11.76
CA THR A 91 -8.56 -1.41 -13.21
C THR A 91 -7.66 -0.37 -13.95
N THR A 92 -6.84 0.41 -13.20
CA THR A 92 -5.83 1.33 -13.80
C THR A 92 -4.80 0.54 -14.64
N SER A 93 -4.63 -0.75 -14.26
CA SER A 93 -3.72 -1.71 -14.89
C SER A 93 -4.08 -1.96 -16.36
N GLY A 94 -5.37 -1.84 -16.71
CA GLY A 94 -5.90 -2.30 -17.98
C GLY A 94 -5.91 -3.82 -18.00
N THR A 95 -4.81 -4.41 -18.48
CA THR A 95 -4.49 -5.83 -18.32
C THR A 95 -3.88 -6.03 -16.91
N MET A 1 -6.92 -31.78 54.09
CA MET A 1 -5.87 -31.04 54.83
C MET A 1 -4.60 -30.93 53.94
N HIS A 2 -4.44 -29.76 53.27
CA HIS A 2 -3.26 -29.44 52.43
C HIS A 2 -2.96 -27.95 52.53
N HIS A 3 -1.72 -27.62 52.93
CA HIS A 3 -1.22 -26.24 52.89
C HIS A 3 -0.73 -25.97 51.46
N HIS A 4 -1.59 -25.28 50.68
CA HIS A 4 -1.40 -25.06 49.24
C HIS A 4 -0.15 -24.19 48.95
N HIS A 5 0.99 -24.87 48.73
CA HIS A 5 2.28 -24.21 48.40
C HIS A 5 2.52 -24.31 46.89
N HIS A 6 1.72 -23.53 46.14
CA HIS A 6 1.81 -23.47 44.68
C HIS A 6 2.94 -22.51 44.27
N HIS A 7 3.93 -23.07 43.57
CA HIS A 7 5.05 -22.29 43.03
C HIS A 7 4.72 -21.75 41.63
N SER A 8 5.10 -20.50 41.40
CA SER A 8 5.10 -19.85 40.08
C SER A 8 6.56 -19.74 39.56
N SER A 9 7.37 -20.74 39.94
CA SER A 9 8.81 -20.80 39.61
C SER A 9 9.04 -20.91 38.09
N GLY A 10 9.59 -19.83 37.51
CA GLY A 10 9.96 -19.80 36.10
C GLY A 10 11.44 -20.12 35.91
N ARG A 11 11.73 -21.12 35.05
CA ARG A 11 13.11 -21.52 34.70
C ARG A 11 13.75 -20.45 33.80
N GLU A 12 12.91 -19.80 32.96
CA GLU A 12 13.34 -18.69 32.09
C GLU A 12 13.78 -17.49 32.96
N ASN A 13 15.09 -17.45 33.22
CA ASN A 13 15.75 -16.37 33.99
C ASN A 13 17.04 -16.00 33.25
N LEU A 14 16.84 -15.31 32.11
CA LEU A 14 17.93 -14.87 31.22
C LEU A 14 17.49 -13.64 30.42
N TYR A 15 18.42 -13.11 29.62
CA TYR A 15 18.16 -12.00 28.68
C TYR A 15 17.00 -12.33 27.71
N PHE A 16 17.04 -13.56 27.13
CA PHE A 16 16.03 -14.09 26.18
C PHE A 16 15.84 -13.14 24.97
N GLN A 17 16.89 -12.37 24.65
CA GLN A 17 16.90 -11.37 23.56
C GLN A 17 17.40 -12.02 22.25
N GLY A 18 16.84 -13.19 21.93
CA GLY A 18 17.18 -13.94 20.72
C GLY A 18 16.47 -13.40 19.48
N HIS A 19 16.81 -12.16 19.12
CA HIS A 19 16.21 -11.43 17.98
C HIS A 19 17.26 -11.24 16.86
N MET A 20 16.85 -11.43 15.61
CA MET A 20 17.70 -11.21 14.41
C MET A 20 17.01 -10.19 13.48
N ALA A 21 15.79 -10.54 13.04
CA ALA A 21 14.90 -9.67 12.25
C ALA A 21 15.51 -9.29 10.87
N SER A 22 15.06 -10.00 9.82
CA SER A 22 15.55 -9.79 8.44
C SER A 22 14.42 -10.07 7.44
N GLY A 23 14.27 -9.17 6.45
CA GLY A 23 13.26 -9.31 5.40
C GLY A 23 13.35 -8.18 4.38
N SER A 24 12.37 -8.15 3.46
CA SER A 24 12.26 -7.08 2.42
C SER A 24 13.52 -7.02 1.52
N GLU A 25 14.05 -8.20 1.15
CA GLU A 25 15.27 -8.34 0.31
C GLU A 25 14.87 -8.45 -1.19
N GLU A 26 13.82 -7.72 -1.56
CA GLU A 26 13.32 -7.62 -2.95
C GLU A 26 12.99 -6.16 -3.26
N GLU A 27 13.83 -5.51 -4.09
CA GLU A 27 13.60 -4.14 -4.56
C GLU A 27 12.44 -4.14 -5.59
N VAL A 28 11.23 -3.94 -5.06
CA VAL A 28 10.00 -3.94 -5.87
C VAL A 28 9.68 -2.52 -6.37
N VAL A 29 9.01 -2.44 -7.53
CA VAL A 29 8.58 -1.16 -8.13
C VAL A 29 7.03 -1.05 -8.10
N SER A 30 6.53 0.11 -7.66
CA SER A 30 5.09 0.38 -7.54
C SER A 30 4.78 1.85 -7.80
N VAL A 31 3.62 2.10 -8.41
CA VAL A 31 3.08 3.45 -8.61
C VAL A 31 1.79 3.58 -7.79
N GLU A 32 1.68 4.66 -7.01
CA GLU A 32 0.46 4.99 -6.27
C GLU A 32 -0.54 5.67 -7.22
N LEU A 33 -1.63 4.96 -7.54
CA LEU A 33 -2.66 5.42 -8.49
C LEU A 33 -3.74 6.25 -7.73
N PRO A 34 -4.70 6.98 -8.44
CA PRO A 34 -5.72 7.85 -7.77
C PRO A 34 -6.53 7.10 -6.69
N ALA A 35 -6.60 7.70 -5.50
CA ALA A 35 -7.12 7.04 -4.27
C ALA A 35 -8.41 7.69 -3.74
N PRO A 36 -9.26 6.90 -3.01
CA PRO A 36 -10.37 7.48 -2.20
C PRO A 36 -9.80 8.24 -0.97
N SER A 37 -10.50 9.30 -0.56
CA SER A 37 -9.99 10.26 0.46
C SER A 37 -9.79 9.61 1.86
N SER A 38 -10.53 8.53 2.13
CA SER A 38 -10.43 7.78 3.39
C SER A 38 -9.23 6.80 3.34
N TRP A 39 -9.02 6.20 2.17
CA TRP A 39 -8.01 5.14 1.96
C TRP A 39 -6.80 5.67 1.18
N LYS A 40 -5.99 4.74 0.67
CA LYS A 40 -4.89 5.02 -0.26
C LYS A 40 -4.82 3.87 -1.27
N LYS A 41 -4.33 4.16 -2.47
CA LYS A 41 -4.39 3.25 -3.62
C LYS A 41 -2.99 3.12 -4.26
N LEU A 42 -2.57 1.87 -4.42
CA LEU A 42 -1.28 1.52 -5.01
C LEU A 42 -1.49 0.38 -6.01
N PHE A 43 -0.63 0.36 -7.04
CA PHE A 43 -0.57 -0.67 -8.08
C PHE A 43 0.90 -1.02 -8.32
N TYR A 44 1.20 -2.32 -8.44
CA TYR A 44 2.53 -2.81 -8.83
C TYR A 44 2.55 -3.09 -10.36
N PRO A 45 3.21 -2.22 -11.19
CA PRO A 45 3.42 -2.48 -12.64
C PRO A 45 4.59 -3.47 -12.90
N ASN A 46 4.55 -4.15 -14.06
CA ASN A 46 5.66 -5.01 -14.51
C ASN A 46 6.68 -4.12 -15.23
N LYS A 47 7.82 -3.83 -14.57
CA LYS A 47 8.85 -2.89 -15.08
C LYS A 47 9.34 -3.30 -16.49
N VAL A 48 9.73 -4.57 -16.63
CA VAL A 48 10.17 -5.16 -17.91
C VAL A 48 8.93 -5.56 -18.75
N GLY A 49 8.08 -6.40 -18.14
CA GLY A 49 6.87 -6.92 -18.80
C GLY A 49 6.60 -8.35 -18.40
N SER A 50 7.64 -9.20 -18.54
CA SER A 50 7.58 -10.64 -18.18
C SER A 50 7.81 -10.86 -16.66
N VAL A 51 7.59 -9.80 -15.84
CA VAL A 51 7.77 -9.84 -14.38
C VAL A 51 6.57 -10.55 -13.74
N LYS A 52 6.82 -11.21 -12.60
CA LYS A 52 5.77 -11.90 -11.81
C LYS A 52 4.72 -10.89 -11.32
N LYS A 53 5.21 -9.68 -10.98
CA LYS A 53 4.44 -8.53 -10.45
C LYS A 53 3.75 -8.88 -9.10
N THR A 54 3.14 -7.86 -8.50
CA THR A 54 2.26 -7.97 -7.33
C THR A 54 0.93 -7.25 -7.69
N GLU A 55 -0.17 -7.56 -6.99
CA GLU A 55 -1.50 -7.02 -7.33
C GLU A 55 -1.69 -5.54 -6.89
N VAL A 56 -2.93 -5.06 -7.02
CA VAL A 56 -3.34 -3.72 -6.56
C VAL A 56 -3.60 -3.78 -5.05
N VAL A 57 -2.87 -2.96 -4.29
CA VAL A 57 -2.98 -2.92 -2.82
C VAL A 57 -3.60 -1.58 -2.38
N PHE A 58 -4.76 -1.66 -1.72
CA PHE A 58 -5.40 -0.51 -1.08
C PHE A 58 -4.97 -0.44 0.40
N VAL A 59 -4.33 0.68 0.80
CA VAL A 59 -3.98 0.94 2.19
C VAL A 59 -5.21 1.43 2.94
N ALA A 60 -5.52 0.75 4.06
CA ALA A 60 -6.69 1.04 4.88
C ALA A 60 -6.41 2.16 5.88
N PRO A 61 -7.44 2.98 6.24
CA PRO A 61 -7.29 4.16 7.14
C PRO A 61 -6.83 3.80 8.58
N THR A 62 -6.97 2.51 8.96
CA THR A 62 -6.60 2.01 10.32
C THR A 62 -5.36 1.09 10.27
N GLY A 63 -4.80 0.87 9.06
CA GLY A 63 -3.70 -0.06 8.89
C GLY A 63 -4.15 -1.53 8.92
N GLU A 64 -4.95 -1.89 7.91
CA GLU A 64 -5.42 -3.27 7.69
C GLU A 64 -5.63 -3.41 6.17
N GLU A 65 -4.50 -3.48 5.45
CA GLU A 65 -4.46 -3.32 3.99
C GLU A 65 -5.18 -4.46 3.25
N ILE A 66 -5.62 -4.14 2.04
CA ILE A 66 -6.40 -5.03 1.17
C ILE A 66 -5.59 -5.31 -0.11
N SER A 67 -5.68 -6.54 -0.64
CA SER A 67 -4.98 -6.94 -1.88
C SER A 67 -5.93 -7.61 -2.89
N ASN A 68 -7.22 -7.80 -2.53
CA ASN A 68 -8.23 -8.37 -3.47
C ASN A 68 -9.64 -7.87 -3.13
N ARG A 69 -10.55 -7.94 -4.12
CA ARG A 69 -11.94 -7.43 -4.01
C ARG A 69 -12.73 -8.14 -2.90
N LYS A 70 -12.44 -9.43 -2.64
CA LYS A 70 -13.12 -10.18 -1.58
C LYS A 70 -12.84 -9.49 -0.24
N GLN A 71 -11.53 -9.28 0.05
CA GLN A 71 -11.07 -8.58 1.27
C GLN A 71 -11.72 -7.18 1.41
N LEU A 72 -11.83 -6.47 0.26
CA LEU A 72 -12.34 -5.08 0.24
C LEU A 72 -13.82 -5.04 0.67
N GLU A 73 -14.64 -5.87 0.01
CA GLU A 73 -16.10 -5.85 0.19
C GLU A 73 -16.53 -6.40 1.57
N GLN A 74 -15.81 -7.44 2.06
CA GLN A 74 -16.04 -7.98 3.42
C GLN A 74 -15.55 -7.00 4.49
N TYR A 75 -14.55 -6.16 4.14
CA TYR A 75 -14.03 -5.09 5.02
C TYR A 75 -15.15 -4.06 5.26
N LEU A 76 -15.77 -3.60 4.17
CA LEU A 76 -16.77 -2.51 4.18
C LEU A 76 -18.00 -2.87 5.03
N LYS A 77 -18.53 -4.09 4.82
CA LYS A 77 -19.73 -4.57 5.53
C LYS A 77 -19.45 -4.83 7.03
N SER A 78 -18.19 -5.15 7.37
CA SER A 78 -17.76 -5.38 8.77
C SER A 78 -17.31 -4.08 9.46
N HIS A 79 -16.90 -3.08 8.66
CA HIS A 79 -16.31 -1.83 9.16
C HIS A 79 -17.10 -0.62 8.61
N PRO A 80 -18.12 -0.11 9.39
CA PRO A 80 -18.92 1.07 8.99
C PRO A 80 -18.10 2.37 8.98
N GLY A 81 -18.47 3.31 8.09
CA GLY A 81 -17.78 4.59 7.94
C GLY A 81 -16.83 4.61 6.74
N ASN A 82 -16.44 3.42 6.26
CA ASN A 82 -15.58 3.28 5.06
C ASN A 82 -16.42 3.49 3.77
N PRO A 83 -15.84 4.12 2.70
CA PRO A 83 -16.53 4.32 1.41
C PRO A 83 -16.64 3.02 0.58
N ALA A 84 -17.61 3.00 -0.35
CA ALA A 84 -17.97 1.81 -1.13
C ALA A 84 -16.94 1.48 -2.24
N ILE A 85 -16.86 0.19 -2.63
CA ILE A 85 -15.92 -0.30 -3.67
C ILE A 85 -16.31 0.25 -5.08
N ALA A 86 -17.51 0.84 -5.17
CA ALA A 86 -18.01 1.52 -6.39
C ALA A 86 -17.06 2.63 -6.87
N GLU A 87 -16.35 3.29 -5.92
CA GLU A 87 -15.35 4.32 -6.24
C GLU A 87 -13.90 3.75 -6.22
N PHE A 88 -13.72 2.55 -5.62
CA PHE A 88 -12.41 1.85 -5.60
C PHE A 88 -12.20 1.13 -6.93
N ASP A 89 -11.28 1.62 -7.77
CA ASP A 89 -11.03 1.05 -9.10
C ASP A 89 -9.82 0.10 -9.05
N TRP A 90 -10.08 -1.17 -9.41
CA TRP A 90 -9.04 -2.20 -9.56
C TRP A 90 -8.61 -2.32 -11.04
N THR A 91 -9.38 -1.63 -11.90
CA THR A 91 -9.19 -1.56 -13.37
C THR A 91 -8.16 -0.45 -13.76
N THR A 92 -7.39 0.02 -12.77
CA THR A 92 -6.51 1.20 -12.88
C THR A 92 -5.39 1.05 -13.95
N SER A 93 -5.03 -0.22 -14.23
CA SER A 93 -4.03 -0.57 -15.25
C SER A 93 -4.51 -0.26 -16.68
N GLY A 94 -5.84 -0.21 -16.85
CA GLY A 94 -6.49 0.10 -18.12
C GLY A 94 -7.61 -0.88 -18.41
N THR A 95 -8.01 -0.99 -19.68
CA THR A 95 -9.02 -1.94 -20.13
C THR A 95 -8.32 -3.24 -20.62
N MET A 1 -8.11 -30.81 49.50
CA MET A 1 -8.03 -30.57 48.04
C MET A 1 -7.19 -29.31 47.77
N HIS A 2 -6.94 -29.05 46.46
CA HIS A 2 -6.09 -27.95 45.96
C HIS A 2 -4.62 -28.15 46.39
N HIS A 3 -4.30 -27.78 47.65
CA HIS A 3 -2.94 -27.82 48.20
C HIS A 3 -1.99 -26.95 47.34
N HIS A 4 -2.06 -25.63 47.57
CA HIS A 4 -1.39 -24.63 46.73
C HIS A 4 -0.74 -23.55 47.60
N HIS A 5 0.53 -23.25 47.31
CA HIS A 5 1.25 -22.10 47.86
C HIS A 5 1.67 -21.18 46.69
N HIS A 6 1.30 -19.89 46.78
CA HIS A 6 1.58 -18.90 45.74
C HIS A 6 3.08 -18.52 45.71
N HIS A 7 3.71 -18.77 44.55
CA HIS A 7 5.07 -18.30 44.26
C HIS A 7 5.19 -18.09 42.74
N SER A 8 4.86 -16.87 42.29
CA SER A 8 5.05 -16.46 40.89
C SER A 8 6.53 -16.10 40.67
N SER A 9 7.37 -17.14 40.65
CA SER A 9 8.82 -17.02 40.67
C SER A 9 9.38 -16.78 39.25
N GLY A 10 9.28 -15.51 38.82
CA GLY A 10 9.80 -15.08 37.51
C GLY A 10 9.31 -15.92 36.34
N ARG A 11 7.99 -16.11 36.26
CA ARG A 11 7.34 -16.96 35.24
C ARG A 11 7.27 -16.27 33.86
N GLU A 12 7.76 -15.03 33.76
CA GLU A 12 7.87 -14.30 32.49
C GLU A 12 9.35 -13.97 32.19
N ASN A 13 9.91 -12.96 32.92
CA ASN A 13 11.26 -12.37 32.64
C ASN A 13 11.36 -11.78 31.22
N LEU A 14 10.20 -11.42 30.64
CA LEU A 14 10.09 -10.93 29.25
C LEU A 14 10.84 -9.61 29.04
N TYR A 15 10.70 -8.68 30.01
CA TYR A 15 11.26 -7.31 29.96
C TYR A 15 11.09 -6.65 28.57
N PHE A 16 9.90 -6.06 28.32
CA PHE A 16 9.62 -5.33 27.06
C PHE A 16 10.25 -3.93 27.15
N GLN A 17 11.60 -3.90 27.07
CA GLN A 17 12.41 -2.67 27.19
C GLN A 17 13.71 -2.84 26.37
N GLY A 18 13.75 -2.15 25.24
CA GLY A 18 14.88 -2.23 24.30
C GLY A 18 14.64 -1.37 23.09
N HIS A 19 15.72 -0.94 22.43
CA HIS A 19 15.63 -0.07 21.25
C HIS A 19 15.03 -0.85 20.06
N MET A 20 13.87 -0.39 19.59
CA MET A 20 13.21 -0.91 18.39
C MET A 20 13.58 -0.03 17.19
N ALA A 21 13.69 -0.65 16.00
CA ALA A 21 14.08 0.04 14.75
C ALA A 21 13.53 -0.71 13.52
N SER A 22 13.94 -2.00 13.38
CA SER A 22 13.59 -2.87 12.22
C SER A 22 14.25 -2.35 10.91
N GLY A 23 14.35 -3.23 9.90
CA GLY A 23 14.92 -2.87 8.59
C GLY A 23 15.49 -4.06 7.84
N SER A 24 14.62 -4.76 7.11
CA SER A 24 15.00 -5.91 6.26
C SER A 24 14.36 -5.79 4.85
N GLU A 25 13.62 -4.68 4.62
CA GLU A 25 12.89 -4.46 3.37
C GLU A 25 13.81 -3.75 2.36
N GLU A 26 13.84 -4.28 1.14
CA GLU A 26 14.66 -3.76 0.04
C GLU A 26 13.80 -2.87 -0.89
N GLU A 27 14.45 -2.27 -1.91
CA GLU A 27 13.80 -1.40 -2.89
C GLU A 27 12.95 -2.26 -3.86
N VAL A 28 11.64 -2.40 -3.52
CA VAL A 28 10.68 -3.23 -4.29
C VAL A 28 9.97 -2.38 -5.35
N VAL A 29 9.65 -3.00 -6.50
CA VAL A 29 8.94 -2.35 -7.61
C VAL A 29 7.42 -2.24 -7.30
N SER A 30 6.97 -1.01 -7.03
CA SER A 30 5.58 -0.71 -6.62
C SER A 30 5.29 0.78 -6.88
N VAL A 31 4.20 1.06 -7.61
CA VAL A 31 3.76 2.42 -7.94
C VAL A 31 2.37 2.66 -7.33
N GLU A 32 2.23 3.76 -6.57
CA GLU A 32 0.97 4.13 -5.92
C GLU A 32 0.11 4.96 -6.88
N LEU A 33 -1.06 4.41 -7.22
CA LEU A 33 -1.97 4.94 -8.26
C LEU A 33 -3.07 5.84 -7.60
N PRO A 34 -3.90 6.61 -8.41
CA PRO A 34 -5.03 7.44 -7.88
C PRO A 34 -5.97 6.63 -6.96
N ALA A 35 -6.36 7.27 -5.85
CA ALA A 35 -6.97 6.59 -4.70
C ALA A 35 -8.26 7.28 -4.22
N PRO A 36 -9.17 6.52 -3.51
CA PRO A 36 -10.18 7.10 -2.59
C PRO A 36 -9.50 8.00 -1.53
N SER A 37 -10.12 9.16 -1.24
CA SER A 37 -9.55 10.18 -0.33
C SER A 37 -9.39 9.66 1.12
N SER A 38 -10.26 8.70 1.52
CA SER A 38 -10.23 8.10 2.86
C SER A 38 -9.23 6.92 2.94
N TRP A 39 -8.77 6.44 1.76
CA TRP A 39 -7.84 5.30 1.64
C TRP A 39 -6.57 5.73 0.87
N LYS A 40 -5.75 4.74 0.50
CA LYS A 40 -4.62 4.89 -0.44
C LYS A 40 -4.58 3.66 -1.35
N LYS A 41 -4.18 3.89 -2.61
CA LYS A 41 -4.13 2.88 -3.67
C LYS A 41 -2.69 2.63 -4.08
N LEU A 42 -2.33 1.36 -4.14
CA LEU A 42 -1.02 0.89 -4.59
C LEU A 42 -1.22 -0.20 -5.68
N PHE A 43 -0.27 -0.25 -6.60
CA PHE A 43 -0.20 -1.27 -7.66
C PHE A 43 1.23 -1.83 -7.69
N TYR A 44 1.37 -3.14 -7.88
CA TYR A 44 2.68 -3.79 -8.07
C TYR A 44 2.89 -4.13 -9.56
N PRO A 45 3.64 -3.29 -10.35
CA PRO A 45 4.10 -3.67 -11.69
C PRO A 45 5.29 -4.63 -11.60
N ASN A 46 5.36 -5.61 -12.54
CA ASN A 46 6.53 -6.50 -12.63
C ASN A 46 7.75 -5.65 -13.04
N LYS A 47 7.57 -4.90 -14.13
CA LYS A 47 8.49 -3.86 -14.62
C LYS A 47 7.64 -2.73 -15.23
N VAL A 48 6.85 -3.09 -16.27
CA VAL A 48 5.85 -2.20 -16.89
C VAL A 48 4.53 -2.98 -17.02
N GLY A 49 4.58 -4.05 -17.85
CA GLY A 49 3.41 -4.88 -18.13
C GLY A 49 3.77 -6.09 -18.97
N SER A 50 2.80 -6.58 -19.77
CA SER A 50 2.90 -7.79 -20.62
C SER A 50 3.04 -9.06 -19.74
N VAL A 51 4.24 -9.26 -19.17
CA VAL A 51 4.55 -10.40 -18.25
C VAL A 51 3.68 -10.35 -16.98
N LYS A 52 3.62 -11.50 -16.28
CA LYS A 52 2.73 -11.69 -15.13
C LYS A 52 3.20 -10.84 -13.93
N LYS A 53 2.48 -9.71 -13.75
CA LYS A 53 2.67 -8.76 -12.63
C LYS A 53 1.89 -9.22 -11.40
N THR A 54 2.19 -8.60 -10.25
CA THR A 54 1.49 -8.85 -8.98
C THR A 54 0.22 -7.97 -8.92
N GLU A 55 -0.80 -8.45 -8.19
CA GLU A 55 -2.11 -7.78 -8.13
C GLU A 55 -2.06 -6.43 -7.37
N VAL A 56 -3.22 -5.77 -7.33
CA VAL A 56 -3.42 -4.46 -6.69
C VAL A 56 -3.63 -4.63 -5.19
N VAL A 57 -3.00 -3.72 -4.41
CA VAL A 57 -3.14 -3.64 -2.95
C VAL A 57 -3.68 -2.25 -2.55
N PHE A 58 -4.79 -2.21 -1.82
CA PHE A 58 -5.35 -0.98 -1.24
C PHE A 58 -4.93 -0.85 0.23
N VAL A 59 -4.28 0.27 0.58
CA VAL A 59 -3.89 0.59 1.95
C VAL A 59 -5.09 1.12 2.71
N ALA A 60 -5.40 0.42 3.82
CA ALA A 60 -6.56 0.70 4.68
C ALA A 60 -6.27 1.85 5.65
N PRO A 61 -7.33 2.58 6.14
CA PRO A 61 -7.17 3.71 7.09
C PRO A 61 -6.55 3.26 8.44
N THR A 62 -6.77 1.99 8.82
CA THR A 62 -6.20 1.42 10.06
C THR A 62 -4.89 0.63 9.76
N GLY A 63 -4.58 0.44 8.46
CA GLY A 63 -3.37 -0.27 8.03
C GLY A 63 -3.57 -1.75 7.76
N GLU A 64 -4.81 -2.24 7.95
CA GLU A 64 -5.21 -3.63 7.62
C GLU A 64 -5.45 -3.70 6.10
N GLU A 65 -4.33 -3.68 5.34
CA GLU A 65 -4.33 -3.50 3.88
C GLU A 65 -4.94 -4.72 3.16
N ILE A 66 -5.38 -4.47 1.93
CA ILE A 66 -6.23 -5.36 1.16
C ILE A 66 -5.47 -5.83 -0.09
N SER A 67 -5.38 -7.16 -0.27
CA SER A 67 -4.59 -7.77 -1.37
C SER A 67 -5.49 -8.45 -2.44
N ASN A 68 -6.82 -8.30 -2.32
CA ASN A 68 -7.78 -8.76 -3.36
C ASN A 68 -9.16 -8.11 -3.14
N ARG A 69 -10.01 -8.18 -4.18
CA ARG A 69 -11.31 -7.46 -4.23
C ARG A 69 -12.28 -7.94 -3.12
N LYS A 70 -12.22 -9.26 -2.81
CA LYS A 70 -13.07 -9.89 -1.77
C LYS A 70 -12.79 -9.24 -0.41
N GLN A 71 -11.48 -9.15 -0.07
CA GLN A 71 -11.00 -8.55 1.19
C GLN A 71 -11.49 -7.10 1.34
N LEU A 72 -11.60 -6.39 0.21
CA LEU A 72 -12.07 -4.99 0.18
C LEU A 72 -13.56 -4.93 0.63
N GLU A 73 -14.40 -5.72 -0.07
CA GLU A 73 -15.87 -5.75 0.12
C GLU A 73 -16.25 -6.15 1.57
N GLN A 74 -15.62 -7.22 2.06
CA GLN A 74 -15.87 -7.75 3.42
C GLN A 74 -15.38 -6.77 4.50
N TYR A 75 -14.29 -6.00 4.19
CA TYR A 75 -13.75 -4.97 5.09
C TYR A 75 -14.77 -3.83 5.26
N LEU A 76 -15.37 -3.39 4.13
CA LEU A 76 -16.31 -2.25 4.11
C LEU A 76 -17.58 -2.55 4.94
N LYS A 77 -18.14 -3.77 4.79
CA LYS A 77 -19.35 -4.20 5.52
C LYS A 77 -19.04 -4.55 6.99
N SER A 78 -17.74 -4.80 7.28
CA SER A 78 -17.26 -5.02 8.66
C SER A 78 -16.79 -3.70 9.31
N HIS A 79 -16.64 -2.64 8.49
CA HIS A 79 -16.17 -1.32 8.95
C HIS A 79 -17.10 -0.22 8.36
N PRO A 80 -18.28 0.06 9.00
CA PRO A 80 -19.20 1.15 8.57
C PRO A 80 -18.56 2.56 8.73
N GLY A 81 -18.59 3.34 7.64
CA GLY A 81 -18.01 4.68 7.59
C GLY A 81 -17.01 4.82 6.45
N ASN A 82 -16.46 3.67 6.00
CA ASN A 82 -15.52 3.62 4.87
C ASN A 82 -16.26 3.84 3.53
N PRO A 83 -15.56 4.40 2.48
CA PRO A 83 -16.17 4.63 1.14
C PRO A 83 -16.45 3.32 0.37
N ALA A 84 -17.35 3.41 -0.63
CA ALA A 84 -17.80 2.25 -1.42
C ALA A 84 -16.74 1.82 -2.43
N ILE A 85 -16.69 0.51 -2.73
CA ILE A 85 -15.70 -0.10 -3.66
C ILE A 85 -15.86 0.41 -5.13
N ALA A 86 -17.01 1.07 -5.39
CA ALA A 86 -17.32 1.70 -6.69
C ALA A 86 -16.27 2.75 -7.11
N GLU A 87 -15.71 3.49 -6.12
CA GLU A 87 -14.65 4.49 -6.36
C GLU A 87 -13.24 3.90 -6.25
N PHE A 88 -13.13 2.66 -5.72
CA PHE A 88 -11.85 1.95 -5.61
C PHE A 88 -11.45 1.42 -6.99
N ASP A 89 -10.42 2.04 -7.59
CA ASP A 89 -10.02 1.75 -8.98
C ASP A 89 -9.04 0.56 -9.00
N TRP A 90 -9.54 -0.62 -9.37
CA TRP A 90 -8.73 -1.84 -9.57
C TRP A 90 -8.24 -1.91 -11.03
N THR A 91 -9.06 -1.38 -11.96
CA THR A 91 -8.86 -1.50 -13.42
C THR A 91 -7.73 -0.55 -13.94
N THR A 92 -7.20 0.32 -13.05
CA THR A 92 -6.04 1.21 -13.36
C THR A 92 -4.72 0.41 -13.55
N SER A 93 -4.78 -0.91 -13.23
CA SER A 93 -3.69 -1.87 -13.47
C SER A 93 -3.39 -1.98 -14.99
N GLY A 94 -4.46 -1.86 -15.79
CA GLY A 94 -4.39 -1.94 -17.25
C GLY A 94 -5.32 -3.02 -17.79
N THR A 95 -6.18 -2.66 -18.75
CA THR A 95 -7.10 -3.59 -19.41
C THR A 95 -6.85 -3.55 -20.93
N MET A 1 -8.76 34.58 51.10
CA MET A 1 -9.21 34.38 49.70
C MET A 1 -9.62 32.93 49.50
N HIS A 2 -10.90 32.69 49.14
CA HIS A 2 -11.43 31.34 48.87
C HIS A 2 -12.66 31.41 47.96
N HIS A 3 -12.50 30.90 46.72
CA HIS A 3 -13.61 30.71 45.76
C HIS A 3 -13.51 29.29 45.19
N HIS A 4 -14.67 28.66 44.99
CA HIS A 4 -14.76 27.24 44.61
C HIS A 4 -14.49 27.06 43.11
N HIS A 5 -13.46 26.27 42.80
CA HIS A 5 -13.11 25.84 41.42
C HIS A 5 -13.53 24.38 41.22
N HIS A 6 -13.78 24.00 39.96
CA HIS A 6 -14.14 22.62 39.58
C HIS A 6 -12.89 21.72 39.54
N HIS A 7 -13.08 20.43 39.83
CA HIS A 7 -12.00 19.44 39.93
C HIS A 7 -11.28 19.27 38.57
N SER A 8 -10.13 19.95 38.44
CA SER A 8 -9.28 19.89 37.25
C SER A 8 -8.37 18.65 37.34
N SER A 9 -8.60 17.67 36.46
CA SER A 9 -7.87 16.41 36.43
C SER A 9 -7.94 15.77 35.04
N GLY A 10 -6.79 15.23 34.56
CA GLY A 10 -6.72 14.53 33.28
C GLY A 10 -7.03 13.06 33.45
N ARG A 11 -7.63 12.43 32.42
CA ARG A 11 -8.06 11.03 32.45
C ARG A 11 -7.72 10.35 31.11
N GLU A 12 -8.39 10.77 30.03
CA GLU A 12 -8.25 10.18 28.70
C GLU A 12 -7.22 10.97 27.88
N ASN A 13 -5.93 10.73 28.17
CA ASN A 13 -4.79 11.28 27.41
C ASN A 13 -3.52 10.50 27.77
N LEU A 14 -3.45 9.28 27.23
CA LEU A 14 -2.30 8.36 27.43
C LEU A 14 -2.41 7.21 26.42
N TYR A 15 -1.27 6.57 26.09
CA TYR A 15 -1.20 5.48 25.12
C TYR A 15 -0.33 4.34 25.65
N PHE A 16 0.97 4.64 25.84
CA PHE A 16 1.98 3.67 26.33
C PHE A 16 2.17 2.50 25.32
N GLN A 17 1.67 2.69 24.07
CA GLN A 17 1.69 1.68 23.00
C GLN A 17 2.29 2.29 21.72
N GLY A 18 2.12 1.59 20.58
CA GLY A 18 2.50 2.11 19.27
C GLY A 18 3.95 1.81 18.87
N HIS A 19 4.58 0.87 19.60
CA HIS A 19 5.94 0.39 19.26
C HIS A 19 5.83 -0.97 18.55
N MET A 20 6.27 -0.99 17.29
CA MET A 20 6.33 -2.21 16.47
C MET A 20 7.81 -2.54 16.19
N ALA A 21 8.23 -3.79 16.46
CA ALA A 21 9.55 -4.29 16.07
C ALA A 21 9.55 -4.60 14.56
N SER A 22 9.74 -3.55 13.75
CA SER A 22 9.63 -3.62 12.27
C SER A 22 10.61 -2.65 11.61
N GLY A 23 11.19 -3.07 10.47
CA GLY A 23 12.12 -2.25 9.69
C GLY A 23 12.41 -2.87 8.33
N SER A 24 11.35 -3.41 7.69
CA SER A 24 11.43 -4.06 6.37
C SER A 24 11.83 -3.04 5.29
N GLU A 25 12.82 -3.39 4.47
CA GLU A 25 13.33 -2.53 3.39
C GLU A 25 13.69 -3.43 2.19
N GLU A 26 12.66 -3.83 1.42
CA GLU A 26 12.79 -4.72 0.26
C GLU A 26 12.60 -3.89 -1.02
N GLU A 27 13.59 -3.95 -1.94
CA GLU A 27 13.62 -3.13 -3.16
C GLU A 27 12.67 -3.72 -4.22
N VAL A 28 11.43 -3.22 -4.23
CA VAL A 28 10.34 -3.67 -5.14
C VAL A 28 9.70 -2.45 -5.83
N VAL A 29 9.23 -2.63 -7.07
CA VAL A 29 8.56 -1.56 -7.85
C VAL A 29 7.06 -1.52 -7.49
N SER A 30 6.64 -0.44 -6.80
CA SER A 30 5.23 -0.20 -6.44
C SER A 30 4.91 1.30 -6.61
N VAL A 31 3.87 1.58 -7.41
CA VAL A 31 3.38 2.95 -7.67
C VAL A 31 1.99 3.12 -7.02
N GLU A 32 1.86 4.15 -6.17
CA GLU A 32 0.58 4.50 -5.53
C GLU A 32 -0.30 5.32 -6.50
N LEU A 33 -1.31 4.63 -7.06
CA LEU A 33 -2.32 5.20 -7.98
C LEU A 33 -3.41 5.97 -7.17
N PRO A 34 -4.25 6.88 -7.83
CA PRO A 34 -5.23 7.74 -7.11
C PRO A 34 -6.30 6.95 -6.30
N ALA A 35 -6.69 7.53 -5.15
CA ALA A 35 -7.56 6.88 -4.16
C ALA A 35 -8.28 7.94 -3.28
N PRO A 36 -9.38 7.55 -2.56
CA PRO A 36 -9.94 8.35 -1.44
C PRO A 36 -8.87 8.72 -0.39
N SER A 37 -9.02 9.90 0.24
CA SER A 37 -8.05 10.44 1.22
C SER A 37 -8.08 9.65 2.56
N SER A 38 -9.14 8.85 2.76
CA SER A 38 -9.25 7.90 3.89
C SER A 38 -8.37 6.66 3.64
N TRP A 39 -8.28 6.27 2.36
CA TRP A 39 -7.56 5.05 1.92
C TRP A 39 -6.28 5.41 1.15
N LYS A 40 -5.69 4.38 0.54
CA LYS A 40 -4.64 4.53 -0.46
C LYS A 40 -4.75 3.38 -1.45
N LYS A 41 -4.45 3.66 -2.72
CA LYS A 41 -4.44 2.69 -3.81
C LYS A 41 -3.00 2.53 -4.26
N LEU A 42 -2.49 1.33 -4.07
CA LEU A 42 -1.18 0.92 -4.53
C LEU A 42 -1.36 -0.13 -5.63
N PHE A 43 -0.52 -0.02 -6.66
CA PHE A 43 -0.43 -0.98 -7.76
C PHE A 43 1.04 -1.42 -7.87
N TYR A 44 1.27 -2.73 -8.02
CA TYR A 44 2.60 -3.29 -8.30
C TYR A 44 2.78 -3.46 -9.83
N PRO A 45 3.55 -2.54 -10.50
CA PRO A 45 3.92 -2.69 -11.93
C PRO A 45 5.13 -3.63 -12.11
N ASN A 46 5.75 -3.57 -13.30
CA ASN A 46 6.93 -4.37 -13.66
C ASN A 46 7.58 -3.82 -14.96
N LYS A 47 8.70 -4.44 -15.37
CA LYS A 47 9.52 -3.95 -16.49
C LYS A 47 8.93 -4.33 -17.86
N VAL A 48 8.60 -5.63 -18.03
CA VAL A 48 8.12 -6.19 -19.31
C VAL A 48 6.76 -5.56 -19.71
N GLY A 49 5.90 -5.35 -18.72
CA GLY A 49 4.57 -4.75 -18.91
C GLY A 49 3.50 -5.81 -19.17
N SER A 50 3.78 -6.71 -20.13
CA SER A 50 2.86 -7.79 -20.54
C SER A 50 2.68 -8.84 -19.43
N VAL A 51 3.75 -9.07 -18.64
CA VAL A 51 3.69 -9.97 -17.47
C VAL A 51 2.98 -9.26 -16.30
N LYS A 52 2.20 -10.01 -15.52
CA LYS A 52 1.50 -9.50 -14.34
C LYS A 52 2.17 -10.10 -13.10
N LYS A 53 3.21 -9.41 -12.59
CA LYS A 53 4.08 -9.92 -11.51
C LYS A 53 3.29 -10.04 -10.19
N THR A 54 2.89 -8.88 -9.62
CA THR A 54 2.13 -8.80 -8.37
C THR A 54 0.90 -7.90 -8.59
N GLU A 55 -0.19 -8.20 -7.85
CA GLU A 55 -1.51 -7.56 -8.04
C GLU A 55 -1.62 -6.21 -7.28
N VAL A 56 -2.86 -5.69 -7.21
CA VAL A 56 -3.21 -4.42 -6.56
C VAL A 56 -3.39 -4.63 -5.05
N VAL A 57 -2.90 -3.65 -4.26
CA VAL A 57 -3.10 -3.59 -2.81
C VAL A 57 -3.76 -2.23 -2.45
N PHE A 58 -4.83 -2.26 -1.66
CA PHE A 58 -5.44 -1.04 -1.08
C PHE A 58 -5.02 -0.90 0.38
N VAL A 59 -4.39 0.23 0.72
CA VAL A 59 -4.05 0.56 2.13
C VAL A 59 -5.29 1.16 2.81
N ALA A 60 -5.59 0.61 4.00
CA ALA A 60 -6.78 0.97 4.80
C ALA A 60 -6.44 2.05 5.85
N PRO A 61 -7.44 2.86 6.32
CA PRO A 61 -7.20 3.97 7.30
C PRO A 61 -6.74 3.50 8.69
N THR A 62 -6.78 2.18 8.92
CA THR A 62 -6.47 1.57 10.24
C THR A 62 -5.29 0.57 10.13
N GLY A 63 -4.56 0.61 8.99
CA GLY A 63 -3.39 -0.27 8.76
C GLY A 63 -3.74 -1.69 8.30
N GLU A 64 -4.98 -2.13 8.60
CA GLU A 64 -5.52 -3.43 8.20
C GLU A 64 -5.83 -3.43 6.68
N GLU A 65 -4.76 -3.51 5.88
CA GLU A 65 -4.81 -3.27 4.42
C GLU A 65 -5.31 -4.51 3.67
N ILE A 66 -5.82 -4.26 2.46
CA ILE A 66 -6.47 -5.25 1.62
C ILE A 66 -5.57 -5.61 0.41
N SER A 67 -5.54 -6.91 0.05
CA SER A 67 -4.72 -7.42 -1.08
C SER A 67 -5.58 -7.83 -2.30
N ASN A 68 -6.91 -7.88 -2.13
CA ASN A 68 -7.82 -8.49 -3.13
C ASN A 68 -9.28 -8.01 -2.96
N ARG A 69 -10.09 -8.23 -4.03
CA ARG A 69 -11.48 -7.68 -4.16
C ARG A 69 -12.41 -8.17 -3.03
N LYS A 70 -12.26 -9.45 -2.69
CA LYS A 70 -13.11 -10.13 -1.68
C LYS A 70 -12.93 -9.44 -0.31
N GLN A 71 -11.66 -9.34 0.11
CA GLN A 71 -11.31 -8.77 1.43
C GLN A 71 -11.69 -7.29 1.52
N LEU A 72 -11.76 -6.62 0.36
CA LEU A 72 -12.19 -5.21 0.27
C LEU A 72 -13.68 -5.11 0.65
N GLU A 73 -14.51 -5.94 0.00
CA GLU A 73 -15.98 -5.92 0.17
C GLU A 73 -16.39 -6.32 1.60
N GLN A 74 -15.84 -7.44 2.09
CA GLN A 74 -16.12 -7.94 3.44
C GLN A 74 -15.57 -6.98 4.52
N TYR A 75 -14.54 -6.18 4.16
CA TYR A 75 -14.03 -5.10 5.01
C TYR A 75 -15.09 -3.99 5.16
N LEU A 76 -15.63 -3.51 4.02
CA LEU A 76 -16.53 -2.33 4.00
C LEU A 76 -17.85 -2.59 4.78
N LYS A 77 -18.38 -3.81 4.69
CA LYS A 77 -19.60 -4.20 5.43
C LYS A 77 -19.30 -4.42 6.93
N SER A 78 -18.04 -4.79 7.24
CA SER A 78 -17.57 -4.97 8.64
C SER A 78 -17.14 -3.61 9.26
N HIS A 79 -16.74 -2.67 8.38
CA HIS A 79 -16.17 -1.37 8.77
C HIS A 79 -16.97 -0.26 8.08
N PRO A 80 -18.06 0.25 8.72
CA PRO A 80 -18.85 1.39 8.17
C PRO A 80 -18.05 2.70 8.19
N GLY A 81 -18.53 3.72 7.44
CA GLY A 81 -17.82 5.00 7.29
C GLY A 81 -16.85 5.00 6.12
N ASN A 82 -16.30 3.81 5.79
CA ASN A 82 -15.35 3.62 4.67
C ASN A 82 -16.09 3.74 3.31
N PRO A 83 -15.45 4.39 2.28
CA PRO A 83 -16.05 4.56 0.93
C PRO A 83 -16.23 3.22 0.17
N ALA A 84 -17.07 3.24 -0.88
CA ALA A 84 -17.54 2.02 -1.60
C ALA A 84 -16.45 1.43 -2.51
N ILE A 85 -16.59 0.15 -2.91
CA ILE A 85 -15.62 -0.53 -3.80
C ILE A 85 -15.83 -0.12 -5.28
N ALA A 86 -17.04 0.40 -5.59
CA ALA A 86 -17.39 0.88 -6.94
C ALA A 86 -16.50 2.05 -7.38
N GLU A 87 -16.17 2.94 -6.43
CA GLU A 87 -15.31 4.13 -6.67
C GLU A 87 -13.81 3.76 -6.59
N PHE A 88 -13.51 2.53 -6.11
CA PHE A 88 -12.15 2.01 -6.02
C PHE A 88 -11.69 1.44 -7.37
N ASP A 89 -10.50 1.88 -7.80
CA ASP A 89 -9.86 1.42 -9.04
C ASP A 89 -9.09 0.12 -8.80
N TRP A 90 -9.39 -0.91 -9.59
CA TRP A 90 -8.60 -2.16 -9.68
C TRP A 90 -8.06 -2.31 -11.13
N THR A 91 -8.59 -1.49 -12.05
CA THR A 91 -8.49 -1.69 -13.51
C THR A 91 -7.42 -0.76 -14.17
N THR A 92 -6.56 -0.13 -13.35
CA THR A 92 -5.50 0.80 -13.85
C THR A 92 -4.48 0.06 -14.76
N SER A 93 -4.42 -1.28 -14.61
CA SER A 93 -3.54 -2.17 -15.38
C SER A 93 -3.80 -2.11 -16.90
N GLY A 94 -5.00 -1.58 -17.27
CA GLY A 94 -5.42 -1.49 -18.66
C GLY A 94 -6.04 -2.80 -19.12
N THR A 95 -5.20 -3.83 -19.21
CA THR A 95 -5.60 -5.21 -19.50
C THR A 95 -5.84 -5.98 -18.17
#